data_5HW2
#
_entry.id   5HW2
#
_cell.length_a   88.680
_cell.length_b   88.680
_cell.length_c   255.665
_cell.angle_alpha   90.000
_cell.angle_beta   90.000
_cell.angle_gamma   90.000
#
_symmetry.space_group_name_H-M   'P 43'
#
loop_
_entity.id
_entity.type
_entity.pdbx_description
1 polymer 'Adenylosuccinate lyase'
2 non-polymer 'POTASSIUM ION'
3 non-polymer 'FUMARIC ACID'
4 non-polymer 'PHOSPHATE ION'
5 non-polymer 1,2-ETHANEDIOL
6 water water
#
_entity_poly.entity_id   1
_entity_poly.type   'polypeptide(L)'
_entity_poly.pdbx_seq_one_letter_code
;MIKRYDVAEISKIWADENKYAKMLEVELAILEALEDRMVPKGTAAEIRARAQIRPERVDEIEKVTKHDIIAFCTSIAEQF
TAETGKFFHFGVTSSDIIDSALSLQIRDSMSYVIKDLEALCDSLLTKAEETKEIITMGRSHGMFAEPMSFGQKFLGAYVE
FKRRLKDLKDFQKDGLTVQFSGAVGNYCILTTEDEKKAADILGLPVEEVSTQVIPRDRIAKLISIHGLIASAIERLAVEI
RHLHRSDVFEVYEGFSKGQKGSSTMPHKKNPISTENLTGMARMLRSHVSIALENCVLWHERDISHSSAERFYLPDNFGIM
VYALRRMKNTIDNLVVQRDIIEDRVRSTSAYLSSFYLHFLVANTPFMREDCYKIVQQVAFDLKQGESFSKKLQKVMHDEH
NIILDIPEMDFEGIKKTYLKEIDHVFDRSVKARGENLY
;
_entity_poly.pdbx_strand_id   A,B,C,D
#
# COMPACT_ATOMS: atom_id res chain seq x y z
N MET A 1 -19.31 -4.88 -2.19
CA MET A 1 -19.97 -5.36 -0.97
C MET A 1 -20.79 -6.61 -1.25
N ILE A 2 -20.86 -7.51 -0.28
CA ILE A 2 -21.63 -8.74 -0.40
C ILE A 2 -22.64 -8.81 0.74
N LYS A 3 -23.70 -9.59 0.48
CA LYS A 3 -24.78 -9.73 1.46
C LYS A 3 -24.33 -10.41 2.74
N ARG A 4 -23.24 -11.18 2.68
CA ARG A 4 -22.80 -11.95 3.85
C ARG A 4 -22.49 -11.05 5.04
N TYR A 5 -21.86 -9.91 4.80
CA TYR A 5 -21.53 -8.96 5.85
C TYR A 5 -22.30 -7.65 5.72
N ASP A 6 -23.34 -7.62 4.90
CA ASP A 6 -24.03 -6.38 4.58
C ASP A 6 -24.76 -5.84 5.80
N VAL A 7 -24.60 -4.54 6.06
CA VAL A 7 -25.38 -3.82 7.05
C VAL A 7 -26.40 -2.98 6.28
N ALA A 8 -27.68 -3.34 6.41
CA ALA A 8 -28.70 -2.77 5.54
C ALA A 8 -28.80 -1.25 5.67
N GLU A 9 -28.70 -0.73 6.89
CA GLU A 9 -28.79 0.71 7.07
C GLU A 9 -27.60 1.45 6.48
N ILE A 10 -26.47 0.79 6.31
CA ILE A 10 -25.31 1.42 5.69
C ILE A 10 -25.36 1.29 4.18
N SER A 11 -25.64 0.09 3.66
CA SER A 11 -25.76 -0.08 2.22
C SER A 11 -26.92 0.72 1.64
N LYS A 12 -27.92 1.07 2.46
CA LYS A 12 -28.98 1.94 1.99
C LYS A 12 -28.52 3.40 1.92
N ILE A 13 -27.65 3.82 2.84
CA ILE A 13 -27.08 5.16 2.78
C ILE A 13 -26.40 5.40 1.43
N TRP A 14 -25.71 4.38 0.92
CA TRP A 14 -24.96 4.49 -0.31
C TRP A 14 -25.66 3.83 -1.49
N ALA A 15 -26.92 3.44 -1.33
CA ALA A 15 -27.71 2.93 -2.44
C ALA A 15 -28.13 4.08 -3.34
N ASP A 16 -28.74 3.72 -4.48
CA ASP A 16 -29.06 4.71 -5.49
C ASP A 16 -30.08 5.73 -5.00
N GLU A 17 -31.06 5.28 -4.22
CA GLU A 17 -32.15 6.18 -3.83
C GLU A 17 -31.67 7.25 -2.86
N ASN A 18 -30.91 6.84 -1.84
CA ASN A 18 -30.37 7.84 -0.92
C ASN A 18 -29.34 8.73 -1.59
N LYS A 19 -28.62 8.20 -2.58
CA LYS A 19 -27.69 9.02 -3.35
C LYS A 19 -28.42 10.19 -4.00
N TYR A 20 -29.51 9.90 -4.73
CA TYR A 20 -30.25 10.95 -5.40
C TYR A 20 -31.03 11.82 -4.41
N ALA A 21 -31.55 11.20 -3.35
CA ALA A 21 -32.29 11.97 -2.36
C ALA A 21 -31.42 13.03 -1.71
N LYS A 22 -30.15 12.70 -1.45
CA LYS A 22 -29.23 13.70 -0.92
C LYS A 22 -28.85 14.73 -1.99
N MET A 23 -28.74 14.30 -3.24
CA MET A 23 -28.52 15.25 -4.32
C MET A 23 -29.71 16.17 -4.50
N LEU A 24 -30.93 15.62 -4.38
CA LEU A 24 -32.11 16.46 -4.46
C LEU A 24 -32.24 17.39 -3.26
N GLU A 25 -31.78 16.94 -2.09
CA GLU A 25 -31.75 17.82 -0.92
C GLU A 25 -30.77 18.98 -1.14
N VAL A 26 -29.67 18.74 -1.85
CA VAL A 26 -28.72 19.79 -2.15
C VAL A 26 -29.24 20.68 -3.28
N GLU A 27 -29.89 20.09 -4.27
CA GLU A 27 -30.46 20.88 -5.36
C GLU A 27 -31.48 21.88 -4.84
N LEU A 28 -32.28 21.49 -3.85
CA LEU A 28 -33.27 22.40 -3.28
C LEU A 28 -32.67 23.36 -2.27
N ALA A 29 -31.46 23.09 -1.79
CA ALA A 29 -30.81 24.01 -0.86
C ALA A 29 -30.35 25.27 -1.58
N ILE A 30 -29.74 25.12 -2.76
CA ILE A 30 -29.33 26.29 -3.53
C ILE A 30 -30.54 26.96 -4.16
N LEU A 31 -31.55 26.19 -4.55
CA LEU A 31 -32.75 26.79 -5.13
C LEU A 31 -33.51 27.62 -4.10
N GLU A 32 -33.51 27.19 -2.84
CA GLU A 32 -34.16 27.97 -1.80
C GLU A 32 -33.36 29.23 -1.46
N ALA A 33 -32.03 29.14 -1.51
CA ALA A 33 -31.22 30.32 -1.28
C ALA A 33 -31.39 31.34 -2.40
N LEU A 34 -31.63 30.87 -3.63
CA LEU A 34 -31.86 31.77 -4.75
C LEU A 34 -33.25 32.40 -4.72
N GLU A 35 -34.12 32.00 -3.79
CA GLU A 35 -35.39 32.68 -3.64
C GLU A 35 -35.19 34.14 -3.25
N ASP A 36 -34.07 34.46 -2.60
CA ASP A 36 -33.70 35.85 -2.37
C ASP A 36 -33.18 36.53 -3.63
N ARG A 37 -33.29 35.87 -4.78
CA ARG A 37 -32.85 36.44 -6.05
C ARG A 37 -33.87 36.21 -7.14
N MET A 38 -33.41 35.74 -8.31
CA MET A 38 -34.30 35.63 -9.47
C MET A 38 -35.32 34.52 -9.30
N VAL A 39 -35.03 33.51 -8.49
CA VAL A 39 -35.96 32.39 -8.32
C VAL A 39 -37.17 32.85 -7.53
N PRO A 40 -38.38 32.56 -7.97
CA PRO A 40 -39.57 32.97 -7.20
C PRO A 40 -39.59 32.33 -5.83
N LYS A 41 -40.18 33.04 -4.87
CA LYS A 41 -40.24 32.58 -3.49
C LYS A 41 -41.09 31.32 -3.39
N GLY A 42 -40.76 30.47 -2.42
CA GLY A 42 -41.51 29.25 -2.18
C GLY A 42 -41.44 28.22 -3.27
N THR A 43 -40.54 28.37 -4.25
CA THR A 43 -40.43 27.38 -5.32
C THR A 43 -39.76 26.10 -4.81
N ALA A 44 -38.87 26.20 -3.83
CA ALA A 44 -38.21 25.02 -3.31
C ALA A 44 -39.19 24.12 -2.56
N ALA A 45 -40.05 24.71 -1.73
CA ALA A 45 -41.07 23.92 -1.05
C ALA A 45 -42.06 23.31 -2.03
N GLU A 46 -42.25 23.96 -3.19
CA GLU A 46 -43.13 23.42 -4.23
C GLU A 46 -42.61 22.10 -4.77
N ILE A 47 -41.34 22.07 -5.18
CA ILE A 47 -40.76 20.85 -5.73
C ILE A 47 -40.59 19.79 -4.65
N ARG A 48 -40.29 20.20 -3.42
CA ARG A 48 -40.01 19.26 -2.35
C ARG A 48 -41.22 18.40 -2.00
N ALA A 49 -42.43 18.85 -2.31
CA ALA A 49 -43.62 18.13 -1.89
C ALA A 49 -43.85 16.89 -2.76
N ARG A 50 -43.86 17.06 -4.08
CA ARG A 50 -44.21 15.98 -5.00
C ARG A 50 -42.99 15.40 -5.71
N ALA A 51 -41.80 15.55 -5.13
CA ALA A 51 -40.60 15.02 -5.76
C ALA A 51 -40.54 13.51 -5.57
N GLN A 52 -40.40 12.78 -6.68
CA GLN A 52 -40.34 11.33 -6.67
C GLN A 52 -38.98 10.88 -7.21
N ILE A 53 -38.28 10.07 -6.44
CA ILE A 53 -36.98 9.54 -6.83
C ILE A 53 -37.19 8.23 -7.58
N ARG A 54 -36.66 8.14 -8.80
CA ARG A 54 -36.84 6.99 -9.68
C ARG A 54 -35.49 6.53 -10.20
N PRO A 55 -34.82 5.61 -9.50
CA PRO A 55 -33.49 5.17 -9.96
C PRO A 55 -33.50 4.57 -11.36
N GLU A 56 -34.45 3.67 -11.65
CA GLU A 56 -34.47 3.03 -12.96
C GLU A 56 -34.83 4.02 -14.07
N ARG A 57 -35.58 5.07 -13.74
CA ARG A 57 -35.83 6.14 -14.70
C ARG A 57 -34.55 6.93 -14.98
N VAL A 58 -33.76 7.20 -13.94
CA VAL A 58 -32.49 7.89 -14.12
C VAL A 58 -31.55 7.05 -14.97
N ASP A 59 -31.50 5.73 -14.70
CA ASP A 59 -30.67 4.85 -15.51
C ASP A 59 -31.11 4.85 -16.97
N GLU A 60 -32.42 4.97 -17.21
CA GLU A 60 -32.92 5.04 -18.58
C GLU A 60 -32.41 6.27 -19.29
N ILE A 61 -32.37 7.41 -18.59
CA ILE A 61 -31.95 8.65 -19.22
C ILE A 61 -30.43 8.68 -19.42
N GLU A 62 -29.69 8.15 -18.45
CA GLU A 62 -28.24 8.11 -18.58
C GLU A 62 -27.78 7.12 -19.65
N LYS A 63 -28.62 6.13 -19.98
CA LYS A 63 -28.28 5.21 -21.05
C LYS A 63 -28.09 5.94 -22.39
N VAL A 64 -28.72 7.09 -22.56
CA VAL A 64 -28.57 7.89 -23.76
C VAL A 64 -27.58 9.05 -23.54
N THR A 65 -27.81 9.85 -22.51
CA THR A 65 -27.01 11.06 -22.29
C THR A 65 -25.60 10.75 -21.81
N LYS A 66 -25.37 9.57 -21.23
CA LYS A 66 -24.08 9.17 -20.67
C LYS A 66 -23.61 10.16 -19.61
N HIS A 67 -24.55 10.84 -18.96
CA HIS A 67 -24.26 11.82 -17.93
C HIS A 67 -25.23 11.60 -16.77
N ASP A 68 -24.69 11.24 -15.60
CA ASP A 68 -25.53 10.83 -14.48
C ASP A 68 -26.35 12.00 -13.94
N ILE A 69 -25.76 13.20 -13.91
CA ILE A 69 -26.45 14.34 -13.31
C ILE A 69 -27.51 14.91 -14.24
N ILE A 70 -27.24 14.89 -15.55
CA ILE A 70 -28.27 15.27 -16.51
C ILE A 70 -29.46 14.32 -16.42
N ALA A 71 -29.19 13.03 -16.22
CA ALA A 71 -30.27 12.07 -16.01
C ALA A 71 -30.98 12.31 -14.69
N PHE A 72 -30.22 12.65 -13.63
CA PHE A 72 -30.84 12.96 -12.35
C PHE A 72 -31.68 14.22 -12.41
N CYS A 73 -31.26 15.21 -13.22
CA CYS A 73 -32.04 16.43 -13.33
C CYS A 73 -33.31 16.20 -14.16
N THR A 74 -33.20 15.45 -15.25
CA THR A 74 -34.34 15.23 -16.11
C THR A 74 -35.47 14.52 -15.36
N SER A 75 -35.12 13.53 -14.53
CA SER A 75 -36.14 12.82 -13.76
C SER A 75 -36.89 13.77 -12.84
N ILE A 76 -36.19 14.74 -12.24
CA ILE A 76 -36.85 15.70 -11.37
C ILE A 76 -37.50 16.81 -12.19
N ALA A 77 -36.91 17.18 -13.33
CA ALA A 77 -37.44 18.29 -14.11
C ALA A 77 -38.78 17.93 -14.76
N GLU A 78 -38.86 16.74 -15.37
CA GLU A 78 -40.04 16.38 -16.14
C GLU A 78 -41.27 16.13 -15.27
N GLN A 79 -41.11 16.06 -13.95
CA GLN A 79 -42.26 15.88 -13.07
C GLN A 79 -43.04 17.17 -12.84
N PHE A 80 -42.53 18.30 -13.31
CA PHE A 80 -43.17 19.59 -13.10
C PHE A 80 -43.25 20.32 -14.44
N THR A 81 -43.96 21.45 -14.43
CA THR A 81 -44.04 22.29 -15.62
C THR A 81 -42.69 22.95 -15.87
N ALA A 82 -42.54 23.48 -17.09
CA ALA A 82 -41.29 24.11 -17.47
C ALA A 82 -40.98 25.32 -16.60
N GLU A 83 -42.01 26.11 -16.25
CA GLU A 83 -41.79 27.32 -15.47
C GLU A 83 -41.32 26.99 -14.06
N THR A 84 -41.90 25.96 -13.44
CA THR A 84 -41.47 25.58 -12.10
C THR A 84 -40.04 25.04 -12.12
N GLY A 85 -39.76 24.07 -12.98
CA GLY A 85 -38.43 23.52 -13.12
C GLY A 85 -37.48 24.35 -13.95
N LYS A 86 -37.82 25.60 -14.25
CA LYS A 86 -36.96 26.46 -15.05
C LYS A 86 -35.63 26.74 -14.35
N PHE A 87 -35.68 26.95 -13.03
CA PHE A 87 -34.50 27.30 -12.26
C PHE A 87 -33.90 26.12 -11.51
N PHE A 88 -34.42 24.92 -11.71
CA PHE A 88 -33.85 23.74 -11.07
C PHE A 88 -32.50 23.41 -11.70
N HIS A 89 -31.48 23.22 -10.85
CA HIS A 89 -30.10 23.01 -11.28
C HIS A 89 -29.66 24.15 -12.20
N PHE A 90 -29.59 25.34 -11.59
CA PHE A 90 -29.25 26.57 -12.30
C PHE A 90 -28.09 27.23 -11.59
N GLY A 91 -27.04 27.56 -12.35
CA GLY A 91 -25.86 28.21 -11.82
C GLY A 91 -24.81 27.27 -11.24
N VAL A 92 -25.24 26.15 -10.67
CA VAL A 92 -24.32 25.18 -10.11
C VAL A 92 -23.74 24.32 -11.23
N THR A 93 -22.54 23.79 -11.00
CA THR A 93 -22.00 22.77 -11.87
C THR A 93 -22.40 21.39 -11.32
N SER A 94 -22.03 20.33 -12.05
CA SER A 94 -22.41 18.98 -11.64
C SER A 94 -21.83 18.64 -10.28
N SER A 95 -20.52 18.81 -10.12
CA SER A 95 -19.85 18.42 -8.88
C SER A 95 -20.29 19.25 -7.68
N ASP A 96 -20.94 20.40 -7.89
CA ASP A 96 -21.57 21.10 -6.77
C ASP A 96 -22.60 20.22 -6.10
N ILE A 97 -23.37 19.48 -6.88
CA ILE A 97 -24.37 18.57 -6.33
C ILE A 97 -23.78 17.20 -6.00
N ILE A 98 -22.80 16.74 -6.79
CA ILE A 98 -22.23 15.41 -6.59
C ILE A 98 -21.49 15.33 -5.26
N ASP A 99 -20.58 16.28 -5.02
CA ASP A 99 -19.73 16.20 -3.84
C ASP A 99 -20.45 16.67 -2.57
N SER A 100 -21.28 17.71 -2.68
CA SER A 100 -21.96 18.21 -1.49
C SER A 100 -22.95 17.19 -0.95
N ALA A 101 -23.61 16.44 -1.84
CA ALA A 101 -24.43 15.33 -1.39
C ALA A 101 -23.57 14.18 -0.87
N LEU A 102 -22.40 13.97 -1.47
CA LEU A 102 -21.49 12.96 -0.96
C LEU A 102 -21.10 13.26 0.48
N SER A 103 -20.94 14.54 0.82
CA SER A 103 -20.69 14.91 2.21
C SER A 103 -21.88 14.57 3.09
N LEU A 104 -23.10 14.69 2.54
CA LEU A 104 -24.29 14.32 3.31
C LEU A 104 -24.35 12.82 3.54
N GLN A 105 -23.95 12.03 2.54
CA GLN A 105 -23.90 10.58 2.72
C GLN A 105 -22.80 10.19 3.71
N ILE A 106 -21.63 10.78 3.58
CA ILE A 106 -20.52 10.46 4.49
C ILE A 106 -20.89 10.79 5.92
N ARG A 107 -21.48 11.97 6.14
CA ARG A 107 -21.92 12.36 7.48
C ARG A 107 -22.86 11.31 8.07
N ASP A 108 -23.84 10.86 7.28
CA ASP A 108 -24.76 9.83 7.76
C ASP A 108 -24.03 8.52 8.02
N SER A 109 -23.08 8.16 7.15
CA SER A 109 -22.27 6.97 7.40
C SER A 109 -21.39 7.14 8.62
N MET A 110 -20.98 8.37 8.93
CA MET A 110 -20.14 8.60 10.10
C MET A 110 -20.93 8.52 11.40
N SER A 111 -22.23 8.85 11.35
CA SER A 111 -23.03 8.79 12.57
C SER A 111 -23.08 7.38 13.13
N TYR A 112 -23.15 6.36 12.27
CA TYR A 112 -23.17 4.98 12.75
C TYR A 112 -21.81 4.56 13.29
N VAL A 113 -20.73 4.90 12.57
CA VAL A 113 -19.40 4.44 12.95
C VAL A 113 -19.02 4.99 14.31
N ILE A 114 -19.36 6.25 14.58
CA ILE A 114 -19.02 6.86 15.87
C ILE A 114 -19.70 6.10 17.01
N LYS A 115 -20.96 5.73 16.81
CA LYS A 115 -21.71 5.04 17.86
C LYS A 115 -21.09 3.67 18.15
N ASP A 116 -20.81 2.89 17.11
CA ASP A 116 -20.24 1.56 17.32
C ASP A 116 -18.88 1.64 17.99
N LEU A 117 -18.01 2.54 17.50
CA LEU A 117 -16.69 2.69 18.09
C LEU A 117 -16.78 3.10 19.56
N GLU A 118 -17.74 3.97 19.88
CA GLU A 118 -17.94 4.36 21.28
C GLU A 118 -18.40 3.17 22.11
N ALA A 119 -19.29 2.33 21.56
CA ALA A 119 -19.79 1.19 22.31
C ALA A 119 -18.74 0.10 22.46
N LEU A 120 -17.82 -0.01 21.50
CA LEU A 120 -16.75 -0.99 21.64
C LEU A 120 -15.81 -0.63 22.78
N CYS A 121 -15.51 0.66 22.94
CA CYS A 121 -14.69 1.09 24.08
C CYS A 121 -15.38 0.75 25.40
N ASP A 122 -16.70 0.91 25.45
CA ASP A 122 -17.43 0.58 26.67
C ASP A 122 -17.33 -0.91 26.99
N SER A 123 -17.51 -1.76 25.99
CA SER A 123 -17.42 -3.20 26.20
C SER A 123 -15.99 -3.60 26.56
N LEU A 124 -15.01 -3.08 25.82
CA LEU A 124 -13.61 -3.36 26.15
C LEU A 124 -13.28 -2.91 27.57
N LEU A 125 -13.77 -1.73 27.96
CA LEU A 125 -13.62 -1.30 29.35
C LEU A 125 -14.34 -2.25 30.28
N THR A 126 -15.57 -2.63 29.95
CA THR A 126 -16.32 -3.57 30.76
C THR A 126 -15.57 -4.90 30.89
N LYS A 127 -15.06 -5.43 29.78
CA LYS A 127 -14.30 -6.66 29.83
C LYS A 127 -13.02 -6.47 30.64
N ALA A 128 -12.43 -5.27 30.59
CA ALA A 128 -11.28 -4.98 31.43
C ALA A 128 -11.65 -4.98 32.90
N GLU A 129 -12.88 -4.60 33.23
CA GLU A 129 -13.32 -4.65 34.62
C GLU A 129 -13.41 -6.09 35.11
N GLU A 130 -14.01 -6.97 34.30
CA GLU A 130 -14.20 -8.36 34.72
C GLU A 130 -12.86 -9.07 34.91
N THR A 131 -11.89 -8.77 34.06
CA THR A 131 -10.62 -9.47 34.04
C THR A 131 -9.50 -8.70 34.74
N LYS A 132 -9.79 -7.55 35.32
CA LYS A 132 -8.76 -6.76 35.98
C LYS A 132 -8.15 -7.52 37.16
N GLU A 133 -8.99 -8.20 37.94
CA GLU A 133 -8.54 -8.92 39.13
C GLU A 133 -7.68 -10.13 38.81
N ILE A 134 -7.65 -10.57 37.56
CA ILE A 134 -6.97 -11.81 37.19
C ILE A 134 -5.53 -11.51 36.84
N ILE A 135 -4.60 -12.20 37.49
CA ILE A 135 -3.18 -12.06 37.21
C ILE A 135 -2.79 -13.02 36.09
N THR A 136 -2.03 -12.52 35.13
CA THR A 136 -1.64 -13.29 33.95
C THR A 136 -0.13 -13.15 33.75
N MET A 137 0.36 -13.81 32.70
CA MET A 137 1.77 -13.76 32.33
C MET A 137 1.96 -12.79 31.16
N GLY A 138 2.81 -11.79 31.35
CA GLY A 138 3.17 -10.90 30.25
C GLY A 138 4.17 -11.57 29.33
N ARG A 139 3.98 -11.37 28.03
CA ARG A 139 4.74 -12.09 27.00
C ARG A 139 5.50 -11.10 26.12
N SER A 140 6.83 -11.17 26.16
CA SER A 140 7.70 -10.41 25.28
C SER A 140 8.30 -11.38 24.27
N HIS A 141 8.12 -11.10 22.98
CA HIS A 141 8.51 -12.01 21.90
C HIS A 141 7.83 -13.37 22.06
N GLY A 142 6.64 -13.39 22.66
CA GLY A 142 5.99 -14.64 23.00
C GLY A 142 6.59 -15.37 24.16
N MET A 143 7.56 -14.79 24.85
CA MET A 143 8.28 -15.44 25.94
C MET A 143 7.80 -14.92 27.28
N PHE A 144 7.85 -15.80 28.29
CA PHE A 144 7.47 -15.41 29.63
C PHE A 144 8.39 -14.31 30.15
N ALA A 145 7.79 -13.23 30.64
CA ALA A 145 8.56 -12.11 31.17
C ALA A 145 8.24 -11.87 32.64
N GLU A 146 7.19 -11.13 32.91
CA GLU A 146 6.76 -10.82 34.27
C GLU A 146 5.24 -10.88 34.32
N PRO A 147 4.67 -11.12 35.51
CA PRO A 147 3.21 -11.12 35.63
C PRO A 147 2.63 -9.73 35.50
N MET A 148 1.43 -9.67 34.92
CA MET A 148 0.71 -8.42 34.76
C MET A 148 -0.79 -8.69 34.93
N SER A 149 -1.58 -7.63 34.85
CA SER A 149 -3.02 -7.77 34.94
C SER A 149 -3.61 -8.20 33.61
N PHE A 150 -4.52 -9.17 33.66
CA PHE A 150 -5.16 -9.64 32.43
C PHE A 150 -6.06 -8.58 31.83
N GLY A 151 -6.74 -7.79 32.69
CA GLY A 151 -7.59 -6.73 32.20
C GLY A 151 -6.83 -5.62 31.49
N GLN A 152 -5.52 -5.52 31.71
CA GLN A 152 -4.72 -4.53 31.02
C GLN A 152 -4.58 -4.84 29.53
N LYS A 153 -4.85 -6.08 29.11
CA LYS A 153 -4.92 -6.38 27.69
C LYS A 153 -6.15 -5.72 27.06
N PHE A 154 -7.28 -5.75 27.75
CA PHE A 154 -8.47 -5.07 27.26
C PHE A 154 -8.39 -3.56 27.46
N LEU A 155 -7.64 -3.12 28.47
CA LEU A 155 -7.50 -1.69 28.72
C LEU A 155 -6.59 -1.04 27.70
N GLY A 156 -5.55 -1.76 27.26
CA GLY A 156 -4.67 -1.22 26.24
C GLY A 156 -5.36 -1.04 24.90
N ALA A 157 -6.20 -2.01 24.52
CA ALA A 157 -7.02 -1.83 23.33
C ALA A 157 -8.09 -0.77 23.54
N TYR A 158 -8.57 -0.62 24.78
CA TYR A 158 -9.59 0.38 25.06
C TYR A 158 -9.07 1.79 24.80
N VAL A 159 -7.89 2.12 25.34
CA VAL A 159 -7.35 3.45 25.18
C VAL A 159 -6.95 3.74 23.74
N GLU A 160 -6.69 2.69 22.94
CA GLU A 160 -6.37 2.91 21.54
C GLU A 160 -7.61 3.28 20.75
N PHE A 161 -8.69 2.50 20.92
CA PHE A 161 -9.94 2.82 20.23
C PHE A 161 -10.49 4.15 20.70
N LYS A 162 -10.27 4.50 21.97
CA LYS A 162 -10.69 5.82 22.46
C LYS A 162 -9.90 6.93 21.79
N ARG A 163 -8.64 6.69 21.46
CA ARG A 163 -7.88 7.67 20.69
C ARG A 163 -8.41 7.78 19.27
N ARG A 164 -8.91 6.68 18.71
CA ARG A 164 -9.55 6.74 17.41
C ARG A 164 -10.92 7.39 17.48
N LEU A 165 -11.62 7.21 18.60
CA LEU A 165 -12.89 7.92 18.80
C LEU A 165 -12.67 9.42 18.93
N LYS A 166 -11.59 9.81 19.61
CA LYS A 166 -11.23 11.22 19.68
C LYS A 166 -10.83 11.76 18.30
N ASP A 167 -10.26 10.90 17.45
CA ASP A 167 -9.92 11.33 16.09
C ASP A 167 -11.18 11.49 15.25
N LEU A 168 -12.16 10.60 15.44
CA LEU A 168 -13.35 10.64 14.60
C LEU A 168 -14.28 11.78 14.98
N LYS A 169 -14.44 12.04 16.28
CA LYS A 169 -15.30 13.15 16.71
C LYS A 169 -14.66 14.50 16.40
N ASP A 170 -13.33 14.56 16.33
CA ASP A 170 -12.65 15.78 15.88
C ASP A 170 -12.95 16.04 14.41
N PHE A 171 -12.81 15.02 13.57
CA PHE A 171 -13.17 15.15 12.16
C PHE A 171 -14.65 15.43 12.00
N GLN A 172 -15.48 14.95 12.94
CA GLN A 172 -16.91 15.20 12.88
C GLN A 172 -17.22 16.69 12.98
N LYS A 173 -16.45 17.41 13.78
CA LYS A 173 -16.68 18.84 13.95
C LYS A 173 -16.36 19.60 12.66
N ASP A 174 -15.10 19.58 12.25
CA ASP A 174 -14.66 20.22 11.01
C ASP A 174 -14.00 19.16 10.14
N GLY A 175 -14.66 18.78 9.06
CA GLY A 175 -14.12 17.79 8.16
C GLY A 175 -14.90 17.68 6.87
N LEU A 176 -16.18 18.00 6.91
CA LEU A 176 -17.06 17.91 5.75
C LEU A 176 -17.49 19.31 5.31
N THR A 177 -17.49 19.54 4.01
CA THR A 177 -17.83 20.83 3.43
C THR A 177 -18.83 20.64 2.29
N VAL A 178 -19.42 21.76 1.87
CA VAL A 178 -20.24 21.81 0.68
C VAL A 178 -19.66 22.85 -0.26
N GLN A 179 -19.96 22.72 -1.54
CA GLN A 179 -19.49 23.66 -2.55
C GLN A 179 -20.63 24.07 -3.45
N PHE A 180 -20.83 25.38 -3.58
CA PHE A 180 -21.74 25.96 -4.58
C PHE A 180 -21.02 26.97 -5.45
N SER A 181 -19.68 26.84 -5.58
CA SER A 181 -18.85 27.86 -6.19
C SER A 181 -18.92 27.87 -7.71
N GLY A 182 -19.55 26.89 -8.33
CA GLY A 182 -19.74 26.89 -9.76
C GLY A 182 -18.74 26.02 -10.51
N ALA A 183 -18.56 26.36 -11.79
CA ALA A 183 -17.82 25.51 -12.72
C ALA A 183 -16.41 25.22 -12.22
N VAL A 184 -15.60 26.26 -12.06
CA VAL A 184 -14.23 26.10 -11.59
C VAL A 184 -14.02 26.79 -10.24
N GLY A 185 -15.10 27.03 -9.51
CA GLY A 185 -14.99 27.78 -8.27
C GLY A 185 -14.95 29.27 -8.45
N ASN A 186 -15.38 29.78 -9.61
CA ASN A 186 -15.27 31.19 -9.94
C ASN A 186 -16.51 32.00 -9.60
N TYR A 187 -17.61 31.35 -9.21
CA TYR A 187 -18.86 32.03 -8.88
C TYR A 187 -19.34 32.88 -10.05
N CYS A 188 -19.35 32.28 -11.24
CA CYS A 188 -19.79 33.01 -12.43
C CYS A 188 -21.27 33.38 -12.33
N ILE A 189 -22.13 32.40 -12.06
CA ILE A 189 -23.55 32.66 -11.94
C ILE A 189 -23.96 32.94 -10.50
N LEU A 190 -23.34 32.24 -9.55
CA LEU A 190 -23.71 32.34 -8.15
C LEU A 190 -22.76 33.29 -7.41
N THR A 191 -23.01 33.44 -6.11
CA THR A 191 -22.20 34.30 -5.25
C THR A 191 -21.86 33.55 -3.97
N THR A 192 -20.83 34.04 -3.27
CA THR A 192 -20.52 33.50 -1.96
C THR A 192 -21.68 33.68 -0.99
N GLU A 193 -22.52 34.69 -1.23
CA GLU A 193 -23.74 34.84 -0.45
C GLU A 193 -24.69 33.67 -0.70
N ASP A 194 -24.92 33.31 -1.96
CA ASP A 194 -25.75 32.17 -2.28
C ASP A 194 -25.17 30.89 -1.70
N GLU A 195 -23.84 30.77 -1.72
CA GLU A 195 -23.20 29.57 -1.18
C GLU A 195 -23.32 29.51 0.34
N LYS A 196 -23.09 30.64 1.01
CA LYS A 196 -23.15 30.67 2.47
C LYS A 196 -24.56 30.35 2.97
N LYS A 197 -25.58 30.82 2.26
CA LYS A 197 -26.96 30.62 2.70
C LYS A 197 -27.37 29.16 2.57
N ALA A 198 -27.13 28.56 1.41
CA ALA A 198 -27.49 27.15 1.21
C ALA A 198 -26.69 26.21 2.10
N ALA A 199 -25.53 26.67 2.61
CA ALA A 199 -24.74 25.81 3.49
C ALA A 199 -25.37 25.63 4.86
N ASP A 200 -26.06 26.67 5.36
CA ASP A 200 -26.77 26.53 6.63
C ASP A 200 -28.02 25.67 6.47
N ILE A 201 -28.64 25.67 5.28
CA ILE A 201 -29.75 24.78 5.02
C ILE A 201 -29.29 23.33 5.08
N LEU A 202 -28.07 23.06 4.63
CA LEU A 202 -27.50 21.72 4.69
C LEU A 202 -26.80 21.43 6.01
N GLY A 203 -26.49 22.46 6.79
CA GLY A 203 -25.87 22.27 8.09
C GLY A 203 -24.37 22.04 8.07
N LEU A 204 -23.71 22.25 6.92
CA LEU A 204 -22.28 22.02 6.80
C LEU A 204 -21.57 23.31 6.40
N PRO A 205 -20.31 23.48 6.79
CA PRO A 205 -19.59 24.72 6.46
C PRO A 205 -19.15 24.75 5.00
N VAL A 206 -18.95 25.99 4.52
CA VAL A 206 -18.54 26.24 3.14
C VAL A 206 -17.06 25.91 2.98
N GLU A 207 -16.74 25.22 1.88
CA GLU A 207 -15.35 24.94 1.56
C GLU A 207 -14.60 26.24 1.28
N GLU A 208 -13.43 26.39 1.91
CA GLU A 208 -12.64 27.60 1.77
C GLU A 208 -12.28 27.86 0.32
N VAL A 209 -11.42 27.01 -0.25
CA VAL A 209 -11.04 27.09 -1.65
C VAL A 209 -11.45 25.78 -2.31
N SER A 210 -12.45 25.83 -3.18
CA SER A 210 -12.92 24.67 -3.92
C SER A 210 -12.65 24.90 -5.41
N THR A 211 -12.23 23.84 -6.09
CA THR A 211 -12.08 23.91 -7.54
C THR A 211 -13.41 23.56 -8.19
N GLN A 212 -13.41 22.77 -9.26
CA GLN A 212 -14.66 22.25 -9.76
C GLN A 212 -15.27 21.28 -8.76
N VAL A 213 -14.43 20.51 -8.06
CA VAL A 213 -14.88 19.55 -7.08
C VAL A 213 -14.44 19.99 -5.69
N ILE A 214 -14.82 19.22 -4.67
CA ILE A 214 -14.27 19.41 -3.33
C ILE A 214 -12.91 18.72 -3.26
N PRO A 215 -11.89 19.36 -2.72
CA PRO A 215 -10.57 18.71 -2.61
C PRO A 215 -10.66 17.42 -1.81
N ARG A 216 -10.05 16.37 -2.36
CA ARG A 216 -10.19 15.03 -1.81
C ARG A 216 -9.31 14.78 -0.59
N ASP A 217 -8.63 15.80 -0.07
CA ASP A 217 -7.83 15.59 1.13
C ASP A 217 -8.69 15.45 2.38
N ARG A 218 -9.93 15.94 2.35
CA ARG A 218 -10.81 15.80 3.51
C ARG A 218 -11.32 14.36 3.63
N ILE A 219 -11.79 13.78 2.51
CA ILE A 219 -12.18 12.38 2.52
C ILE A 219 -10.98 11.49 2.83
N ALA A 220 -9.82 11.84 2.29
CA ALA A 220 -8.61 11.08 2.58
C ALA A 220 -8.23 11.18 4.06
N LYS A 221 -8.53 12.32 4.69
CA LYS A 221 -8.29 12.45 6.13
C LYS A 221 -9.17 11.49 6.92
N LEU A 222 -10.38 11.22 6.43
CA LEU A 222 -11.28 10.29 7.10
C LEU A 222 -10.88 8.84 6.87
N ILE A 223 -10.54 8.49 5.63
CA ILE A 223 -10.15 7.11 5.33
C ILE A 223 -8.84 6.76 6.03
N SER A 224 -7.97 7.74 6.23
CA SER A 224 -6.71 7.48 6.94
C SER A 224 -6.97 7.07 8.38
N ILE A 225 -7.95 7.71 9.04
CA ILE A 225 -8.28 7.34 10.42
C ILE A 225 -8.90 5.95 10.46
N HIS A 226 -9.68 5.59 9.43
CA HIS A 226 -10.24 4.25 9.36
C HIS A 226 -9.16 3.19 9.19
N GLY A 227 -8.04 3.55 8.56
CA GLY A 227 -6.89 2.66 8.57
C GLY A 227 -6.23 2.59 9.93
N LEU A 228 -6.24 3.70 10.68
CA LEU A 228 -5.75 3.67 12.05
C LEU A 228 -6.68 2.88 12.95
N ILE A 229 -7.99 3.00 12.74
CA ILE A 229 -8.96 2.20 13.49
C ILE A 229 -8.77 0.72 13.19
N ALA A 230 -8.54 0.39 11.91
CA ALA A 230 -8.36 -1.01 11.53
C ALA A 230 -7.10 -1.59 12.15
N SER A 231 -6.07 -0.76 12.36
CA SER A 231 -4.86 -1.26 13.03
C SER A 231 -5.17 -1.71 14.44
N ALA A 232 -6.06 -1.00 15.13
CA ALA A 232 -6.49 -1.44 16.45
C ALA A 232 -7.32 -2.72 16.38
N ILE A 233 -8.11 -2.88 15.32
CA ILE A 233 -8.96 -4.06 15.18
C ILE A 233 -8.09 -5.31 14.96
N GLU A 234 -6.98 -5.17 14.25
CA GLU A 234 -6.17 -6.36 14.04
C GLU A 234 -5.29 -6.68 15.25
N ARG A 235 -4.80 -5.67 15.97
CA ARG A 235 -4.00 -5.94 17.17
C ARG A 235 -4.83 -6.67 18.23
N LEU A 236 -6.07 -6.23 18.43
CA LEU A 236 -6.94 -6.91 19.39
C LEU A 236 -7.31 -8.32 18.91
N ALA A 237 -7.51 -8.48 17.61
CA ALA A 237 -7.87 -9.78 17.07
C ALA A 237 -6.72 -10.78 17.24
N VAL A 238 -5.50 -10.38 16.87
CA VAL A 238 -4.35 -11.26 17.03
C VAL A 238 -4.10 -11.58 18.49
N GLU A 239 -4.39 -10.64 19.38
CA GLU A 239 -4.28 -10.91 20.81
C GLU A 239 -5.20 -12.06 21.22
N ILE A 240 -6.47 -11.99 20.80
CA ILE A 240 -7.43 -13.03 21.14
C ILE A 240 -7.02 -14.35 20.49
N ARG A 241 -6.59 -14.31 19.23
CA ARG A 241 -6.15 -15.53 18.57
C ARG A 241 -4.95 -16.16 19.28
N HIS A 242 -4.07 -15.33 19.83
CA HIS A 242 -2.95 -15.85 20.60
C HIS A 242 -3.43 -16.57 21.86
N LEU A 243 -4.23 -15.89 22.68
CA LEU A 243 -4.75 -16.49 23.90
C LEU A 243 -5.74 -17.60 23.64
N HIS A 244 -6.18 -17.79 22.40
CA HIS A 244 -7.16 -18.82 22.06
C HIS A 244 -6.51 -20.15 21.69
N ARG A 245 -5.26 -20.15 21.25
CA ARG A 245 -4.63 -21.36 20.75
C ARG A 245 -4.58 -22.44 21.83
N SER A 246 -4.43 -23.69 21.37
CA SER A 246 -4.52 -24.83 22.28
C SER A 246 -3.40 -24.85 23.31
N ASP A 247 -2.22 -24.34 22.95
CA ASP A 247 -1.11 -24.32 23.90
C ASP A 247 -1.33 -23.29 24.99
N VAL A 248 -1.92 -22.15 24.65
CA VAL A 248 -2.25 -21.13 25.63
C VAL A 248 -3.61 -21.39 26.26
N PHE A 249 -4.64 -21.54 25.44
CA PHE A 249 -5.99 -21.95 25.88
C PHE A 249 -6.46 -21.11 27.07
N GLU A 250 -6.27 -19.80 26.95
CA GLU A 250 -6.60 -18.89 28.04
C GLU A 250 -7.93 -18.18 27.84
N VAL A 251 -8.42 -18.09 26.61
CA VAL A 251 -9.76 -17.58 26.31
C VAL A 251 -10.36 -18.43 25.20
N TYR A 252 -11.66 -18.28 25.00
CA TYR A 252 -12.31 -18.83 23.82
C TYR A 252 -13.58 -18.03 23.55
N GLU A 253 -13.89 -17.85 22.27
CA GLU A 253 -15.06 -17.08 21.88
C GLU A 253 -16.33 -17.85 22.21
N GLY A 254 -17.35 -17.12 22.67
CA GLY A 254 -18.58 -17.76 23.10
C GLY A 254 -19.38 -18.34 21.95
N PHE A 255 -20.26 -19.27 22.31
CA PHE A 255 -21.09 -19.96 21.32
C PHE A 255 -22.38 -19.18 21.07
N LYS A 268 -14.37 -27.70 18.15
CA LYS A 268 -15.57 -26.90 18.00
C LYS A 268 -15.29 -25.45 18.40
N LYS A 269 -14.24 -25.25 19.20
CA LYS A 269 -13.83 -23.92 19.65
C LYS A 269 -12.75 -23.40 18.70
N ASN A 270 -13.11 -22.40 17.89
CA ASN A 270 -12.18 -21.78 16.95
C ASN A 270 -12.38 -20.27 17.00
N PRO A 271 -11.26 -19.49 16.92
CA PRO A 271 -11.38 -18.03 16.88
C PRO A 271 -11.80 -17.49 15.51
N ILE A 272 -12.95 -17.99 15.03
CA ILE A 272 -13.40 -17.61 13.69
C ILE A 272 -13.81 -16.15 13.64
N SER A 273 -14.21 -15.58 14.78
CA SER A 273 -14.62 -14.18 14.80
C SER A 273 -13.43 -13.25 14.58
N THR A 274 -12.44 -13.33 15.46
CA THR A 274 -11.27 -12.45 15.36
C THR A 274 -10.42 -12.73 14.14
N GLU A 275 -10.50 -13.94 13.57
CA GLU A 275 -9.81 -14.20 12.31
C GLU A 275 -10.53 -13.51 11.16
N ASN A 276 -11.87 -13.58 11.14
CA ASN A 276 -12.64 -12.89 10.11
C ASN A 276 -12.42 -11.39 10.18
N LEU A 277 -12.41 -10.84 11.41
CA LEU A 277 -12.19 -9.40 11.57
C LEU A 277 -10.77 -9.01 11.20
N THR A 278 -9.81 -9.93 11.37
CA THR A 278 -8.46 -9.68 10.87
C THR A 278 -8.48 -9.50 9.35
N GLY A 279 -9.27 -10.31 8.65
CA GLY A 279 -9.46 -10.09 7.22
C GLY A 279 -10.20 -8.81 6.92
N MET A 280 -11.08 -8.38 7.83
CA MET A 280 -11.74 -7.09 7.67
C MET A 280 -10.75 -5.95 7.72
N ALA A 281 -9.70 -6.07 8.55
CA ALA A 281 -8.71 -5.02 8.67
C ALA A 281 -7.83 -4.92 7.43
N ARG A 282 -7.65 -6.02 6.71
CA ARG A 282 -6.79 -5.99 5.53
C ARG A 282 -7.44 -5.22 4.39
N MET A 283 -8.75 -5.41 4.18
CA MET A 283 -9.44 -4.67 3.13
C MET A 283 -9.48 -3.18 3.43
N LEU A 284 -9.68 -2.82 4.71
CA LEU A 284 -9.77 -1.41 5.07
C LEU A 284 -8.43 -0.70 4.86
N ARG A 285 -7.32 -1.40 5.07
CA ARG A 285 -6.01 -0.77 4.90
C ARG A 285 -5.76 -0.39 3.45
N SER A 286 -6.20 -1.23 2.51
CA SER A 286 -5.96 -0.95 1.09
C SER A 286 -6.72 0.29 0.63
N HIS A 287 -7.81 0.63 1.31
CA HIS A 287 -8.57 1.82 0.94
C HIS A 287 -7.75 3.10 1.11
N VAL A 288 -6.74 3.08 1.98
CA VAL A 288 -5.98 4.30 2.26
C VAL A 288 -5.26 4.79 1.02
N SER A 289 -4.53 3.89 0.34
CA SER A 289 -3.77 4.29 -0.84
C SER A 289 -4.68 4.86 -1.92
N ILE A 290 -5.87 4.29 -2.08
CA ILE A 290 -6.82 4.84 -3.05
C ILE A 290 -7.28 6.22 -2.62
N ALA A 291 -7.50 6.42 -1.32
CA ALA A 291 -7.90 7.74 -0.84
C ALA A 291 -6.78 8.74 -0.96
N LEU A 292 -5.52 8.30 -0.81
CA LEU A 292 -4.39 9.21 -1.00
C LEU A 292 -4.19 9.55 -2.46
N GLU A 293 -4.46 8.62 -3.37
CA GLU A 293 -4.31 8.88 -4.79
C GLU A 293 -5.49 9.64 -5.39
N ASN A 294 -6.65 9.63 -4.73
CA ASN A 294 -7.79 10.38 -5.24
C ASN A 294 -7.61 11.88 -5.07
N CYS A 295 -6.64 12.34 -4.29
CA CYS A 295 -6.38 13.76 -4.12
C CYS A 295 -5.67 14.37 -5.32
N VAL A 296 -4.96 13.58 -6.11
CA VAL A 296 -4.11 14.12 -7.19
C VAL A 296 -5.01 14.32 -8.40
N LEU A 297 -5.77 15.42 -8.36
CA LEU A 297 -6.70 15.76 -9.42
C LEU A 297 -6.09 16.84 -10.32
N TRP A 298 -6.25 16.66 -11.63
CA TRP A 298 -5.66 17.55 -12.61
C TRP A 298 -6.42 18.87 -12.67
N HIS A 299 -5.74 19.97 -12.36
CA HIS A 299 -6.27 21.34 -12.50
C HIS A 299 -7.52 21.45 -11.64
N GLU A 300 -8.66 21.90 -12.20
CA GLU A 300 -9.84 22.16 -11.40
C GLU A 300 -10.69 20.90 -11.19
N ARG A 301 -10.48 19.85 -11.98
CA ARG A 301 -11.04 18.53 -11.70
C ARG A 301 -10.65 17.50 -12.75
N ASP A 302 -10.62 16.24 -12.33
CA ASP A 302 -10.81 15.10 -13.21
C ASP A 302 -11.65 14.09 -12.46
N ILE A 303 -12.28 13.17 -13.20
CA ILE A 303 -13.33 12.35 -12.61
C ILE A 303 -12.80 10.99 -12.19
N SER A 304 -11.48 10.79 -12.29
CA SER A 304 -10.90 9.48 -12.03
C SER A 304 -11.19 8.99 -10.61
N HIS A 305 -11.46 9.90 -9.67
CA HIS A 305 -11.79 9.50 -8.32
C HIS A 305 -13.19 8.89 -8.23
N SER A 306 -14.08 9.25 -9.16
CA SER A 306 -15.48 8.87 -9.06
C SER A 306 -15.65 7.36 -9.02
N SER A 307 -15.14 6.66 -10.05
CA SER A 307 -15.33 5.22 -10.13
C SER A 307 -14.77 4.51 -8.90
N ALA A 308 -13.64 4.98 -8.39
CA ALA A 308 -13.07 4.41 -7.17
C ALA A 308 -13.94 4.73 -5.96
N GLU A 309 -14.42 5.97 -5.85
CA GLU A 309 -15.25 6.35 -4.72
C GLU A 309 -16.58 5.60 -4.71
N ARG A 310 -17.08 5.21 -5.88
CA ARG A 310 -18.28 4.38 -5.92
C ARG A 310 -18.06 3.01 -5.31
N PHE A 311 -16.81 2.57 -5.18
CA PHE A 311 -16.52 1.24 -4.66
C PHE A 311 -16.16 1.26 -3.19
N TYR A 312 -15.04 1.91 -2.85
CA TYR A 312 -14.48 1.74 -1.50
C TYR A 312 -15.20 2.57 -0.44
N LEU A 313 -15.87 3.66 -0.82
CA LEU A 313 -16.58 4.44 0.19
C LEU A 313 -17.74 3.65 0.81
N PRO A 314 -18.64 3.03 0.05
CA PRO A 314 -19.64 2.17 0.70
C PRO A 314 -19.03 0.93 1.34
N ASP A 315 -17.97 0.37 0.74
CA ASP A 315 -17.33 -0.81 1.30
C ASP A 315 -16.60 -0.49 2.60
N ASN A 316 -16.03 0.71 2.72
CA ASN A 316 -15.31 1.06 3.94
C ASN A 316 -16.25 1.17 5.13
N PHE A 317 -17.31 1.98 4.99
CA PHE A 317 -18.25 2.15 6.09
C PHE A 317 -19.01 0.87 6.39
N GLY A 318 -19.32 0.07 5.36
CA GLY A 318 -20.01 -1.19 5.60
C GLY A 318 -19.16 -2.16 6.39
N ILE A 319 -17.90 -2.31 6.00
CA ILE A 319 -16.99 -3.20 6.73
C ILE A 319 -16.72 -2.65 8.13
N MET A 320 -16.56 -1.32 8.25
CA MET A 320 -16.21 -0.74 9.53
C MET A 320 -17.32 -0.91 10.55
N VAL A 321 -18.56 -0.61 10.16
CA VAL A 321 -19.69 -0.80 11.07
C VAL A 321 -19.82 -2.26 11.47
N TYR A 322 -19.66 -3.17 10.49
CA TYR A 322 -19.74 -4.60 10.79
C TYR A 322 -18.65 -5.02 11.78
N ALA A 323 -17.41 -4.57 11.53
CA ALA A 323 -16.29 -5.01 12.36
C ALA A 323 -16.37 -4.45 13.77
N LEU A 324 -16.87 -3.22 13.92
CA LEU A 324 -16.98 -2.64 15.26
C LEU A 324 -18.06 -3.33 16.08
N ARG A 325 -19.13 -3.79 15.43
CA ARG A 325 -20.15 -4.47 16.23
C ARG A 325 -19.85 -5.95 16.39
N ARG A 326 -19.18 -6.60 15.44
CA ARG A 326 -18.82 -8.01 15.63
C ARG A 326 -17.74 -8.17 16.68
N MET A 327 -16.76 -7.26 16.70
CA MET A 327 -15.74 -7.31 17.74
C MET A 327 -16.33 -7.01 19.11
N LYS A 328 -17.34 -6.13 19.17
CA LYS A 328 -18.02 -5.88 20.44
C LYS A 328 -18.70 -7.14 20.94
N ASN A 329 -19.46 -7.81 20.06
CA ASN A 329 -20.12 -9.05 20.46
C ASN A 329 -19.09 -10.13 20.81
N THR A 330 -18.01 -10.23 20.02
CA THR A 330 -16.95 -11.18 20.35
C THR A 330 -16.35 -10.88 21.73
N ILE A 331 -16.15 -9.59 22.04
CA ILE A 331 -15.70 -9.23 23.37
C ILE A 331 -16.79 -9.47 24.40
N ASP A 332 -18.05 -9.21 24.02
CA ASP A 332 -19.16 -9.46 24.93
C ASP A 332 -19.25 -10.94 25.30
N ASN A 333 -19.06 -11.83 24.32
CA ASN A 333 -19.26 -13.26 24.50
C ASN A 333 -17.97 -14.03 24.76
N LEU A 334 -16.82 -13.35 24.77
CA LEU A 334 -15.55 -14.05 24.99
C LEU A 334 -15.51 -14.62 26.40
N VAL A 335 -15.24 -15.92 26.50
CA VAL A 335 -15.17 -16.61 27.78
C VAL A 335 -13.73 -16.59 28.27
N VAL A 336 -13.54 -16.15 29.52
CA VAL A 336 -12.22 -16.08 30.14
C VAL A 336 -12.10 -17.24 31.12
N GLN A 337 -11.07 -18.07 30.94
CA GLN A 337 -10.85 -19.25 31.77
C GLN A 337 -9.79 -18.91 32.82
N ARG A 338 -10.24 -18.46 33.99
CA ARG A 338 -9.34 -17.95 35.00
C ARG A 338 -8.41 -19.03 35.55
N ASP A 339 -8.90 -20.28 35.65
CA ASP A 339 -8.07 -21.35 36.18
C ASP A 339 -6.82 -21.56 35.34
N ILE A 340 -6.95 -21.50 34.02
CA ILE A 340 -5.81 -21.68 33.15
C ILE A 340 -4.91 -20.45 33.15
N ILE A 341 -5.49 -19.26 33.42
CA ILE A 341 -4.69 -18.04 33.47
C ILE A 341 -3.71 -18.11 34.64
N GLU A 342 -4.24 -18.15 35.86
CA GLU A 342 -3.42 -17.92 37.05
C GLU A 342 -2.54 -19.11 37.38
N ASP A 343 -2.93 -20.32 36.99
CA ASP A 343 -2.03 -21.43 37.30
C ASP A 343 -0.82 -21.45 36.38
N ARG A 344 -0.89 -20.80 35.21
CA ARG A 344 0.31 -20.63 34.40
C ARG A 344 1.31 -19.71 35.08
N VAL A 345 0.84 -18.75 35.88
CA VAL A 345 1.75 -17.92 36.66
C VAL A 345 2.40 -18.73 37.77
N ARG A 346 1.62 -19.58 38.44
CA ARG A 346 2.17 -20.40 39.52
C ARG A 346 3.16 -21.44 39.00
N SER A 347 2.96 -21.93 37.78
CA SER A 347 3.79 -23.02 37.26
C SER A 347 5.22 -22.57 37.05
N THR A 348 5.42 -21.54 36.22
CA THR A 348 6.75 -21.07 35.89
C THR A 348 7.18 -19.94 36.82
N SER A 349 8.48 -19.84 37.03
CA SER A 349 9.07 -18.80 37.85
C SER A 349 10.41 -18.39 37.26
N ALA A 350 10.55 -17.12 36.92
CA ALA A 350 11.79 -16.60 36.36
C ALA A 350 11.95 -15.13 36.72
N TYR A 351 10.84 -14.39 36.69
CA TYR A 351 10.85 -12.99 37.09
C TYR A 351 11.26 -12.82 38.54
N LEU A 352 11.00 -13.84 39.37
CA LEU A 352 11.35 -13.76 40.79
C LEU A 352 12.85 -13.56 40.98
N SER A 353 13.66 -14.30 40.21
CA SER A 353 15.10 -14.10 40.27
C SER A 353 15.48 -12.67 39.92
N SER A 354 14.76 -12.07 38.96
CA SER A 354 14.96 -10.66 38.65
C SER A 354 14.47 -9.77 39.78
N PHE A 355 13.44 -10.20 40.51
CA PHE A 355 12.94 -9.40 41.62
C PHE A 355 13.95 -9.36 42.77
N TYR A 356 14.38 -10.53 43.24
CA TYR A 356 15.33 -10.58 44.34
C TYR A 356 16.66 -9.93 43.97
N LEU A 357 17.03 -9.99 42.69
CA LEU A 357 18.24 -9.31 42.24
C LEU A 357 18.10 -7.80 42.39
N HIS A 358 16.99 -7.25 41.91
CA HIS A 358 16.74 -5.82 42.09
C HIS A 358 16.53 -5.45 43.55
N PHE A 359 16.04 -6.40 44.36
CA PHE A 359 15.81 -6.11 45.77
C PHE A 359 17.11 -6.08 46.56
N LEU A 360 18.01 -7.04 46.32
CA LEU A 360 19.27 -7.07 47.06
C LEU A 360 20.14 -5.87 46.72
N VAL A 361 20.25 -5.54 45.43
CA VAL A 361 21.04 -4.39 45.02
C VAL A 361 20.46 -3.10 45.58
N ALA A 362 19.15 -3.05 45.77
CA ALA A 362 18.51 -1.83 46.26
C ALA A 362 18.83 -1.59 47.74
N ASN A 363 18.63 -2.60 48.58
CA ASN A 363 18.73 -2.43 50.02
C ASN A 363 20.08 -2.81 50.60
N THR A 364 20.94 -3.48 49.84
CA THR A 364 22.23 -3.89 50.36
C THR A 364 23.36 -3.20 49.61
N PRO A 365 24.51 -2.99 50.25
CA PRO A 365 25.65 -2.37 49.56
C PRO A 365 26.27 -3.23 48.48
N PHE A 366 25.85 -4.49 48.33
CA PHE A 366 26.42 -5.35 47.30
C PHE A 366 26.04 -4.86 45.91
N MET A 367 26.82 -5.30 44.92
CA MET A 367 26.64 -4.88 43.54
C MET A 367 25.76 -5.88 42.79
N ARG A 368 25.50 -5.58 41.52
CA ARG A 368 24.62 -6.42 40.71
C ARG A 368 25.21 -7.80 40.49
N GLU A 369 26.45 -7.86 39.98
CA GLU A 369 27.08 -9.15 39.73
C GLU A 369 27.33 -9.93 41.02
N ASP A 370 27.43 -9.22 42.16
CA ASP A 370 27.58 -9.92 43.43
C ASP A 370 26.28 -10.58 43.87
N CYS A 371 25.16 -9.85 43.74
CA CYS A 371 23.87 -10.39 44.15
C CYS A 371 23.34 -11.43 43.18
N TYR A 372 23.82 -11.44 41.93
CA TYR A 372 23.32 -12.41 40.96
C TYR A 372 23.73 -13.83 41.33
N LYS A 373 24.97 -14.01 41.81
CA LYS A 373 25.42 -15.33 42.20
C LYS A 373 24.72 -15.82 43.46
N ILE A 374 24.28 -14.90 44.32
CA ILE A 374 23.60 -15.29 45.54
C ILE A 374 22.18 -15.76 45.24
N VAL A 375 21.46 -15.03 44.39
CA VAL A 375 20.08 -15.40 44.08
C VAL A 375 20.03 -16.69 43.28
N GLN A 376 21.01 -16.91 42.39
CA GLN A 376 21.03 -18.10 41.56
C GLN A 376 21.30 -19.37 42.36
N GLN A 377 21.97 -19.26 43.51
CA GLN A 377 22.35 -20.46 44.26
C GLN A 377 21.13 -21.19 44.82
N VAL A 378 20.14 -20.46 45.30
CA VAL A 378 18.95 -21.08 45.88
C VAL A 378 18.02 -21.55 44.78
N GLU A 386 10.11 -25.30 50.21
CA GLU A 386 11.12 -24.31 50.58
C GLU A 386 10.62 -22.90 50.27
N SER A 387 11.13 -21.92 51.01
CA SER A 387 10.75 -20.52 50.82
C SER A 387 11.94 -19.75 50.29
N PHE A 388 11.75 -19.09 49.14
CA PHE A 388 12.81 -18.27 48.57
C PHE A 388 13.14 -17.09 49.46
N SER A 389 12.11 -16.36 49.91
CA SER A 389 12.35 -15.16 50.71
C SER A 389 12.98 -15.50 52.05
N LYS A 390 12.51 -16.56 52.71
CA LYS A 390 13.06 -16.93 54.01
C LYS A 390 14.49 -17.42 53.88
N LYS A 391 14.74 -18.31 52.91
CA LYS A 391 16.10 -18.83 52.72
C LYS A 391 17.06 -17.70 52.34
N LEU A 392 16.63 -16.79 51.46
CA LEU A 392 17.47 -15.66 51.08
C LEU A 392 17.73 -14.75 52.27
N GLN A 393 16.73 -14.54 53.12
CA GLN A 393 16.89 -13.67 54.27
C GLN A 393 17.85 -14.25 55.30
N LYS A 394 18.05 -15.57 55.30
CA LYS A 394 18.97 -16.21 56.22
C LYS A 394 20.40 -16.25 55.71
N VAL A 395 20.60 -16.40 54.39
CA VAL A 395 21.95 -16.47 53.84
C VAL A 395 22.67 -15.15 54.05
N MET A 396 22.00 -14.03 53.77
CA MET A 396 22.62 -12.72 53.92
C MET A 396 22.79 -12.31 55.38
N HIS A 397 22.02 -12.91 56.30
CA HIS A 397 22.35 -12.53 57.67
C HIS A 397 23.41 -13.46 58.26
N ASP A 398 23.64 -14.66 57.73
CA ASP A 398 24.72 -15.51 58.20
C ASP A 398 26.07 -15.05 57.68
N GLU A 399 26.39 -15.41 56.42
CA GLU A 399 27.71 -15.14 55.89
C GLU A 399 27.89 -13.69 55.48
N HIS A 400 26.82 -13.02 55.04
CA HIS A 400 26.92 -11.63 54.60
C HIS A 400 26.56 -10.63 55.68
N ASN A 401 25.93 -11.05 56.77
CA ASN A 401 25.58 -10.18 57.90
C ASN A 401 24.74 -8.99 57.42
N ILE A 402 23.54 -9.30 56.92
CA ILE A 402 22.63 -8.30 56.41
C ILE A 402 21.29 -8.48 57.12
N ILE A 403 20.81 -7.41 57.75
CA ILE A 403 19.53 -7.40 58.45
C ILE A 403 18.58 -6.52 57.67
N LEU A 404 17.60 -7.14 57.02
CA LEU A 404 16.62 -6.39 56.24
C LEU A 404 15.33 -7.21 56.15
N ASP A 405 14.24 -6.51 55.83
CA ASP A 405 12.92 -7.14 55.72
C ASP A 405 12.73 -7.58 54.27
N ILE A 406 12.74 -8.91 54.05
CA ILE A 406 12.52 -9.47 52.73
C ILE A 406 11.08 -9.96 52.66
N PRO A 407 10.21 -9.31 51.88
CA PRO A 407 8.82 -9.76 51.79
C PRO A 407 8.71 -11.17 51.22
N GLU A 408 7.88 -11.98 51.87
CA GLU A 408 7.57 -13.31 51.36
C GLU A 408 6.62 -13.19 50.18
N MET A 409 7.00 -13.80 49.06
CA MET A 409 6.29 -13.63 47.80
C MET A 409 5.71 -14.99 47.38
N ASP A 410 4.46 -15.21 47.76
CA ASP A 410 3.64 -16.33 47.35
C ASP A 410 2.75 -15.89 46.18
N PHE A 411 1.68 -16.64 45.92
CA PHE A 411 0.75 -16.20 44.88
C PHE A 411 0.15 -14.85 45.23
N GLU A 412 -0.36 -14.68 46.46
CA GLU A 412 -0.90 -13.38 46.86
C GLU A 412 0.20 -12.34 46.99
N GLY A 413 1.41 -12.76 47.37
CA GLY A 413 2.51 -11.83 47.45
C GLY A 413 2.97 -11.33 46.09
N ILE A 414 2.97 -12.22 45.09
CA ILE A 414 3.33 -11.83 43.73
C ILE A 414 2.31 -10.84 43.19
N LYS A 415 1.02 -11.08 43.47
CA LYS A 415 -0.02 -10.18 42.97
C LYS A 415 0.10 -8.80 43.60
N LYS A 416 0.44 -8.74 44.90
CA LYS A 416 0.61 -7.46 45.58
C LYS A 416 1.82 -6.69 45.05
N THR A 417 2.76 -7.38 44.40
CA THR A 417 3.95 -6.72 43.84
C THR A 417 3.72 -6.29 42.39
N TYR A 418 3.45 -7.24 41.50
CA TYR A 418 3.39 -6.95 40.08
C TYR A 418 2.09 -6.30 39.63
N LEU A 419 1.05 -6.32 40.47
CA LEU A 419 -0.18 -5.58 40.21
C LEU A 419 -0.31 -4.38 41.13
N LYS A 420 0.83 -3.87 41.61
CA LYS A 420 0.82 -2.77 42.58
C LYS A 420 0.16 -1.52 42.02
N GLU A 421 0.52 -1.15 40.79
CA GLU A 421 0.07 0.09 40.18
C GLU A 421 -1.08 -0.09 39.21
N ILE A 422 -1.84 -1.19 39.33
CA ILE A 422 -2.87 -1.46 38.33
C ILE A 422 -4.04 -0.49 38.47
N ASP A 423 -4.35 -0.04 39.68
CA ASP A 423 -5.45 0.91 39.85
C ASP A 423 -5.10 2.27 39.25
N HIS A 424 -3.83 2.66 39.29
CA HIS A 424 -3.43 3.94 38.73
C HIS A 424 -3.48 3.92 37.20
N VAL A 425 -3.12 2.80 36.59
CA VAL A 425 -3.20 2.69 35.13
C VAL A 425 -4.64 2.76 34.67
N PHE A 426 -5.57 2.21 35.47
CA PHE A 426 -6.98 2.29 35.10
C PHE A 426 -7.52 3.71 35.27
N ASP A 427 -7.14 4.39 36.35
CA ASP A 427 -7.67 5.73 36.60
C ASP A 427 -7.18 6.74 35.56
N ARG A 428 -5.95 6.57 35.07
CA ARG A 428 -5.43 7.47 34.04
C ARG A 428 -5.90 7.10 32.64
N SER A 429 -6.44 5.89 32.47
CA SER A 429 -6.93 5.44 31.17
C SER A 429 -8.35 5.87 30.91
N VAL A 430 -9.16 6.06 31.95
CA VAL A 430 -10.56 6.46 31.82
C VAL A 430 -10.70 7.85 32.42
N LYS A 431 -11.30 8.77 31.65
CA LYS A 431 -11.32 10.18 32.02
C LYS A 431 -12.10 10.41 33.31
N ALA A 432 -13.27 9.79 33.44
CA ALA A 432 -14.15 10.05 34.57
C ALA A 432 -13.84 9.23 35.80
N ARG A 433 -13.16 8.09 35.65
CA ARG A 433 -12.88 7.22 36.78
C ARG A 433 -11.95 7.92 37.77
N GLY A 434 -12.29 7.79 39.06
CA GLY A 434 -11.49 8.36 40.13
C GLY A 434 -12.00 9.65 40.68
N GLU A 435 -12.96 10.28 40.02
CA GLU A 435 -13.54 11.52 40.51
C GLU A 435 -14.63 11.23 41.53
N ASN A 436 -14.72 12.07 42.56
CA ASN A 436 -15.69 11.89 43.63
C ASN A 436 -16.91 12.76 43.41
N LEU A 437 -18.08 12.17 43.61
CA LEU A 437 -19.36 12.86 43.41
C LEU A 437 -20.13 12.86 44.73
N TYR A 438 -21.29 13.51 44.70
CA TYR A 438 -22.21 13.54 45.84
C TYR A 438 -21.54 14.01 47.13
N MET B 1 18.81 6.99 4.10
CA MET B 1 19.18 8.27 3.51
C MET B 1 20.41 8.14 2.64
N ILE B 2 20.42 8.86 1.51
CA ILE B 2 21.56 8.84 0.60
C ILE B 2 22.19 10.23 0.60
N LYS B 3 23.45 10.27 0.14
CA LYS B 3 24.23 11.50 0.17
C LYS B 3 23.60 12.60 -0.67
N ARG B 4 22.97 12.23 -1.80
CA ARG B 4 22.41 13.24 -2.69
C ARG B 4 21.26 14.00 -2.04
N TYR B 5 20.42 13.30 -1.28
CA TYR B 5 19.24 13.89 -0.66
C TYR B 5 19.39 14.04 0.85
N ASP B 6 20.62 13.98 1.35
CA ASP B 6 20.84 14.06 2.80
C ASP B 6 20.70 15.49 3.28
N VAL B 7 19.93 15.68 4.35
CA VAL B 7 19.81 16.97 5.02
C VAL B 7 20.64 16.94 6.29
N ALA B 8 21.36 18.04 6.55
CA ALA B 8 22.34 18.04 7.63
C ALA B 8 21.68 17.91 8.99
N GLU B 9 20.71 18.75 9.29
CA GLU B 9 20.12 18.76 10.63
C GLU B 9 19.28 17.50 10.89
N ILE B 10 18.65 16.95 9.86
CA ILE B 10 17.79 15.79 10.06
C ILE B 10 18.63 14.53 10.27
N SER B 11 19.64 14.33 9.43
CA SER B 11 20.49 13.15 9.60
C SER B 11 21.26 13.20 10.92
N LYS B 12 21.50 14.40 11.44
CA LYS B 12 22.19 14.53 12.73
C LYS B 12 21.36 13.95 13.87
N ILE B 13 20.03 14.00 13.75
CA ILE B 13 19.17 13.50 14.82
C ILE B 13 19.18 11.98 14.84
N TRP B 14 19.17 11.35 13.67
CA TRP B 14 19.05 9.89 13.58
C TRP B 14 20.41 9.19 13.58
N ALA B 15 21.51 9.92 13.63
CA ALA B 15 22.82 9.29 13.73
C ALA B 15 22.96 8.57 15.07
N ASP B 16 23.86 7.58 15.10
CA ASP B 16 24.02 6.76 16.30
C ASP B 16 24.51 7.58 17.48
N GLU B 17 25.25 8.66 17.23
CA GLU B 17 25.71 9.50 18.33
C GLU B 17 24.53 10.11 19.08
N ASN B 18 23.63 10.78 18.36
CA ASN B 18 22.44 11.32 18.99
C ASN B 18 21.50 10.21 19.45
N LYS B 19 21.46 9.10 18.71
CA LYS B 19 20.67 7.95 19.13
C LYS B 19 21.10 7.47 20.51
N TYR B 20 22.41 7.35 20.72
CA TYR B 20 22.92 6.99 22.04
C TYR B 20 22.78 8.16 23.02
N ALA B 21 22.83 9.40 22.51
CA ALA B 21 22.73 10.56 23.38
C ALA B 21 21.35 10.65 24.02
N LYS B 22 20.30 10.60 23.20
CA LYS B 22 18.94 10.68 23.75
C LYS B 22 18.63 9.51 24.66
N MET B 23 19.27 8.36 24.43
CA MET B 23 19.17 7.25 25.39
C MET B 23 19.72 7.64 26.75
N LEU B 24 20.88 8.30 26.76
CA LEU B 24 21.47 8.73 28.03
C LEU B 24 20.57 9.75 28.73
N GLU B 25 20.04 10.71 27.98
CA GLU B 25 19.14 11.70 28.56
C GLU B 25 17.92 11.03 29.19
N VAL B 26 17.38 10.00 28.53
CA VAL B 26 16.22 9.29 29.07
C VAL B 26 16.62 8.48 30.30
N GLU B 27 17.77 7.80 30.24
CA GLU B 27 18.26 7.05 31.40
C GLU B 27 18.44 7.97 32.61
N LEU B 28 19.10 9.11 32.41
CA LEU B 28 19.34 10.04 33.50
C LEU B 28 18.06 10.71 33.97
N ALA B 29 17.00 10.70 33.16
CA ALA B 29 15.74 11.30 33.59
C ALA B 29 15.03 10.45 34.62
N ILE B 30 15.03 9.12 34.44
CA ILE B 30 14.38 8.25 35.40
C ILE B 30 15.26 8.03 36.62
N LEU B 31 16.58 7.97 36.43
CA LEU B 31 17.47 7.78 37.57
C LEU B 31 17.42 9.00 38.50
N GLU B 32 17.32 10.21 37.94
CA GLU B 32 17.13 11.39 38.76
C GLU B 32 15.84 11.28 39.57
N ALA B 33 14.79 10.69 38.97
CA ALA B 33 13.55 10.47 39.72
C ALA B 33 13.70 9.38 40.75
N LEU B 34 14.53 8.36 40.48
CA LEU B 34 14.79 7.31 41.45
C LEU B 34 15.68 7.76 42.59
N GLU B 35 16.28 8.95 42.49
CA GLU B 35 17.08 9.49 43.58
C GLU B 35 16.23 9.87 44.79
N ASP B 36 14.94 10.12 44.59
CA ASP B 36 14.06 10.50 45.69
C ASP B 36 13.86 9.37 46.70
N ARG B 37 14.30 8.16 46.39
CA ARG B 37 14.07 7.03 47.27
C ARG B 37 15.35 6.23 47.54
N MET B 38 15.64 5.29 46.64
CA MET B 38 16.69 4.29 46.86
C MET B 38 18.02 4.64 46.23
N VAL B 39 18.09 5.70 45.42
CA VAL B 39 19.34 6.08 44.76
C VAL B 39 19.97 7.22 45.54
N PRO B 40 21.29 7.18 45.78
CA PRO B 40 21.96 8.32 46.41
C PRO B 40 21.75 9.60 45.59
N LYS B 41 21.49 10.69 46.30
CA LYS B 41 21.19 11.95 45.65
C LYS B 41 22.42 12.50 44.94
N GLY B 42 22.18 13.16 43.80
CA GLY B 42 23.25 13.73 43.00
C GLY B 42 23.93 12.78 42.04
N THR B 43 23.45 11.54 41.93
CA THR B 43 24.10 10.57 41.05
C THR B 43 23.82 10.88 39.59
N ALA B 44 22.58 11.27 39.26
CA ALA B 44 22.23 11.54 37.88
C ALA B 44 23.03 12.71 37.33
N ALA B 45 23.24 13.75 38.14
CA ALA B 45 24.02 14.90 37.69
C ALA B 45 25.49 14.54 37.52
N GLU B 46 26.01 13.63 38.34
CA GLU B 46 27.41 13.24 38.22
C GLU B 46 27.65 12.46 36.94
N ILE B 47 26.73 11.56 36.58
CA ILE B 47 26.84 10.83 35.33
C ILE B 47 26.61 11.75 34.14
N ARG B 48 25.73 12.74 34.30
CA ARG B 48 25.42 13.63 33.18
C ARG B 48 26.65 14.40 32.71
N ALA B 49 27.59 14.68 33.60
CA ALA B 49 28.75 15.49 33.25
C ALA B 49 29.92 14.66 32.70
N ARG B 50 30.10 13.45 33.21
CA ARG B 50 31.28 12.66 32.86
C ARG B 50 31.01 11.60 31.78
N ALA B 51 29.75 11.34 31.45
CA ALA B 51 29.43 10.26 30.51
C ALA B 51 29.77 10.69 29.10
N GLN B 52 30.70 9.97 28.47
CA GLN B 52 30.95 10.15 27.05
C GLN B 52 29.96 9.33 26.24
N ILE B 53 29.83 9.70 24.97
CA ILE B 53 28.97 8.98 24.03
C ILE B 53 29.86 8.50 22.89
N ARG B 54 30.13 7.19 22.88
CA ARG B 54 31.13 6.59 21.99
C ARG B 54 30.47 5.52 21.14
N PRO B 55 29.98 5.88 19.95
CA PRO B 55 29.37 4.85 19.08
C PRO B 55 30.32 3.73 18.71
N GLU B 56 31.60 4.04 18.49
CA GLU B 56 32.57 3.00 18.18
C GLU B 56 32.76 2.03 19.35
N ARG B 57 32.52 2.49 20.58
CA ARG B 57 32.61 1.59 21.73
C ARG B 57 31.40 0.68 21.80
N VAL B 58 30.21 1.21 21.52
CA VAL B 58 28.99 0.40 21.58
C VAL B 58 29.04 -0.70 20.52
N ASP B 59 29.41 -0.34 19.29
CA ASP B 59 29.54 -1.34 18.24
C ASP B 59 30.60 -2.37 18.57
N GLU B 60 31.64 -1.98 19.31
CA GLU B 60 32.64 -2.93 19.74
C GLU B 60 32.06 -3.93 20.74
N ILE B 61 31.21 -3.47 21.65
CA ILE B 61 30.59 -4.37 22.61
C ILE B 61 29.43 -5.13 21.99
N GLU B 62 28.67 -4.47 21.12
CA GLU B 62 27.52 -5.11 20.48
C GLU B 62 27.93 -6.26 19.58
N LYS B 63 29.19 -6.30 19.13
CA LYS B 63 29.64 -7.40 18.29
C LYS B 63 29.62 -8.73 19.04
N VAL B 64 29.73 -8.69 20.35
CA VAL B 64 29.70 -9.86 21.22
C VAL B 64 28.32 -10.10 21.80
N THR B 65 27.80 -9.08 22.50
CA THR B 65 26.59 -9.25 23.29
C THR B 65 25.35 -9.51 22.45
N LYS B 66 25.36 -9.15 21.17
CA LYS B 66 24.19 -9.26 20.29
C LYS B 66 22.98 -8.54 20.87
N HIS B 67 23.24 -7.53 21.71
CA HIS B 67 22.19 -6.81 22.43
C HIS B 67 22.58 -5.35 22.47
N ASP B 68 21.87 -4.51 21.70
CA ASP B 68 22.27 -3.12 21.55
C ASP B 68 22.17 -2.35 22.86
N ILE B 69 21.16 -2.65 23.68
CA ILE B 69 20.96 -1.89 24.90
C ILE B 69 21.97 -2.30 25.97
N ILE B 70 22.32 -3.59 26.03
CA ILE B 70 23.35 -4.03 26.96
C ILE B 70 24.69 -3.40 26.62
N ALA B 71 25.04 -3.37 25.33
CA ALA B 71 26.30 -2.76 24.92
C ALA B 71 26.34 -1.27 25.23
N PHE B 72 25.18 -0.60 25.13
CA PHE B 72 25.13 0.82 25.43
C PHE B 72 25.33 1.08 26.92
N CYS B 73 24.57 0.41 27.77
CA CYS B 73 24.68 0.62 29.21
C CYS B 73 26.03 0.17 29.74
N THR B 74 26.61 -0.89 29.15
CA THR B 74 27.95 -1.31 29.55
C THR B 74 28.98 -0.26 29.21
N SER B 75 28.86 0.35 28.03
CA SER B 75 29.80 1.40 27.63
C SER B 75 29.71 2.62 28.53
N ILE B 76 28.51 2.92 29.03
CA ILE B 76 28.35 4.05 29.95
C ILE B 76 28.83 3.67 31.35
N ALA B 77 28.59 2.42 31.75
CA ALA B 77 28.98 2.00 33.10
C ALA B 77 30.49 1.98 33.27
N GLU B 78 31.22 1.50 32.26
CA GLU B 78 32.66 1.34 32.38
C GLU B 78 33.41 2.67 32.47
N GLN B 79 32.73 3.80 32.22
CA GLN B 79 33.36 5.10 32.41
C GLN B 79 33.17 5.64 33.81
N PHE B 80 32.61 4.86 34.72
CA PHE B 80 32.36 5.29 36.09
C PHE B 80 32.77 4.16 37.03
N THR B 81 32.58 4.40 38.32
CA THR B 81 32.82 3.39 39.34
C THR B 81 31.64 2.43 39.43
N ALA B 82 31.82 1.36 40.19
CA ALA B 82 30.69 0.51 40.54
C ALA B 82 29.72 1.22 41.46
N GLU B 83 30.18 2.27 42.15
CA GLU B 83 29.34 3.05 43.06
C GLU B 83 28.69 4.25 42.38
N THR B 84 29.23 4.73 41.26
CA THR B 84 28.52 5.76 40.52
C THR B 84 27.48 5.16 39.56
N GLY B 85 27.76 3.99 39.01
CA GLY B 85 26.83 3.34 38.10
C GLY B 85 26.09 2.18 38.73
N LYS B 86 25.73 2.30 40.01
CA LYS B 86 24.94 1.28 40.68
C LYS B 86 23.59 1.12 39.99
N PHE B 87 22.76 2.15 40.11
CA PHE B 87 21.36 2.10 39.72
C PHE B 87 21.11 2.67 38.33
N PHE B 88 22.14 2.72 37.49
CA PHE B 88 21.94 3.09 36.09
C PHE B 88 21.18 1.98 35.38
N HIS B 89 20.09 2.36 34.71
CA HIS B 89 19.22 1.40 34.01
C HIS B 89 18.64 0.38 35.00
N PHE B 90 18.11 0.89 36.11
CA PHE B 90 17.59 0.06 37.18
C PHE B 90 16.06 0.02 37.11
N GLY B 91 15.51 -1.18 37.10
CA GLY B 91 14.06 -1.35 37.16
C GLY B 91 13.36 -1.19 35.82
N VAL B 92 13.93 -0.37 34.93
CA VAL B 92 13.30 -0.13 33.64
C VAL B 92 13.60 -1.29 32.69
N THR B 93 12.74 -1.46 31.71
CA THR B 93 13.03 -2.39 30.62
C THR B 93 13.83 -1.66 29.55
N SER B 94 14.31 -2.44 28.57
CA SER B 94 15.12 -1.86 27.50
C SER B 94 14.30 -0.88 26.67
N SER B 95 13.03 -1.20 26.40
CA SER B 95 12.21 -0.35 25.56
C SER B 95 11.64 0.86 26.30
N ASP B 96 11.76 0.93 27.63
CA ASP B 96 11.43 2.17 28.33
C ASP B 96 12.36 3.28 27.88
N ILE B 97 13.64 2.98 27.70
CA ILE B 97 14.61 3.99 27.29
C ILE B 97 14.52 4.25 25.79
N ILE B 98 14.36 3.19 25.00
CA ILE B 98 14.33 3.34 23.54
C ILE B 98 13.15 4.20 23.11
N ASP B 99 11.94 3.78 23.49
CA ASP B 99 10.73 4.47 23.05
C ASP B 99 10.67 5.91 23.58
N SER B 100 11.18 6.14 24.79
CA SER B 100 11.20 7.50 25.31
C SER B 100 12.18 8.37 24.54
N ALA B 101 13.38 7.85 24.25
CA ALA B 101 14.33 8.58 23.44
C ALA B 101 13.88 8.69 21.99
N LEU B 102 13.18 7.68 21.49
CA LEU B 102 12.68 7.74 20.13
C LEU B 102 11.71 8.89 19.96
N SER B 103 10.83 9.11 20.95
CA SER B 103 9.91 10.24 20.88
C SER B 103 10.66 11.57 20.90
N LEU B 104 11.80 11.62 21.58
CA LEU B 104 12.62 12.83 21.57
C LEU B 104 13.14 13.14 20.17
N GLN B 105 13.60 12.10 19.46
CA GLN B 105 14.02 12.30 18.07
C GLN B 105 12.85 12.72 17.20
N ILE B 106 11.66 12.17 17.46
CA ILE B 106 10.49 12.53 16.69
C ILE B 106 10.07 13.97 16.98
N ARG B 107 10.11 14.37 18.25
CA ARG B 107 9.76 15.73 18.62
C ARG B 107 10.63 16.75 17.89
N ASP B 108 11.95 16.61 18.01
CA ASP B 108 12.85 17.61 17.45
C ASP B 108 12.82 17.61 15.92
N SER B 109 12.66 16.43 15.31
CA SER B 109 12.48 16.38 13.86
C SER B 109 11.19 17.05 13.45
N MET B 110 10.12 16.85 14.24
CA MET B 110 8.82 17.42 13.92
C MET B 110 8.85 18.94 13.94
N SER B 111 9.68 19.53 14.81
CA SER B 111 9.78 20.99 14.83
C SER B 111 10.35 21.52 13.53
N TYR B 112 11.32 20.81 12.95
CA TYR B 112 11.86 21.23 11.66
C TYR B 112 10.83 21.07 10.55
N VAL B 113 10.00 20.03 10.62
CA VAL B 113 8.96 19.83 9.62
C VAL B 113 7.94 20.97 9.67
N ILE B 114 7.40 21.24 10.86
CA ILE B 114 6.40 22.30 11.01
C ILE B 114 7.00 23.64 10.60
N LYS B 115 8.28 23.86 10.92
CA LYS B 115 8.95 25.08 10.48
C LYS B 115 9.00 25.15 8.95
N ASP B 116 9.47 24.08 8.31
CA ASP B 116 9.56 24.06 6.85
C ASP B 116 8.22 23.87 6.18
N LEU B 117 7.20 23.37 6.89
CA LEU B 117 5.88 23.26 6.30
C LEU B 117 5.20 24.62 6.22
N GLU B 118 5.13 25.33 7.35
CA GLU B 118 4.53 26.66 7.35
C GLU B 118 5.32 27.62 6.47
N ALA B 119 6.63 27.37 6.32
CA ALA B 119 7.42 28.16 5.38
C ALA B 119 6.98 27.93 3.95
N LEU B 120 6.62 26.68 3.61
CA LEU B 120 6.02 26.42 2.31
C LEU B 120 4.64 27.06 2.19
N CYS B 121 3.88 27.11 3.29
CA CYS B 121 2.62 27.83 3.28
C CYS B 121 2.82 29.32 3.01
N ASP B 122 3.93 29.88 3.47
CA ASP B 122 4.23 31.29 3.18
C ASP B 122 4.50 31.50 1.70
N SER B 123 5.28 30.62 1.08
CA SER B 123 5.59 30.76 -0.34
C SER B 123 4.34 30.64 -1.20
N LEU B 124 3.39 29.79 -0.80
CA LEU B 124 2.18 29.61 -1.59
C LEU B 124 1.26 30.83 -1.51
N LEU B 125 1.11 31.40 -0.32
CA LEU B 125 0.24 32.58 -0.18
C LEU B 125 0.90 33.81 -0.78
N THR B 126 2.23 33.92 -0.71
CA THR B 126 2.91 35.02 -1.38
C THR B 126 2.67 34.98 -2.88
N LYS B 127 2.79 33.79 -3.48
CA LYS B 127 2.48 33.66 -4.91
C LYS B 127 1.00 33.86 -5.18
N ALA B 128 0.14 33.55 -4.20
CA ALA B 128 -1.30 33.70 -4.41
C ALA B 128 -1.70 35.16 -4.48
N GLU B 129 -1.22 35.97 -3.53
CA GLU B 129 -1.55 37.39 -3.56
C GLU B 129 -0.89 38.11 -4.72
N GLU B 130 0.24 37.57 -5.24
CA GLU B 130 0.89 38.16 -6.40
C GLU B 130 0.05 38.00 -7.65
N THR B 131 -0.53 36.81 -7.85
CA THR B 131 -1.24 36.46 -9.07
C THR B 131 -2.75 36.52 -8.90
N LYS B 132 -3.24 37.17 -7.85
CA LYS B 132 -4.67 37.21 -7.60
C LYS B 132 -5.43 37.89 -8.74
N GLU B 133 -4.90 39.01 -9.25
CA GLU B 133 -5.57 39.75 -10.30
C GLU B 133 -5.38 39.15 -11.69
N ILE B 134 -4.48 38.18 -11.83
CA ILE B 134 -4.30 37.52 -13.12
C ILE B 134 -5.50 36.63 -13.42
N ILE B 135 -5.92 36.59 -14.67
CA ILE B 135 -7.05 35.78 -15.10
C ILE B 135 -6.56 34.71 -16.05
N THR B 136 -7.04 33.49 -15.84
CA THR B 136 -6.65 32.34 -16.65
C THR B 136 -7.87 31.48 -16.93
N MET B 137 -7.72 30.57 -17.89
CA MET B 137 -8.78 29.63 -18.22
C MET B 137 -8.74 28.45 -17.26
N GLY B 138 -9.85 28.20 -16.58
CA GLY B 138 -9.97 26.99 -15.79
C GLY B 138 -10.16 25.77 -16.67
N ARG B 139 -9.72 24.62 -16.17
CA ARG B 139 -9.74 23.39 -16.95
C ARG B 139 -10.34 22.26 -16.11
N SER B 140 -11.46 21.71 -16.57
CA SER B 140 -12.04 20.50 -16.02
C SER B 140 -11.85 19.38 -17.04
N HIS B 141 -11.37 18.22 -16.55
CA HIS B 141 -11.01 17.10 -17.41
C HIS B 141 -9.92 17.48 -18.41
N GLY B 142 -9.11 18.48 -18.06
CA GLY B 142 -8.11 19.01 -18.96
C GLY B 142 -8.65 19.92 -20.05
N MET B 143 -9.97 20.05 -20.17
CA MET B 143 -10.58 20.88 -21.19
C MET B 143 -10.93 22.25 -20.63
N PHE B 144 -10.81 23.27 -21.48
CA PHE B 144 -11.10 24.63 -21.06
C PHE B 144 -12.53 24.75 -20.55
N ALA B 145 -12.67 25.19 -19.30
CA ALA B 145 -13.99 25.37 -18.72
C ALA B 145 -14.40 26.84 -18.77
N GLU B 146 -13.97 27.62 -17.78
CA GLU B 146 -14.31 29.03 -17.67
C GLU B 146 -13.07 29.81 -17.24
N PRO B 147 -13.05 31.12 -17.48
CA PRO B 147 -11.96 31.94 -16.93
C PRO B 147 -12.00 31.95 -15.41
N MET B 148 -10.81 32.05 -14.81
CA MET B 148 -10.68 32.06 -13.37
C MET B 148 -9.45 32.85 -12.97
N SER B 149 -9.41 33.25 -11.71
CA SER B 149 -8.25 33.94 -11.17
C SER B 149 -7.09 32.96 -11.01
N PHE B 150 -5.95 33.27 -11.63
CA PHE B 150 -4.78 32.42 -11.52
C PHE B 150 -4.27 32.33 -10.09
N GLY B 151 -4.56 33.33 -9.25
CA GLY B 151 -4.17 33.28 -7.86
C GLY B 151 -4.95 32.27 -7.03
N GLN B 152 -6.10 31.83 -7.53
CA GLN B 152 -6.88 30.83 -6.81
C GLN B 152 -6.17 29.48 -6.79
N LYS B 153 -5.33 29.20 -7.78
CA LYS B 153 -4.58 27.95 -7.80
C LYS B 153 -3.68 27.83 -6.57
N PHE B 154 -2.78 28.81 -6.39
CA PHE B 154 -1.87 28.76 -5.24
C PHE B 154 -2.63 28.82 -3.92
N LEU B 155 -3.76 29.53 -3.89
CA LEU B 155 -4.56 29.56 -2.67
C LEU B 155 -5.22 28.21 -2.40
N GLY B 156 -5.48 27.45 -3.46
CA GLY B 156 -6.03 26.11 -3.26
C GLY B 156 -5.06 25.19 -2.54
N ALA B 157 -3.77 25.30 -2.88
CA ALA B 157 -2.76 24.51 -2.17
C ALA B 157 -2.40 25.12 -0.83
N TYR B 158 -2.53 26.45 -0.70
CA TYR B 158 -2.23 27.11 0.57
C TYR B 158 -3.10 26.56 1.69
N VAL B 159 -4.42 26.57 1.49
CA VAL B 159 -5.33 26.10 2.53
C VAL B 159 -5.19 24.59 2.73
N GLU B 160 -4.81 23.86 1.68
CA GLU B 160 -4.58 22.43 1.83
C GLU B 160 -3.40 22.15 2.74
N PHE B 161 -2.26 22.80 2.47
CA PHE B 161 -1.12 22.67 3.37
C PHE B 161 -1.40 23.32 4.72
N LYS B 162 -2.28 24.33 4.76
CA LYS B 162 -2.70 24.89 6.04
C LYS B 162 -3.50 23.86 6.85
N ARG B 163 -4.28 23.01 6.18
CA ARG B 163 -4.97 21.94 6.88
C ARG B 163 -3.98 20.96 7.48
N ARG B 164 -2.95 20.58 6.73
CA ARG B 164 -1.94 19.66 7.26
C ARG B 164 -1.11 20.30 8.36
N LEU B 165 -0.99 21.63 8.34
CA LEU B 165 -0.20 22.30 9.37
C LEU B 165 -0.87 22.21 10.73
N LYS B 166 -2.19 22.42 10.79
CA LYS B 166 -2.90 22.31 12.05
C LYS B 166 -2.89 20.88 12.58
N ASP B 167 -2.92 19.89 11.68
CA ASP B 167 -2.89 18.50 12.12
C ASP B 167 -1.61 18.18 12.89
N LEU B 168 -0.48 18.76 12.46
CA LEU B 168 0.76 18.56 13.18
C LEU B 168 0.82 19.39 14.45
N LYS B 169 0.30 20.62 14.40
CA LYS B 169 0.23 21.44 15.60
C LYS B 169 -0.65 20.79 16.67
N ASP B 170 -1.74 20.14 16.24
CA ASP B 170 -2.52 19.34 17.17
C ASP B 170 -1.73 18.14 17.66
N PHE B 171 -0.98 17.49 16.76
CA PHE B 171 -0.19 16.33 17.15
C PHE B 171 0.95 16.74 18.07
N GLN B 172 1.65 17.85 17.75
CA GLN B 172 2.78 18.27 18.56
C GLN B 172 2.38 18.50 20.02
N LYS B 173 1.12 18.83 20.27
CA LYS B 173 0.64 18.99 21.63
C LYS B 173 0.25 17.66 22.26
N ASP B 174 -0.54 16.86 21.55
N ASP B 174 -0.40 16.78 21.50
CA ASP B 174 -1.01 15.57 22.03
CA ASP B 174 -1.06 15.60 22.04
C ASP B 174 -0.79 14.55 20.91
C ASP B 174 -0.58 14.28 21.41
N GLY B 175 0.48 14.29 20.63
CA GLY B 175 0.82 13.16 19.78
C GLY B 175 1.79 12.16 20.38
N LEU B 176 2.68 12.62 21.25
CA LEU B 176 3.79 11.81 21.74
C LEU B 176 3.70 11.61 23.24
N THR B 177 4.29 10.50 23.70
CA THR B 177 4.32 10.15 25.11
C THR B 177 5.64 9.48 25.43
N VAL B 178 5.95 9.40 26.72
CA VAL B 178 7.10 8.63 27.20
C VAL B 178 6.60 7.57 28.17
N GLN B 179 7.52 6.76 28.70
CA GLN B 179 7.13 5.69 29.59
C GLN B 179 8.32 5.24 30.43
N PHE B 180 8.01 4.70 31.61
CA PHE B 180 8.93 4.00 32.50
C PHE B 180 8.07 3.02 33.30
N SER B 181 7.67 1.93 32.66
CA SER B 181 6.65 1.04 33.17
C SER B 181 7.16 -0.33 33.56
N GLY B 182 8.46 -0.59 33.46
CA GLY B 182 9.00 -1.88 33.81
C GLY B 182 9.04 -2.82 32.62
N ALA B 183 9.18 -4.11 32.92
CA ALA B 183 9.40 -5.12 31.89
C ALA B 183 8.27 -5.14 30.87
N VAL B 184 7.06 -5.45 31.32
CA VAL B 184 5.92 -5.54 30.42
C VAL B 184 4.87 -4.48 30.74
N GLY B 185 5.24 -3.45 31.50
CA GLY B 185 4.30 -2.41 31.87
C GLY B 185 3.53 -2.67 33.13
N ASN B 186 3.98 -3.60 33.97
CA ASN B 186 3.29 -3.95 35.20
C ASN B 186 3.80 -3.21 36.43
N TYR B 187 4.87 -2.43 36.28
CA TYR B 187 5.43 -1.60 37.36
C TYR B 187 5.81 -2.48 38.57
N CYS B 188 6.86 -3.27 38.35
CA CYS B 188 7.40 -4.09 39.44
C CYS B 188 8.22 -3.23 40.40
N ILE B 189 9.38 -2.75 39.93
CA ILE B 189 10.23 -1.89 40.75
C ILE B 189 9.81 -0.43 40.63
N LEU B 190 9.43 0.00 39.44
CA LEU B 190 9.11 1.40 39.19
C LEU B 190 7.72 1.74 39.69
N THR B 191 7.52 3.01 40.03
CA THR B 191 6.23 3.53 40.43
C THR B 191 5.75 4.57 39.43
N THR B 192 4.45 4.85 39.47
CA THR B 192 3.90 5.90 38.61
C THR B 192 4.41 7.27 39.03
N GLU B 193 4.71 7.46 40.32
CA GLU B 193 5.23 8.75 40.78
C GLU B 193 6.65 8.99 40.25
N ASP B 194 7.50 7.96 40.30
CA ASP B 194 8.84 8.10 39.72
C ASP B 194 8.77 8.28 38.22
N GLU B 195 7.87 7.53 37.55
CA GLU B 195 7.71 7.69 36.11
C GLU B 195 7.21 9.10 35.77
N LYS B 196 6.24 9.61 36.54
CA LYS B 196 5.74 10.95 36.29
C LYS B 196 6.81 12.00 36.51
N LYS B 197 7.71 11.77 37.47
CA LYS B 197 8.80 12.71 37.69
C LYS B 197 9.75 12.75 36.49
N ALA B 198 10.16 11.57 36.02
CA ALA B 198 11.03 11.52 34.84
C ALA B 198 10.33 12.10 33.62
N ALA B 199 9.05 11.81 33.45
CA ALA B 199 8.30 12.35 32.31
C ALA B 199 8.20 13.87 32.40
N ASP B 200 7.99 14.40 33.60
CA ASP B 200 7.96 15.85 33.77
C ASP B 200 9.33 16.47 33.56
N ILE B 201 10.41 15.71 33.74
CA ILE B 201 11.74 16.22 33.43
C ILE B 201 11.92 16.34 31.92
N LEU B 202 11.59 15.27 31.20
CA LEU B 202 11.72 15.31 29.74
C LEU B 202 10.76 16.30 29.12
N GLY B 203 9.56 16.42 29.67
CA GLY B 203 8.57 17.35 29.17
C GLY B 203 7.47 16.75 28.33
N LEU B 204 7.32 15.42 28.33
CA LEU B 204 6.30 14.75 27.56
C LEU B 204 5.34 13.99 28.48
N PRO B 205 4.07 13.86 28.10
CA PRO B 205 3.12 13.14 28.94
C PRO B 205 3.40 11.64 28.96
N VAL B 206 2.70 10.96 29.86
CA VAL B 206 2.89 9.53 30.10
C VAL B 206 1.90 8.74 29.24
N GLU B 207 2.39 7.64 28.67
CA GLU B 207 1.51 6.72 27.96
C GLU B 207 0.47 6.16 28.92
N GLU B 208 -0.79 6.12 28.48
CA GLU B 208 -1.87 5.67 29.35
C GLU B 208 -1.67 4.22 29.77
N VAL B 209 -1.68 3.31 28.79
CA VAL B 209 -1.41 1.90 29.02
C VAL B 209 -0.12 1.57 28.29
N SER B 210 0.90 1.21 29.04
CA SER B 210 2.22 0.89 28.49
C SER B 210 2.47 -0.60 28.63
N THR B 211 2.78 -1.26 27.52
CA THR B 211 3.23 -2.65 27.58
C THR B 211 4.73 -2.65 27.85
N GLN B 212 5.48 -3.52 27.17
CA GLN B 212 6.92 -3.31 27.14
C GLN B 212 7.27 -2.10 26.30
N VAL B 213 6.44 -1.80 25.30
CA VAL B 213 6.69 -0.70 24.37
C VAL B 213 5.60 0.35 24.47
N ILE B 214 5.75 1.42 23.69
CA ILE B 214 4.71 2.43 23.50
C ILE B 214 3.87 1.98 22.31
N PRO B 215 2.53 2.09 22.36
CA PRO B 215 1.71 1.67 21.22
C PRO B 215 2.10 2.39 19.94
N ARG B 216 2.48 1.62 18.92
CA ARG B 216 3.03 2.16 17.69
C ARG B 216 1.98 2.78 16.78
N ASP B 217 0.71 2.84 17.19
CA ASP B 217 -0.28 3.58 16.41
C ASP B 217 -0.11 5.08 16.58
N ARG B 218 0.62 5.53 17.60
CA ARG B 218 0.97 6.93 17.72
C ARG B 218 1.89 7.35 16.57
N ILE B 219 2.91 6.53 16.30
CA ILE B 219 3.76 6.78 15.15
C ILE B 219 2.95 6.71 13.86
N ALA B 220 2.06 5.72 13.75
CA ALA B 220 1.32 5.51 12.51
C ALA B 220 0.41 6.69 12.19
N LYS B 221 -0.10 7.37 13.22
CA LYS B 221 -0.94 8.54 12.99
C LYS B 221 -0.12 9.70 12.45
N LEU B 222 1.06 9.93 13.02
CA LEU B 222 1.96 10.96 12.51
C LEU B 222 2.26 10.74 11.04
N ILE B 223 2.61 9.50 10.69
CA ILE B 223 2.90 9.17 9.29
C ILE B 223 1.67 9.42 8.43
N SER B 224 0.48 9.12 8.98
CA SER B 224 -0.75 9.39 8.24
C SER B 224 -0.86 10.87 7.87
N ILE B 225 -0.56 11.76 8.82
CA ILE B 225 -0.50 13.20 8.53
C ILE B 225 0.50 13.46 7.42
N HIS B 226 1.67 12.84 7.51
CA HIS B 226 2.70 13.02 6.49
C HIS B 226 2.30 12.36 5.17
N GLY B 227 1.50 11.29 5.23
CA GLY B 227 1.00 10.69 4.00
C GLY B 227 0.10 11.62 3.22
N LEU B 228 -0.78 12.34 3.92
CA LEU B 228 -1.63 13.33 3.26
C LEU B 228 -0.81 14.47 2.68
N ILE B 229 0.24 14.87 3.39
CA ILE B 229 1.14 15.90 2.87
C ILE B 229 1.77 15.45 1.56
N ALA B 230 2.09 14.15 1.46
CA ALA B 230 2.65 13.62 0.22
C ALA B 230 1.70 13.83 -0.96
N SER B 231 0.40 13.69 -0.73
CA SER B 231 -0.56 13.94 -1.81
C SER B 231 -0.70 15.43 -2.08
N ALA B 232 -0.69 16.25 -1.02
CA ALA B 232 -0.73 17.69 -1.21
C ALA B 232 0.47 18.18 -2.01
N ILE B 233 1.64 17.60 -1.74
CA ILE B 233 2.84 17.95 -2.51
C ILE B 233 2.68 17.48 -3.95
N GLU B 234 2.25 16.23 -4.14
CA GLU B 234 2.14 15.69 -5.49
C GLU B 234 1.10 16.45 -6.31
N ARG B 235 -0.03 16.81 -5.69
CA ARG B 235 -1.04 17.59 -6.41
C ARG B 235 -0.50 18.95 -6.82
N LEU B 236 0.25 19.60 -5.93
CA LEU B 236 0.85 20.89 -6.26
C LEU B 236 1.93 20.74 -7.33
N ALA B 237 2.77 19.70 -7.22
CA ALA B 237 3.81 19.48 -8.21
C ALA B 237 3.20 19.08 -9.56
N VAL B 238 2.15 18.27 -9.54
CA VAL B 238 1.47 17.90 -10.78
C VAL B 238 0.92 19.15 -11.47
N GLU B 239 0.36 20.07 -10.69
CA GLU B 239 -0.17 21.31 -11.27
C GLU B 239 0.93 22.11 -11.97
N ILE B 240 2.09 22.25 -11.32
CA ILE B 240 3.20 22.98 -11.93
C ILE B 240 3.72 22.22 -13.14
N ARG B 241 3.73 20.89 -13.08
CA ARG B 241 4.19 20.11 -14.22
C ARG B 241 3.28 20.29 -15.43
N HIS B 242 1.98 20.45 -15.20
CA HIS B 242 1.06 20.70 -16.30
C HIS B 242 1.26 22.09 -16.89
N LEU B 243 1.40 23.11 -16.04
CA LEU B 243 1.59 24.47 -16.53
C LEU B 243 2.94 24.64 -17.24
N HIS B 244 3.92 23.79 -16.93
CA HIS B 244 5.25 23.96 -17.49
C HIS B 244 5.38 23.39 -18.90
N ARG B 245 4.54 22.41 -19.26
CA ARG B 245 4.71 21.70 -20.52
C ARG B 245 4.62 22.64 -21.71
N SER B 246 5.23 22.23 -22.82
CA SER B 246 5.36 23.09 -23.98
C SER B 246 4.00 23.49 -24.55
N ASP B 247 3.04 22.57 -24.52
CA ASP B 247 1.73 22.86 -25.09
C ASP B 247 0.97 23.89 -24.27
N VAL B 248 1.26 24.00 -22.97
CA VAL B 248 0.63 24.99 -22.11
C VAL B 248 1.54 26.21 -22.01
N PHE B 249 2.73 26.02 -21.45
CA PHE B 249 3.76 27.06 -21.42
C PHE B 249 3.29 28.30 -20.67
N GLU B 250 2.65 28.10 -19.52
CA GLU B 250 2.18 29.22 -18.72
C GLU B 250 3.21 29.67 -17.69
N VAL B 251 3.93 28.73 -17.07
CA VAL B 251 5.01 29.03 -16.14
C VAL B 251 6.20 28.13 -16.46
N TYR B 252 7.34 28.45 -15.86
CA TYR B 252 8.51 27.59 -15.94
C TYR B 252 9.36 27.79 -14.71
N GLU B 253 10.11 26.75 -14.35
CA GLU B 253 10.97 26.80 -13.17
C GLU B 253 12.18 27.69 -13.45
N GLY B 254 12.35 28.73 -12.64
CA GLY B 254 13.46 29.64 -12.82
C GLY B 254 14.80 29.01 -12.48
N PHE B 255 15.85 29.58 -13.04
CA PHE B 255 17.20 29.09 -12.82
C PHE B 255 17.92 29.94 -11.77
N PRO B 266 22.53 28.60 -23.12
CA PRO B 266 21.11 28.69 -22.79
C PRO B 266 20.60 27.48 -22.02
N HIS B 267 20.17 27.69 -20.78
CA HIS B 267 19.66 26.60 -19.96
C HIS B 267 18.31 26.13 -20.49
N LYS B 268 18.08 24.82 -20.40
CA LYS B 268 16.85 24.22 -20.91
C LYS B 268 15.78 24.24 -19.83
N LYS B 269 14.55 24.56 -20.23
CA LYS B 269 13.44 24.70 -19.30
C LYS B 269 12.70 23.37 -19.19
N ASN B 270 12.76 22.76 -18.01
CA ASN B 270 12.01 21.57 -17.68
C ASN B 270 11.57 21.66 -16.22
N PRO B 271 10.40 21.12 -15.89
CA PRO B 271 9.98 21.04 -14.47
C PRO B 271 10.70 19.91 -13.74
N ILE B 272 12.03 20.01 -13.67
CA ILE B 272 12.82 18.93 -13.09
C ILE B 272 12.65 18.89 -11.57
N SER B 273 12.38 20.04 -10.95
CA SER B 273 12.26 20.06 -9.49
C SER B 273 10.91 19.50 -9.04
N THR B 274 9.84 19.82 -9.77
CA THR B 274 8.53 19.28 -9.41
C THR B 274 8.41 17.80 -9.76
N GLU B 275 9.13 17.35 -10.79
CA GLU B 275 9.19 15.92 -11.05
C GLU B 275 9.98 15.20 -9.96
N ASN B 276 10.99 15.85 -9.39
CA ASN B 276 11.70 15.28 -8.26
C ASN B 276 10.76 15.12 -7.06
N LEU B 277 9.91 16.12 -6.82
CA LEU B 277 9.00 16.07 -5.69
C LEU B 277 7.88 15.05 -5.90
N THR B 278 7.60 14.66 -7.15
CA THR B 278 6.62 13.60 -7.40
C THR B 278 7.13 12.27 -6.89
N GLY B 279 8.40 11.95 -7.14
CA GLY B 279 8.96 10.72 -6.60
C GLY B 279 9.13 10.76 -5.10
N MET B 280 9.49 11.92 -4.55
CA MET B 280 9.55 12.14 -3.11
C MET B 280 8.21 11.86 -2.46
N ALA B 281 7.14 12.36 -3.11
CA ALA B 281 5.80 12.18 -2.58
C ALA B 281 5.41 10.71 -2.56
N ARG B 282 5.83 9.94 -3.56
CA ARG B 282 5.58 8.50 -3.56
C ARG B 282 6.34 7.82 -2.41
N MET B 283 7.49 8.37 -2.02
CA MET B 283 8.25 7.79 -0.91
C MET B 283 7.53 8.03 0.42
N LEU B 284 7.12 9.27 0.67
CA LEU B 284 6.36 9.56 1.88
C LEU B 284 5.05 8.79 1.92
N ARG B 285 4.41 8.58 0.77
CA ARG B 285 3.19 7.80 0.73
C ARG B 285 3.45 6.31 0.89
N SER B 286 4.67 5.84 0.62
CA SER B 286 4.98 4.42 0.76
C SER B 286 5.14 3.97 2.20
N HIS B 287 5.41 4.90 3.12
CA HIS B 287 5.67 4.54 4.51
C HIS B 287 4.41 4.40 5.35
N VAL B 288 3.25 4.84 4.86
CA VAL B 288 2.05 4.85 5.70
C VAL B 288 1.61 3.44 6.05
N SER B 289 1.63 2.53 5.07
CA SER B 289 1.25 1.15 5.37
C SER B 289 2.33 0.42 6.16
N ILE B 290 3.57 0.89 6.12
CA ILE B 290 4.62 0.33 6.96
C ILE B 290 4.28 0.53 8.43
N ALA B 291 4.00 1.78 8.81
CA ALA B 291 3.68 2.08 10.19
C ALA B 291 2.42 1.35 10.64
N LEU B 292 1.47 1.13 9.73
CA LEU B 292 0.23 0.45 10.10
C LEU B 292 0.48 -1.02 10.42
N GLU B 293 1.31 -1.69 9.63
CA GLU B 293 1.64 -3.09 9.92
C GLU B 293 2.47 -3.21 11.19
N ASN B 294 3.23 -2.18 11.53
CA ASN B 294 3.96 -2.16 12.80
C ASN B 294 3.05 -1.99 14.01
N CYS B 295 1.79 -1.60 13.80
CA CYS B 295 0.85 -1.46 14.91
C CYS B 295 0.44 -2.80 15.49
N VAL B 296 0.52 -3.87 14.71
CA VAL B 296 0.00 -5.18 15.12
C VAL B 296 1.17 -5.96 15.71
N LEU B 297 1.43 -5.74 17.00
CA LEU B 297 2.46 -6.46 17.71
C LEU B 297 1.87 -7.72 18.34
N TRP B 298 2.70 -8.46 19.07
CA TRP B 298 2.29 -9.69 19.73
C TRP B 298 2.33 -9.49 21.24
N HIS B 299 1.14 -9.57 21.86
CA HIS B 299 1.00 -9.42 23.30
C HIS B 299 1.64 -8.14 23.82
N GLU B 300 2.70 -8.27 24.60
CA GLU B 300 3.35 -7.11 25.20
C GLU B 300 4.34 -6.44 24.24
N ARG B 301 4.90 -7.19 23.29
CA ARG B 301 5.71 -6.65 22.20
C ARG B 301 6.28 -7.76 21.32
N ASP B 302 6.67 -7.39 20.10
CA ASP B 302 7.64 -8.16 19.33
C ASP B 302 8.57 -7.17 18.64
N ILE B 303 9.83 -7.57 18.50
CA ILE B 303 10.89 -6.64 18.11
C ILE B 303 10.85 -6.37 16.61
N SER B 304 9.79 -6.82 15.94
CA SER B 304 9.71 -6.71 14.49
C SER B 304 9.72 -5.26 14.01
N HIS B 305 9.19 -4.34 14.82
CA HIS B 305 9.04 -2.97 14.37
C HIS B 305 10.33 -2.17 14.39
N SER B 306 11.37 -2.66 15.09
CA SER B 306 12.59 -1.87 15.22
C SER B 306 13.34 -1.78 13.90
N SER B 307 13.58 -2.92 13.25
CA SER B 307 14.35 -2.93 12.02
C SER B 307 13.66 -2.11 10.93
N ALA B 308 12.33 -2.19 10.84
CA ALA B 308 11.61 -1.40 9.85
C ALA B 308 11.70 0.09 10.16
N GLU B 309 11.60 0.46 11.44
CA GLU B 309 11.70 1.87 11.80
C GLU B 309 13.13 2.38 11.62
N ARG B 310 14.14 1.51 11.81
CA ARG B 310 15.52 1.91 11.52
C ARG B 310 15.70 2.30 10.06
N PHE B 311 14.83 1.83 9.17
CA PHE B 311 14.89 2.18 7.76
C PHE B 311 14.03 3.40 7.44
N TYR B 312 12.72 3.30 7.67
CA TYR B 312 11.79 4.26 7.09
C TYR B 312 11.70 5.55 7.89
N LEU B 313 11.82 5.49 9.22
CA LEU B 313 11.73 6.72 10.01
C LEU B 313 12.83 7.72 9.70
N PRO B 314 14.11 7.34 9.61
CA PRO B 314 15.12 8.35 9.25
C PRO B 314 14.92 8.94 7.87
N ASP B 315 14.40 8.16 6.92
CA ASP B 315 14.17 8.67 5.58
C ASP B 315 12.86 9.46 5.50
N ASN B 316 11.83 9.01 6.23
CA ASN B 316 10.55 9.70 6.20
C ASN B 316 10.72 11.16 6.64
N PHE B 317 11.42 11.38 7.75
CA PHE B 317 11.68 12.75 8.18
C PHE B 317 12.64 13.45 7.24
N GLY B 318 13.64 12.72 6.74
CA GLY B 318 14.59 13.33 5.82
C GLY B 318 13.94 13.77 4.52
N ILE B 319 13.18 12.87 3.90
CA ILE B 319 12.51 13.20 2.64
C ILE B 319 11.51 14.34 2.85
N MET B 320 10.79 14.31 3.97
CA MET B 320 9.79 15.34 4.24
C MET B 320 10.42 16.73 4.26
N VAL B 321 11.44 16.91 5.09
CA VAL B 321 12.10 18.22 5.20
C VAL B 321 12.76 18.58 3.87
N TYR B 322 13.48 17.62 3.28
CA TYR B 322 14.12 17.86 1.99
C TYR B 322 13.10 18.28 0.93
N ALA B 323 11.95 17.61 0.89
CA ALA B 323 10.96 17.90 -0.14
C ALA B 323 10.28 19.24 0.10
N LEU B 324 9.90 19.52 1.34
CA LEU B 324 9.24 20.79 1.64
C LEU B 324 10.13 21.97 1.30
N ARG B 325 11.43 21.85 1.58
CA ARG B 325 12.35 22.95 1.32
C ARG B 325 12.51 23.19 -0.18
N ARG B 326 12.71 22.12 -0.96
CA ARG B 326 12.87 22.30 -2.40
C ARG B 326 11.59 22.82 -3.03
N MET B 327 10.42 22.41 -2.53
CA MET B 327 9.18 22.96 -3.02
C MET B 327 9.04 24.43 -2.66
N LYS B 328 9.52 24.82 -1.47
CA LYS B 328 9.53 26.22 -1.09
C LYS B 328 10.40 27.03 -2.05
N ASN B 329 11.58 26.52 -2.35
CA ASN B 329 12.49 27.23 -3.25
C ASN B 329 11.97 27.30 -4.67
N THR B 330 11.24 26.26 -5.10
CA THR B 330 10.71 26.25 -6.46
C THR B 330 9.54 27.22 -6.62
N ILE B 331 8.71 27.35 -5.59
CA ILE B 331 7.54 28.22 -5.68
C ILE B 331 7.97 29.68 -5.83
N ASP B 332 8.85 30.15 -4.93
CA ASP B 332 9.28 31.55 -4.97
C ASP B 332 9.97 31.89 -6.28
N ASN B 333 10.77 30.96 -6.81
CA ASN B 333 11.54 31.19 -8.01
C ASN B 333 10.79 30.80 -9.29
N LEU B 334 9.51 30.46 -9.19
CA LEU B 334 8.79 30.07 -10.40
C LEU B 334 8.42 31.32 -11.21
N VAL B 335 8.66 31.23 -12.51
CA VAL B 335 8.44 32.35 -13.41
C VAL B 335 7.04 32.23 -14.01
N VAL B 336 6.19 33.23 -13.76
CA VAL B 336 4.84 33.26 -14.28
C VAL B 336 4.82 34.13 -15.53
N GLN B 337 4.25 33.60 -16.62
CA GLN B 337 4.17 34.30 -17.90
C GLN B 337 2.75 34.84 -18.05
N ARG B 338 2.56 36.09 -17.65
CA ARG B 338 1.21 36.65 -17.51
C ARG B 338 0.52 36.79 -18.85
N ASP B 339 1.23 37.31 -19.86
CA ASP B 339 0.59 37.58 -21.14
C ASP B 339 0.10 36.31 -21.82
N ILE B 340 0.94 35.27 -21.83
CA ILE B 340 0.54 33.99 -22.42
C ILE B 340 -0.65 33.42 -21.65
N ILE B 341 -0.67 33.60 -20.33
CA ILE B 341 -1.79 33.14 -19.52
C ILE B 341 -3.06 33.87 -19.92
N GLU B 342 -2.98 35.19 -20.09
CA GLU B 342 -4.15 35.99 -20.41
C GLU B 342 -4.45 36.05 -21.90
N ASP B 343 -3.49 35.68 -22.76
CA ASP B 343 -3.80 35.56 -24.18
C ASP B 343 -4.61 34.31 -24.46
N ARG B 344 -4.43 33.26 -23.65
CA ARG B 344 -5.24 32.05 -23.79
C ARG B 344 -6.70 32.32 -23.47
N VAL B 345 -6.98 33.27 -22.57
CA VAL B 345 -8.37 33.62 -22.29
C VAL B 345 -8.94 34.47 -23.41
N ARG B 346 -8.12 35.30 -24.07
CA ARG B 346 -8.60 36.08 -25.20
C ARG B 346 -8.88 35.20 -26.41
N SER B 347 -8.20 34.06 -26.53
CA SER B 347 -8.37 33.17 -27.66
C SER B 347 -9.52 32.18 -27.48
N THR B 348 -10.04 32.03 -26.27
CA THR B 348 -11.18 31.17 -26.03
C THR B 348 -12.47 31.98 -26.07
N SER B 349 -13.54 31.34 -26.55
CA SER B 349 -14.77 32.06 -26.84
C SER B 349 -16.01 31.30 -26.43
N ALA B 350 -16.04 29.99 -26.69
CA ALA B 350 -17.26 29.21 -26.58
C ALA B 350 -17.85 29.20 -25.17
N TYR B 351 -17.05 29.51 -24.15
CA TYR B 351 -17.57 29.47 -22.79
C TYR B 351 -18.60 30.56 -22.53
N LEU B 352 -18.64 31.61 -23.36
CA LEU B 352 -19.61 32.68 -23.18
C LEU B 352 -21.04 32.23 -23.45
N SER B 353 -21.21 31.09 -24.15
CA SER B 353 -22.56 30.61 -24.43
C SER B 353 -23.30 30.28 -23.15
N SER B 354 -22.61 29.71 -22.16
CA SER B 354 -23.23 29.41 -20.88
C SER B 354 -23.52 30.68 -20.09
N PHE B 355 -22.71 31.72 -20.26
CA PHE B 355 -22.91 32.96 -19.52
C PHE B 355 -24.13 33.71 -20.05
N TYR B 356 -24.23 33.86 -21.37
CA TYR B 356 -25.39 34.53 -21.94
C TYR B 356 -26.66 33.71 -21.78
N LEU B 357 -26.53 32.39 -21.71
CA LEU B 357 -27.71 31.52 -21.52
C LEU B 357 -28.36 31.79 -20.17
N HIS B 358 -27.58 31.68 -19.09
CA HIS B 358 -28.11 31.96 -17.76
C HIS B 358 -28.53 33.40 -17.60
N PHE B 359 -28.01 34.30 -18.44
CA PHE B 359 -28.42 35.70 -18.37
C PHE B 359 -29.83 35.88 -18.92
N LEU B 360 -30.12 35.25 -20.06
CA LEU B 360 -31.46 35.36 -20.64
C LEU B 360 -32.48 34.55 -19.85
N VAL B 361 -32.04 33.50 -19.15
CA VAL B 361 -32.96 32.69 -18.37
C VAL B 361 -33.37 33.44 -17.10
N ALA B 362 -32.40 33.96 -16.37
CA ALA B 362 -32.70 34.61 -15.09
C ALA B 362 -33.42 35.94 -15.27
N ASN B 363 -33.37 36.54 -16.46
CA ASN B 363 -33.96 37.85 -16.70
C ASN B 363 -35.17 37.74 -17.61
N THR B 364 -34.98 37.41 -18.88
CA THR B 364 -36.09 37.30 -19.80
C THR B 364 -36.96 36.11 -19.45
N PRO B 365 -38.30 36.25 -19.51
CA PRO B 365 -39.17 35.12 -19.17
C PRO B 365 -39.21 34.04 -20.25
N PHE B 366 -38.04 33.64 -20.73
CA PHE B 366 -37.90 32.59 -21.74
C PHE B 366 -37.30 31.35 -21.09
N MET B 367 -37.68 30.19 -21.61
CA MET B 367 -37.23 28.93 -21.03
C MET B 367 -35.83 28.57 -21.52
N ARG B 368 -35.31 27.44 -21.01
CA ARG B 368 -33.93 27.07 -21.32
C ARG B 368 -33.74 26.80 -22.80
N GLU B 369 -34.67 26.08 -23.43
CA GLU B 369 -34.55 25.81 -24.86
C GLU B 369 -34.72 27.07 -25.69
N ASP B 370 -35.55 28.01 -25.22
CA ASP B 370 -35.75 29.26 -25.96
C ASP B 370 -34.52 30.14 -25.92
N CYS B 371 -33.89 30.26 -24.74
CA CYS B 371 -32.70 31.09 -24.61
C CYS B 371 -31.49 30.47 -25.30
N TYR B 372 -31.50 29.15 -25.49
CA TYR B 372 -30.36 28.46 -26.09
C TYR B 372 -30.27 28.71 -27.59
N LYS B 373 -31.41 28.62 -28.28
CA LYS B 373 -31.67 28.86 -29.70
C LYS B 373 -31.01 30.13 -30.21
N ILE B 374 -31.30 31.16 -29.41
CA ILE B 374 -31.00 32.52 -29.86
C ILE B 374 -29.54 32.89 -29.59
N VAL B 375 -28.96 32.37 -28.51
CA VAL B 375 -27.59 32.74 -28.15
C VAL B 375 -26.60 32.31 -29.23
N GLN B 376 -26.72 31.06 -29.70
CA GLN B 376 -25.81 30.59 -30.73
C GLN B 376 -26.22 31.03 -32.13
N GLN B 377 -27.48 31.45 -32.32
CA GLN B 377 -27.81 32.18 -33.53
C GLN B 377 -27.06 33.51 -33.60
N VAL B 378 -26.93 34.19 -32.46
CA VAL B 378 -26.19 35.42 -32.39
C VAL B 378 -24.68 35.15 -32.44
N GLU B 386 -15.98 42.30 -32.56
CA GLU B 386 -17.20 42.99 -32.15
C GLU B 386 -17.43 42.78 -30.64
N SER B 387 -18.69 42.86 -30.21
CA SER B 387 -19.06 42.60 -28.82
C SER B 387 -20.43 41.95 -28.82
N PHE B 388 -20.48 40.69 -28.36
CA PHE B 388 -21.72 39.93 -28.46
C PHE B 388 -22.85 40.55 -27.63
N SER B 389 -22.52 41.21 -26.53
CA SER B 389 -23.54 41.79 -25.66
C SER B 389 -24.45 42.74 -26.42
N LYS B 390 -23.87 43.61 -27.26
CA LYS B 390 -24.68 44.53 -28.05
C LYS B 390 -25.50 43.79 -29.09
N LYS B 391 -24.96 42.71 -29.65
CA LYS B 391 -25.71 41.95 -30.66
C LYS B 391 -26.88 41.21 -30.02
N LEU B 392 -26.65 40.55 -28.88
CA LEU B 392 -27.73 39.85 -28.21
C LEU B 392 -28.80 40.80 -27.70
N GLN B 393 -28.38 41.96 -27.18
CA GLN B 393 -29.33 42.98 -26.72
C GLN B 393 -30.10 43.58 -27.90
N LYS B 394 -29.47 43.63 -29.08
CA LYS B 394 -30.19 44.07 -30.27
C LYS B 394 -31.28 43.07 -30.65
N VAL B 395 -31.00 41.78 -30.46
CA VAL B 395 -32.00 40.76 -30.76
C VAL B 395 -33.14 40.80 -29.74
N MET B 396 -32.80 40.98 -28.46
CA MET B 396 -33.83 41.06 -27.43
C MET B 396 -34.73 42.27 -27.63
N HIS B 397 -34.19 43.36 -28.16
CA HIS B 397 -34.96 44.59 -28.30
C HIS B 397 -35.84 44.56 -29.54
N ASP B 398 -35.46 43.81 -30.58
CA ASP B 398 -36.20 43.80 -31.83
C ASP B 398 -37.22 42.67 -31.87
N GLU B 399 -36.75 41.46 -32.20
CA GLU B 399 -37.67 40.32 -32.33
C GLU B 399 -38.32 39.99 -31.00
N HIS B 400 -37.51 39.79 -29.97
CA HIS B 400 -38.07 39.46 -28.65
C HIS B 400 -38.84 40.64 -28.07
N ASN B 401 -38.39 41.87 -28.34
CA ASN B 401 -39.00 43.08 -27.79
C ASN B 401 -38.83 43.16 -26.28
N ILE B 402 -37.63 42.84 -25.81
CA ILE B 402 -37.25 42.99 -24.41
C ILE B 402 -36.21 44.09 -24.29
N ILE B 403 -36.45 45.03 -23.39
CA ILE B 403 -35.51 46.09 -23.07
C ILE B 403 -34.80 45.71 -21.78
N LEU B 404 -33.51 45.36 -21.91
CA LEU B 404 -32.65 44.98 -20.81
C LEU B 404 -31.22 45.42 -21.16
N ASP B 405 -30.38 45.59 -20.14
CA ASP B 405 -29.00 46.04 -20.35
C ASP B 405 -28.07 44.83 -20.14
N ILE B 406 -27.39 44.44 -21.21
CA ILE B 406 -26.46 43.31 -21.18
C ILE B 406 -25.05 43.85 -21.01
N PRO B 407 -24.32 43.48 -19.95
CA PRO B 407 -22.98 44.02 -19.74
C PRO B 407 -22.01 43.59 -20.83
N GLU B 408 -21.04 44.46 -21.10
CA GLU B 408 -20.05 44.19 -22.13
C GLU B 408 -19.17 43.01 -21.75
N MET B 409 -19.00 42.07 -22.70
CA MET B 409 -18.23 40.85 -22.47
C MET B 409 -16.83 40.93 -23.05
N ASP B 410 -16.26 42.13 -23.13
CA ASP B 410 -14.88 42.25 -23.60
C ASP B 410 -13.92 41.74 -22.52
N PHE B 411 -12.63 41.89 -22.79
CA PHE B 411 -11.61 41.32 -21.91
C PHE B 411 -11.73 41.86 -20.49
N GLU B 412 -11.87 43.19 -20.35
CA GLU B 412 -11.99 43.77 -19.02
C GLU B 412 -13.31 43.39 -18.36
N GLY B 413 -14.38 43.27 -19.14
CA GLY B 413 -15.65 42.83 -18.59
C GLY B 413 -15.63 41.36 -18.18
N ILE B 414 -14.82 40.55 -18.85
CA ILE B 414 -14.69 39.15 -18.48
C ILE B 414 -14.03 39.02 -17.11
N LYS B 415 -13.02 39.85 -16.84
CA LYS B 415 -12.36 39.81 -15.54
C LYS B 415 -13.31 40.20 -14.42
N LYS B 416 -14.15 41.22 -14.66
CA LYS B 416 -15.10 41.65 -13.63
C LYS B 416 -16.12 40.58 -13.31
N THR B 417 -16.54 39.81 -14.32
CA THR B 417 -17.58 38.81 -14.11
C THR B 417 -17.06 37.63 -13.31
N TYR B 418 -15.94 37.05 -13.72
CA TYR B 418 -15.46 35.81 -13.10
C TYR B 418 -14.73 36.06 -11.80
N LEU B 419 -13.96 37.14 -11.71
CA LEU B 419 -13.21 37.47 -10.51
C LEU B 419 -13.98 38.36 -9.55
N LYS B 420 -15.31 38.39 -9.65
CA LYS B 420 -16.11 39.30 -8.83
C LYS B 420 -16.03 38.93 -7.36
N GLU B 421 -15.96 37.63 -7.04
CA GLU B 421 -15.96 37.17 -5.67
C GLU B 421 -14.60 36.67 -5.22
N ILE B 422 -13.53 37.06 -5.91
CA ILE B 422 -12.19 36.62 -5.52
C ILE B 422 -11.77 37.25 -4.20
N ASP B 423 -12.33 38.41 -3.84
CA ASP B 423 -12.03 39.01 -2.55
C ASP B 423 -12.58 38.17 -1.40
N HIS B 424 -13.78 37.60 -1.58
CA HIS B 424 -14.39 36.81 -0.53
C HIS B 424 -13.65 35.49 -0.32
N VAL B 425 -13.13 34.90 -1.39
CA VAL B 425 -12.42 33.62 -1.28
C VAL B 425 -11.13 33.80 -0.48
N PHE B 426 -10.37 34.86 -0.78
CA PHE B 426 -9.12 35.09 -0.08
C PHE B 426 -9.36 35.44 1.39
N ASP B 427 -10.36 36.28 1.66
CA ASP B 427 -10.58 36.72 3.04
C ASP B 427 -11.08 35.58 3.92
N ARG B 428 -11.85 34.64 3.36
CA ARG B 428 -12.34 33.52 4.16
C ARG B 428 -11.30 32.42 4.31
N SER B 429 -10.31 32.36 3.42
CA SER B 429 -9.28 31.35 3.45
C SER B 429 -8.06 31.76 4.27
N VAL B 430 -7.95 33.03 4.63
CA VAL B 430 -6.85 33.54 5.45
C VAL B 430 -7.44 34.25 6.66
N LYS B 431 -6.97 33.88 7.85
CA LYS B 431 -7.58 34.26 9.13
C LYS B 431 -7.78 35.77 9.26
N ALA B 432 -6.69 36.53 9.33
CA ALA B 432 -6.78 37.95 9.58
C ALA B 432 -7.03 38.78 8.33
N ARG B 433 -6.93 38.18 7.14
CA ARG B 433 -7.08 38.89 5.88
C ARG B 433 -8.45 39.57 5.78
N MET C 1 19.35 3.01 3.12
CA MET C 1 20.16 1.94 3.70
C MET C 1 21.00 2.45 4.86
N ILE C 2 21.06 1.67 5.93
CA ILE C 2 21.82 2.03 7.11
C ILE C 2 22.97 1.03 7.29
N LYS C 3 23.95 1.43 8.09
CA LYS C 3 25.14 0.61 8.27
C LYS C 3 24.85 -0.66 9.05
N ARG C 4 23.83 -0.64 9.91
CA ARG C 4 23.54 -1.79 10.75
C ARG C 4 23.21 -3.02 9.91
N TYR C 5 22.55 -2.83 8.77
CA TYR C 5 22.18 -3.92 7.89
C TYR C 5 22.89 -3.86 6.54
N ASP C 6 23.98 -3.12 6.45
CA ASP C 6 24.66 -2.93 5.18
C ASP C 6 25.38 -4.21 4.75
N VAL C 7 25.17 -4.62 3.50
CA VAL C 7 25.82 -5.78 2.91
C VAL C 7 26.89 -5.29 1.95
N ALA C 8 28.11 -5.80 2.11
CA ALA C 8 29.28 -5.31 1.39
C ALA C 8 29.11 -5.34 -0.12
N GLU C 9 29.06 -6.55 -0.70
CA GLU C 9 29.07 -6.68 -2.16
C GLU C 9 27.85 -6.02 -2.80
N ILE C 10 26.73 -5.94 -2.09
CA ILE C 10 25.53 -5.35 -2.67
C ILE C 10 25.59 -3.83 -2.59
N SER C 11 26.04 -3.29 -1.45
CA SER C 11 26.14 -1.83 -1.33
C SER C 11 27.17 -1.26 -2.30
N LYS C 12 28.20 -2.03 -2.63
CA LYS C 12 29.21 -1.55 -3.58
C LYS C 12 28.65 -1.47 -4.99
N ILE C 13 27.76 -2.39 -5.37
CA ILE C 13 27.19 -2.37 -6.71
C ILE C 13 26.39 -1.09 -6.94
N TRP C 14 25.74 -0.56 -5.90
CA TRP C 14 24.86 0.58 -6.03
C TRP C 14 25.49 1.88 -5.54
N ALA C 15 26.76 1.86 -5.15
CA ALA C 15 27.42 3.08 -4.74
C ALA C 15 27.68 3.98 -5.96
N ASP C 16 28.13 5.20 -5.68
CA ASP C 16 28.36 6.17 -6.75
C ASP C 16 29.44 5.68 -7.72
N GLU C 17 30.48 5.02 -7.20
CA GLU C 17 31.58 4.59 -8.06
C GLU C 17 31.11 3.56 -9.08
N ASN C 18 30.49 2.48 -8.62
CA ASN C 18 30.07 1.43 -9.54
C ASN C 18 28.89 1.85 -10.39
N LYS C 19 28.13 2.85 -9.96
CA LYS C 19 27.12 3.44 -10.84
C LYS C 19 27.76 4.04 -12.08
N TYR C 20 28.78 4.88 -11.87
CA TYR C 20 29.48 5.50 -13.00
C TYR C 20 30.31 4.48 -13.76
N ALA C 21 30.86 3.48 -13.08
CA ALA C 21 31.65 2.46 -13.75
C ALA C 21 30.81 1.69 -14.76
N LYS C 22 29.53 1.46 -14.47
CA LYS C 22 28.67 0.78 -15.41
C LYS C 22 28.21 1.71 -16.53
N MET C 23 27.95 2.98 -16.20
CA MET C 23 27.62 3.95 -17.23
C MET C 23 28.77 4.11 -18.21
N LEU C 24 30.02 4.00 -17.74
CA LEU C 24 31.16 4.07 -18.62
C LEU C 24 31.16 2.92 -19.62
N GLU C 25 30.92 1.70 -19.14
CA GLU C 25 30.87 0.54 -20.02
C GLU C 25 29.81 0.71 -21.09
N VAL C 26 28.65 1.27 -20.72
CA VAL C 26 27.60 1.53 -21.70
C VAL C 26 28.05 2.57 -22.70
N GLU C 27 28.77 3.59 -22.25
CA GLU C 27 29.30 4.60 -23.17
C GLU C 27 30.27 3.98 -24.16
N LEU C 28 31.08 3.03 -23.71
CA LEU C 28 32.07 2.38 -24.58
C LEU C 28 31.46 1.26 -25.41
N ALA C 29 30.35 0.67 -24.96
CA ALA C 29 29.69 -0.36 -25.75
C ALA C 29 29.09 0.23 -27.03
N ILE C 30 28.45 1.40 -26.93
CA ILE C 30 27.91 2.04 -28.11
C ILE C 30 29.01 2.72 -28.91
N LEU C 31 30.10 3.14 -28.25
CA LEU C 31 31.20 3.76 -28.96
C LEU C 31 31.91 2.77 -29.88
N GLU C 32 32.11 1.55 -29.40
CA GLU C 32 32.71 0.51 -30.25
C GLU C 32 31.78 0.14 -31.39
N ALA C 33 30.46 0.22 -31.19
CA ALA C 33 29.52 -0.04 -32.27
C ALA C 33 29.58 1.06 -33.33
N LEU C 34 29.90 2.28 -32.93
CA LEU C 34 30.01 3.39 -33.88
C LEU C 34 31.34 3.40 -34.63
N GLU C 35 32.28 2.51 -34.26
CA GLU C 35 33.55 2.44 -34.98
C GLU C 35 33.37 2.00 -36.43
N ASP C 36 32.28 1.29 -36.73
CA ASP C 36 32.01 0.94 -38.11
C ASP C 36 31.67 2.18 -38.94
N ARG C 37 30.99 3.14 -38.33
CA ARG C 37 30.64 4.39 -39.00
C ARG C 37 31.70 5.46 -38.73
N VAL C 39 33.48 7.20 -36.46
CA VAL C 39 34.33 6.96 -35.31
C VAL C 39 35.48 6.03 -35.69
N PRO C 40 36.71 6.44 -35.41
CA PRO C 40 37.86 5.61 -35.74
C PRO C 40 37.88 4.33 -34.94
N LYS C 41 38.61 3.33 -35.47
CA LYS C 41 38.77 2.06 -34.78
C LYS C 41 39.67 2.23 -33.56
N GLY C 42 39.33 1.51 -32.49
CA GLY C 42 40.13 1.53 -31.28
C GLY C 42 39.87 2.71 -30.36
N THR C 43 38.97 3.62 -30.73
CA THR C 43 38.67 4.76 -29.87
C THR C 43 38.07 4.31 -28.54
N ALA C 44 37.07 3.43 -28.60
CA ALA C 44 36.47 2.92 -27.37
C ALA C 44 37.48 2.10 -26.57
N ALA C 45 38.35 1.36 -27.26
CA ALA C 45 39.36 0.58 -26.56
C ALA C 45 40.40 1.48 -25.91
N GLU C 46 40.75 2.59 -26.56
CA GLU C 46 41.71 3.51 -25.98
C GLU C 46 41.12 4.21 -24.75
N ILE C 47 39.87 4.67 -24.84
CA ILE C 47 39.22 5.27 -23.69
C ILE C 47 39.04 4.25 -22.58
N ARG C 48 38.81 2.99 -22.94
CA ARG C 48 38.60 1.94 -21.94
C ARG C 48 39.82 1.73 -21.07
N ALA C 49 41.03 1.91 -21.62
CA ALA C 49 42.24 1.54 -20.91
C ALA C 49 42.70 2.62 -19.93
N ARG C 50 42.37 3.89 -20.17
CA ARG C 50 42.82 4.99 -19.34
C ARG C 50 41.72 5.61 -18.50
N ALA C 51 40.47 5.20 -18.67
CA ALA C 51 39.36 5.87 -18.02
C ALA C 51 39.47 5.78 -16.51
N GLN C 52 39.11 6.88 -15.84
CA GLN C 52 39.11 6.98 -14.39
C GLN C 52 37.74 7.42 -13.91
N ILE C 53 37.24 6.77 -12.85
CA ILE C 53 35.98 7.13 -12.24
C ILE C 53 36.29 7.95 -11.00
N ARG C 54 35.80 9.20 -10.98
CA ARG C 54 36.14 10.17 -9.94
C ARG C 54 34.85 10.77 -9.39
N PRO C 55 34.27 10.16 -8.35
CA PRO C 55 32.97 10.64 -7.86
C PRO C 55 33.02 12.02 -7.24
N GLU C 56 34.16 12.41 -6.65
CA GLU C 56 34.28 13.73 -6.08
C GLU C 56 34.30 14.80 -7.17
N ARG C 57 34.94 14.51 -8.30
CA ARG C 57 34.97 15.47 -9.41
C ARG C 57 33.59 15.64 -10.03
N VAL C 58 32.83 14.55 -10.18
CA VAL C 58 31.49 14.65 -10.76
C VAL C 58 30.60 15.50 -9.88
N ASP C 59 30.74 15.41 -8.56
CA ASP C 59 29.94 16.23 -7.65
C ASP C 59 30.19 17.71 -7.89
N GLU C 60 31.44 18.09 -8.15
CA GLU C 60 31.76 19.50 -8.36
C GLU C 60 31.22 20.01 -9.69
N ILE C 61 31.34 19.20 -10.75
CA ILE C 61 30.77 19.59 -12.03
C ILE C 61 29.26 19.71 -11.94
N GLU C 62 28.63 18.81 -11.17
CA GLU C 62 27.18 18.79 -11.09
C GLU C 62 26.63 20.02 -10.37
N LYS C 63 27.40 20.61 -9.46
CA LYS C 63 26.96 21.81 -8.77
C LYS C 63 26.73 22.98 -9.72
N VAL C 64 27.33 22.96 -10.90
CA VAL C 64 27.16 24.02 -11.88
C VAL C 64 26.24 23.59 -13.02
N THR C 65 26.49 22.42 -13.59
CA THR C 65 25.71 21.97 -14.75
C THR C 65 24.29 21.56 -14.39
N LYS C 66 24.05 21.16 -13.13
CA LYS C 66 22.73 20.71 -12.67
C LYS C 66 22.24 19.52 -13.49
N HIS C 67 23.16 18.70 -13.99
CA HIS C 67 22.80 17.56 -14.83
C HIS C 67 23.82 16.46 -14.57
N ASP C 68 23.39 15.39 -13.90
CA ASP C 68 24.32 14.34 -13.46
C ASP C 68 25.02 13.69 -14.65
N ILE C 69 24.30 13.47 -15.74
CA ILE C 69 24.88 12.78 -16.89
C ILE C 69 25.89 13.66 -17.59
N ILE C 70 25.55 14.93 -17.83
CA ILE C 70 26.49 15.87 -18.42
C ILE C 70 27.70 16.06 -17.50
N ALA C 71 27.47 16.03 -16.18
CA ALA C 71 28.60 16.12 -15.25
C ALA C 71 29.48 14.88 -15.34
N PHE C 72 28.88 13.70 -15.51
CA PHE C 72 29.68 12.50 -15.73
C PHE C 72 30.42 12.57 -17.05
N CYS C 73 29.77 13.07 -18.10
CA CYS C 73 30.43 13.21 -19.39
C CYS C 73 31.57 14.21 -19.33
N THR C 74 31.36 15.33 -18.64
CA THR C 74 32.41 16.34 -18.51
C THR C 74 33.61 15.78 -17.76
N SER C 75 33.36 14.97 -16.73
CA SER C 75 34.46 14.38 -15.98
C SER C 75 35.24 13.36 -16.80
N ILE C 76 34.59 12.72 -17.77
CA ILE C 76 35.26 11.72 -18.58
C ILE C 76 36.00 12.35 -19.74
N ALA C 77 35.36 13.30 -20.42
CA ALA C 77 35.98 13.93 -21.59
C ALA C 77 37.22 14.72 -21.22
N GLU C 78 37.26 15.30 -20.01
CA GLU C 78 38.41 16.09 -19.58
C GLU C 78 39.65 15.25 -19.31
N GLN C 79 39.63 13.95 -19.58
CA GLN C 79 40.75 13.04 -19.40
C GLN C 79 41.49 12.76 -20.72
N PHE C 80 40.92 13.19 -21.84
CA PHE C 80 41.42 12.84 -23.17
C PHE C 80 41.57 14.10 -24.01
N THR C 81 41.95 13.90 -25.27
CA THR C 81 42.08 15.00 -26.20
C THR C 81 40.70 15.42 -26.71
N ALA C 82 40.65 16.62 -27.31
CA ALA C 82 39.41 17.09 -27.89
C ALA C 82 38.95 16.19 -29.03
N GLU C 83 39.91 15.57 -29.74
CA GLU C 83 39.56 14.67 -30.83
C GLU C 83 39.21 13.27 -30.32
N THR C 84 39.96 12.78 -29.32
CA THR C 84 39.70 11.43 -28.82
C THR C 84 38.32 11.31 -28.18
N GLY C 85 37.89 12.36 -27.49
CA GLY C 85 36.58 12.35 -26.87
C GLY C 85 35.54 13.10 -27.68
N LYS C 86 35.79 13.26 -28.97
CA LYS C 86 34.88 14.02 -29.83
C LYS C 86 33.54 13.30 -29.98
N PHE C 87 33.58 12.00 -30.26
CA PHE C 87 32.37 11.22 -30.47
C PHE C 87 31.84 10.58 -29.19
N PHE C 88 32.32 11.03 -28.03
CA PHE C 88 31.78 10.53 -26.78
C PHE C 88 30.40 11.10 -26.54
N HIS C 89 29.47 10.24 -26.09
CA HIS C 89 28.09 10.63 -25.83
C HIS C 89 27.42 11.17 -27.09
N PHE C 90 27.80 10.64 -28.25
CA PHE C 90 27.32 11.14 -29.53
C PHE C 90 26.07 10.37 -29.96
N GLY C 91 25.02 11.12 -30.32
CA GLY C 91 23.81 10.52 -30.85
C GLY C 91 22.88 9.96 -29.80
N VAL C 92 23.43 9.49 -28.68
CA VAL C 92 22.61 8.89 -27.64
C VAL C 92 21.95 9.98 -26.79
N THR C 93 20.89 9.60 -26.11
CA THR C 93 20.28 10.44 -25.09
C THR C 93 20.80 10.02 -23.72
N SER C 94 20.61 10.91 -22.74
CA SER C 94 21.10 10.63 -21.40
C SER C 94 20.52 9.33 -20.86
N SER C 95 19.23 9.10 -21.10
CA SER C 95 18.58 7.89 -20.58
C SER C 95 19.03 6.63 -21.30
N ASP C 96 19.62 6.76 -22.50
CA ASP C 96 20.24 5.60 -23.12
C ASP C 96 21.40 5.08 -22.29
N ILE C 97 22.08 5.96 -21.56
CA ILE C 97 23.21 5.55 -20.74
C ILE C 97 22.74 5.05 -19.38
N ILE C 98 21.80 5.77 -18.75
CA ILE C 98 21.37 5.43 -17.40
C ILE C 98 20.68 4.08 -17.38
N ASP C 99 19.62 3.92 -18.18
CA ASP C 99 18.80 2.72 -18.06
C ASP C 99 19.55 1.49 -18.57
N SER C 100 20.40 1.64 -19.58
CA SER C 100 21.21 0.51 -20.01
C SER C 100 22.21 0.10 -18.94
N ALA C 101 22.74 1.06 -18.19
CA ALA C 101 23.65 0.75 -17.09
C ALA C 101 22.90 0.23 -15.87
N LEU C 102 21.70 0.75 -15.62
CA LEU C 102 20.91 0.27 -14.49
C LEU C 102 20.62 -1.22 -14.60
N SER C 103 20.40 -1.70 -15.83
CA SER C 103 20.18 -3.12 -16.04
C SER C 103 21.39 -3.94 -15.58
N LEU C 104 22.60 -3.47 -15.91
CA LEU C 104 23.80 -4.16 -15.48
C LEU C 104 23.94 -4.14 -13.96
N GLN C 105 23.46 -3.08 -13.31
CA GLN C 105 23.44 -3.03 -11.86
C GLN C 105 22.43 -4.03 -11.31
N ILE C 106 21.20 -4.01 -11.84
CA ILE C 106 20.17 -4.92 -11.39
C ILE C 106 20.62 -6.36 -11.59
N ARG C 107 21.16 -6.67 -12.78
CA ARG C 107 21.63 -8.01 -13.06
C ARG C 107 22.69 -8.46 -12.07
N ASP C 108 23.64 -7.58 -11.75
CA ASP C 108 24.66 -7.91 -10.76
C ASP C 108 24.04 -8.11 -9.38
N SER C 109 22.94 -7.42 -9.10
CA SER C 109 22.23 -7.64 -7.83
C SER C 109 21.41 -8.92 -7.88
N MET C 110 20.76 -9.19 -9.01
CA MET C 110 19.96 -10.42 -9.13
C MET C 110 20.83 -11.66 -9.02
N SER C 111 22.09 -11.59 -9.44
CA SER C 111 22.96 -12.75 -9.36
C SER C 111 23.25 -13.13 -7.91
N TYR C 112 23.38 -12.13 -7.03
CA TYR C 112 23.57 -12.43 -5.62
C TYR C 112 22.28 -12.93 -4.97
N VAL C 113 21.15 -12.29 -5.30
CA VAL C 113 19.87 -12.70 -4.72
C VAL C 113 19.55 -14.13 -5.11
N ILE C 114 19.76 -14.49 -6.37
CA ILE C 114 19.54 -15.86 -6.81
C ILE C 114 20.38 -16.83 -6.00
N LYS C 115 21.67 -16.53 -5.84
CA LYS C 115 22.55 -17.43 -5.10
C LYS C 115 22.15 -17.51 -3.63
N ASP C 116 21.71 -16.39 -3.05
CA ASP C 116 21.27 -16.40 -1.66
C ASP C 116 19.90 -17.05 -1.52
N LEU C 117 19.07 -17.00 -2.56
CA LEU C 117 17.79 -17.69 -2.51
C LEU C 117 17.95 -19.19 -2.71
N GLU C 118 18.89 -19.59 -3.57
CA GLU C 118 19.22 -21.01 -3.69
C GLU C 118 19.76 -21.56 -2.39
N ALA C 119 20.55 -20.75 -1.68
CA ALA C 119 21.13 -21.20 -0.41
C ALA C 119 20.05 -21.41 0.64
N LEU C 120 19.01 -20.57 0.64
CA LEU C 120 17.92 -20.75 1.60
C LEU C 120 17.12 -22.01 1.30
N CYS C 121 16.94 -22.33 0.01
CA CYS C 121 16.26 -23.57 -0.36
C CYS C 121 17.06 -24.79 0.09
N ASP C 122 18.39 -24.68 0.09
CA ASP C 122 19.21 -25.80 0.55
C ASP C 122 19.06 -26.01 2.05
N SER C 123 18.99 -24.93 2.83
CA SER C 123 18.84 -25.07 4.27
C SER C 123 17.46 -25.57 4.64
N LEU C 124 16.42 -25.07 3.97
CA LEU C 124 15.06 -25.52 4.26
C LEU C 124 14.89 -27.01 3.94
N LEU C 125 15.46 -27.44 2.81
CA LEU C 125 15.39 -28.85 2.47
C LEU C 125 16.26 -29.71 3.39
N THR C 126 17.26 -29.10 4.04
CA THR C 126 18.05 -29.85 5.02
C THR C 126 17.25 -30.08 6.30
N LYS C 127 16.65 -29.03 6.85
CA LYS C 127 15.84 -29.19 8.04
C LYS C 127 14.57 -29.99 7.78
N ALA C 128 14.11 -30.03 6.52
CA ALA C 128 12.95 -30.85 6.19
C ALA C 128 13.28 -32.33 6.25
N GLU C 129 14.50 -32.71 5.89
CA GLU C 129 14.93 -34.10 5.98
C GLU C 129 15.27 -34.49 7.41
N GLU C 130 15.88 -33.58 8.16
CA GLU C 130 16.24 -33.90 9.55
C GLU C 130 15.00 -34.09 10.42
N THR C 131 13.99 -33.25 10.24
CA THR C 131 12.77 -33.31 11.03
C THR C 131 11.63 -34.02 10.30
N LYS C 132 11.96 -34.88 9.32
CA LYS C 132 10.94 -35.51 8.51
C LYS C 132 10.05 -36.42 9.35
N GLU C 133 10.65 -37.35 10.09
CA GLU C 133 9.91 -38.34 10.86
C GLU C 133 9.53 -37.86 12.26
N ILE C 134 9.62 -36.57 12.52
CA ILE C 134 9.16 -36.02 13.79
C ILE C 134 7.67 -35.74 13.70
N ILE C 135 6.90 -36.29 14.63
CA ILE C 135 5.46 -36.11 14.64
C ILE C 135 5.11 -34.90 15.50
N THR C 136 4.29 -34.01 14.95
CA THR C 136 3.85 -32.81 15.64
C THR C 136 2.36 -32.61 15.43
N MET C 137 1.76 -31.81 16.30
CA MET C 137 0.33 -31.53 16.22
C MET C 137 0.07 -30.47 15.15
N GLY C 138 -0.67 -30.84 14.11
CA GLY C 138 -1.14 -29.85 13.17
C GLY C 138 -2.19 -28.94 13.79
N ARG C 139 -2.19 -27.68 13.37
CA ARG C 139 -3.05 -26.68 13.99
C ARG C 139 -3.83 -25.91 12.93
N SER C 140 -5.15 -25.87 13.08
CA SER C 140 -6.03 -25.05 12.26
C SER C 140 -6.69 -24.02 13.16
N HIS C 141 -6.63 -22.76 12.76
CA HIS C 141 -7.09 -21.63 13.58
C HIS C 141 -6.37 -21.58 14.91
N GLY C 142 -5.13 -22.05 14.94
CA GLY C 142 -4.38 -22.15 16.19
C GLY C 142 -4.83 -23.27 17.10
N MET C 143 -5.73 -24.14 16.63
CA MET C 143 -6.31 -25.20 17.44
C MET C 143 -5.71 -26.54 17.04
N PHE C 144 -5.58 -27.43 18.02
CA PHE C 144 -5.13 -28.78 17.72
C PHE C 144 -6.06 -29.46 16.73
N ALA C 145 -5.50 -29.98 15.64
CA ALA C 145 -6.30 -30.62 14.61
C ALA C 145 -5.95 -32.11 14.52
N GLU C 146 -4.97 -32.44 13.69
CA GLU C 146 -4.50 -33.81 13.53
C GLU C 146 -2.98 -33.82 13.52
N PRO C 147 -2.37 -34.88 14.04
CA PRO C 147 -0.90 -34.94 14.06
C PRO C 147 -0.33 -34.98 12.65
N MET C 148 0.90 -34.51 12.52
CA MET C 148 1.55 -34.40 11.22
C MET C 148 3.07 -34.42 11.42
N SER C 149 3.80 -34.31 10.32
CA SER C 149 5.25 -34.28 10.35
C SER C 149 5.75 -32.87 10.59
N PHE C 150 6.78 -32.74 11.44
CA PHE C 150 7.37 -31.44 11.68
C PHE C 150 8.16 -30.96 10.48
N GLY C 151 8.81 -31.88 9.75
CA GLY C 151 9.54 -31.51 8.55
C GLY C 151 8.67 -31.06 7.41
N GLN C 152 7.37 -31.34 7.46
CA GLN C 152 6.46 -30.85 6.43
C GLN C 152 6.38 -29.33 6.43
N LYS C 153 6.64 -28.71 7.58
CA LYS C 153 6.61 -27.25 7.66
C LYS C 153 7.72 -26.63 6.83
N PHE C 154 8.95 -27.12 6.99
CA PHE C 154 10.08 -26.56 6.23
C PHE C 154 9.95 -26.88 4.75
N LEU C 155 9.48 -28.07 4.40
CA LEU C 155 9.27 -28.41 3.00
C LEU C 155 8.20 -27.53 2.38
N GLY C 156 7.18 -27.15 3.16
CA GLY C 156 6.19 -26.20 2.65
C GLY C 156 6.80 -24.84 2.35
N ALA C 157 7.63 -24.34 3.25
CA ALA C 157 8.36 -23.11 2.97
C ALA C 157 9.37 -23.31 1.85
N TYR C 158 9.94 -24.51 1.74
CA TYR C 158 10.95 -24.76 0.71
C TYR C 158 10.37 -24.58 -0.69
N VAL C 159 9.25 -25.25 -0.98
CA VAL C 159 8.68 -25.18 -2.33
C VAL C 159 8.19 -23.77 -2.64
N GLU C 160 7.83 -23.00 -1.61
CA GLU C 160 7.42 -21.62 -1.85
C GLU C 160 8.59 -20.78 -2.36
N PHE C 161 9.73 -20.85 -1.67
CA PHE C 161 10.92 -20.15 -2.14
C PHE C 161 11.42 -20.72 -3.46
N LYS C 162 11.14 -21.99 -3.73
CA LYS C 162 11.55 -22.49 -5.05
C LYS C 162 10.60 -22.03 -6.14
N ARG C 163 9.35 -21.68 -5.82
CA ARG C 163 8.50 -21.06 -6.82
C ARG C 163 9.01 -19.68 -7.20
N ARG C 164 9.36 -18.86 -6.20
CA ARG C 164 9.94 -17.55 -6.48
C ARG C 164 11.31 -17.66 -7.09
N LEU C 165 12.04 -18.75 -6.80
CA LEU C 165 13.36 -18.95 -7.39
C LEU C 165 13.25 -19.13 -8.89
N LYS C 166 12.29 -19.93 -9.35
CA LYS C 166 12.12 -20.13 -10.79
C LYS C 166 11.62 -18.86 -11.46
N ASP C 167 10.73 -18.11 -10.78
CA ASP C 167 10.29 -16.83 -11.32
C ASP C 167 11.45 -15.87 -11.49
N LEU C 168 12.38 -15.84 -10.52
CA LEU C 168 13.58 -15.04 -10.68
C LEU C 168 14.41 -15.52 -11.86
N LYS C 169 14.60 -16.84 -11.97
CA LYS C 169 15.33 -17.39 -13.10
C LYS C 169 14.60 -17.13 -14.42
N ASP C 170 13.27 -17.16 -14.40
CA ASP C 170 12.51 -16.75 -15.58
C ASP C 170 12.77 -15.29 -15.91
N PHE C 171 12.87 -14.44 -14.89
CA PHE C 171 13.21 -13.04 -15.11
C PHE C 171 14.67 -12.88 -15.50
N GLN C 172 15.54 -13.78 -15.03
CA GLN C 172 16.96 -13.69 -15.36
C GLN C 172 17.21 -13.97 -16.83
N LYS C 173 16.50 -14.95 -17.40
CA LYS C 173 16.66 -15.25 -18.83
C LYS C 173 16.29 -14.04 -19.68
N ASP C 174 15.14 -13.43 -19.40
CA ASP C 174 14.80 -12.15 -20.01
C ASP C 174 13.81 -11.43 -19.10
N GLY C 175 14.29 -10.36 -18.48
CA GLY C 175 13.45 -9.44 -17.74
C GLY C 175 13.99 -8.04 -17.89
N LEU C 176 15.24 -7.95 -18.35
CA LEU C 176 15.94 -6.69 -18.52
C LEU C 176 16.32 -6.48 -19.97
N THR C 177 16.46 -5.22 -20.36
CA THR C 177 16.85 -4.85 -21.71
C THR C 177 17.88 -3.72 -21.65
N VAL C 178 18.32 -3.29 -22.83
CA VAL C 178 19.11 -2.09 -23.00
C VAL C 178 18.54 -1.32 -24.19
N GLN C 179 18.95 -0.06 -24.33
CA GLN C 179 18.41 0.76 -25.40
C GLN C 179 19.44 1.79 -25.83
N PHE C 180 19.38 2.15 -27.12
CA PHE C 180 20.09 3.27 -27.72
C PHE C 180 19.18 3.80 -28.83
N SER C 181 18.17 4.58 -28.44
CA SER C 181 17.11 4.98 -29.35
C SER C 181 17.02 6.48 -29.58
N GLY C 182 17.88 7.28 -28.97
CA GLY C 182 17.84 8.72 -29.18
C GLY C 182 16.93 9.42 -28.20
N ALA C 183 16.56 10.65 -28.54
CA ALA C 183 15.82 11.52 -27.62
C ALA C 183 14.49 10.92 -27.19
N VAL C 184 13.60 10.67 -28.15
CA VAL C 184 12.30 10.10 -27.77
C VAL C 184 12.09 8.74 -28.42
N GLY C 185 13.18 8.06 -28.75
CA GLY C 185 13.08 6.75 -29.36
C GLY C 185 12.90 6.76 -30.86
N ASN C 186 13.22 7.87 -31.53
CA ASN C 186 13.03 7.99 -32.97
C ASN C 186 14.24 7.54 -33.78
N TYR C 187 15.36 7.25 -33.12
CA TYR C 187 16.58 6.77 -33.80
C TYR C 187 17.02 7.75 -34.88
N CYS C 188 17.01 9.04 -34.56
CA CYS C 188 17.43 10.06 -35.52
C CYS C 188 18.91 9.90 -35.86
N ILE C 189 19.77 10.03 -34.85
CA ILE C 189 21.21 9.95 -35.11
C ILE C 189 21.68 8.49 -35.12
N LEU C 190 21.09 7.64 -34.30
CA LEU C 190 21.49 6.25 -34.19
C LEU C 190 20.67 5.36 -35.12
N THR C 191 21.04 4.09 -35.17
CA THR C 191 20.38 3.09 -36.00
C THR C 191 20.15 1.83 -35.19
N THR C 192 19.15 1.05 -35.62
CA THR C 192 18.86 -0.22 -34.95
C THR C 192 20.04 -1.17 -35.08
N GLU C 193 20.75 -1.15 -36.20
CA GLU C 193 21.94 -1.98 -36.35
C GLU C 193 23.01 -1.57 -35.36
N ASP C 194 23.22 -0.27 -35.16
CA ASP C 194 24.16 0.19 -34.15
C ASP C 194 23.64 -0.10 -32.75
N GLU C 195 22.33 0.01 -32.55
CA GLU C 195 21.74 -0.26 -31.24
C GLU C 195 21.78 -1.76 -30.92
N LYS C 196 21.42 -2.60 -31.89
CA LYS C 196 21.42 -4.04 -31.65
C LYS C 196 22.83 -4.57 -31.42
N LYS C 197 23.77 -4.17 -32.28
CA LYS C 197 25.15 -4.66 -32.14
C LYS C 197 25.79 -4.17 -30.85
N ALA C 198 25.47 -2.95 -30.42
CA ALA C 198 25.98 -2.46 -29.15
C ALA C 198 25.38 -3.21 -27.96
N ALA C 199 24.23 -3.86 -28.15
CA ALA C 199 23.62 -4.61 -27.06
C ALA C 199 24.36 -5.93 -26.82
N ASP C 200 24.84 -6.55 -27.89
CA ASP C 200 25.55 -7.82 -27.66
C ASP C 200 26.88 -7.58 -26.97
N ILE C 201 27.49 -6.41 -27.10
CA ILE C 201 28.66 -6.08 -26.29
C ILE C 201 28.31 -6.13 -24.81
N LEU C 202 27.20 -5.50 -24.44
CA LEU C 202 26.71 -5.57 -23.07
C LEU C 202 26.20 -6.97 -22.74
N GLY C 203 25.50 -7.59 -23.68
CA GLY C 203 24.95 -8.91 -23.47
C GLY C 203 23.48 -8.96 -23.08
N LEU C 204 22.74 -7.88 -23.31
CA LEU C 204 21.33 -7.82 -22.97
C LEU C 204 20.49 -7.54 -24.22
N PRO C 205 19.26 -8.01 -24.27
CA PRO C 205 18.42 -7.78 -25.45
C PRO C 205 18.01 -6.32 -25.58
N VAL C 206 17.68 -5.95 -26.81
CA VAL C 206 17.27 -4.59 -27.11
C VAL C 206 15.82 -4.39 -26.71
N GLU C 207 15.53 -3.23 -26.11
CA GLU C 207 14.15 -2.88 -25.82
C GLU C 207 13.34 -2.80 -27.11
N GLU C 208 12.22 -3.52 -27.15
CA GLU C 208 11.45 -3.63 -28.38
C GLU C 208 10.85 -2.28 -28.77
N VAL C 209 10.20 -1.59 -27.83
CA VAL C 209 9.68 -0.25 -28.04
C VAL C 209 10.04 0.57 -26.82
N SER C 210 10.94 1.53 -26.99
CA SER C 210 11.36 2.43 -25.92
C SER C 210 11.12 3.87 -26.34
N THR C 211 10.70 4.69 -25.39
CA THR C 211 10.64 6.13 -25.60
C THR C 211 12.00 6.72 -25.27
N GLN C 212 12.03 7.81 -24.50
CA GLN C 212 13.31 8.27 -23.97
C GLN C 212 13.90 7.25 -23.00
N VAL C 213 13.05 6.54 -22.26
CA VAL C 213 13.49 5.59 -21.25
C VAL C 213 12.95 4.20 -21.60
N ILE C 214 13.50 3.20 -20.93
CA ILE C 214 13.04 1.82 -21.03
C ILE C 214 11.76 1.69 -20.21
N PRO C 215 10.77 0.92 -20.67
CA PRO C 215 9.53 0.74 -19.88
C PRO C 215 9.82 0.30 -18.46
N ARG C 216 9.15 0.93 -17.49
CA ARG C 216 9.36 0.64 -16.08
C ARG C 216 8.67 -0.63 -15.62
N ASP C 217 7.83 -1.25 -16.46
CA ASP C 217 7.13 -2.45 -16.03
C ASP C 217 8.08 -3.63 -15.82
N ARG C 218 9.29 -3.56 -16.39
CA ARG C 218 10.27 -4.61 -16.15
C ARG C 218 10.81 -4.54 -14.73
N ILE C 219 11.19 -3.34 -14.27
CA ILE C 219 11.58 -3.16 -12.88
C ILE C 219 10.42 -3.55 -11.95
N ALA C 220 9.22 -3.10 -12.29
CA ALA C 220 8.04 -3.43 -11.48
C ALA C 220 7.81 -4.94 -11.43
N LYS C 221 8.10 -5.64 -12.52
CA LYS C 221 7.93 -7.09 -12.52
C LYS C 221 8.91 -7.76 -11.57
N LEU C 222 10.15 -7.29 -11.54
CA LEU C 222 11.13 -7.86 -10.61
C LEU C 222 10.75 -7.54 -9.17
N ILE C 223 10.41 -6.28 -8.89
CA ILE C 223 9.95 -5.90 -7.56
C ILE C 223 8.73 -6.71 -7.16
N SER C 224 7.90 -7.09 -8.13
CA SER C 224 6.75 -7.95 -7.85
C SER C 224 7.22 -9.32 -7.36
N ILE C 225 8.19 -9.92 -8.05
CA ILE C 225 8.76 -11.18 -7.59
C ILE C 225 9.39 -11.00 -6.22
N HIS C 226 9.95 -9.83 -5.96
CA HIS C 226 10.50 -9.54 -4.63
C HIS C 226 9.40 -9.22 -3.63
N GLY C 227 8.27 -8.69 -4.10
CA GLY C 227 7.14 -8.49 -3.21
C GLY C 227 6.58 -9.79 -2.68
N LEU C 228 6.48 -10.80 -3.55
CA LEU C 228 6.03 -12.12 -3.11
C LEU C 228 7.02 -12.75 -2.15
N ILE C 229 8.31 -12.60 -2.42
CA ILE C 229 9.33 -13.13 -1.52
C ILE C 229 9.18 -12.56 -0.12
N ALA C 230 8.85 -11.26 -0.03
CA ALA C 230 8.58 -10.66 1.27
C ALA C 230 7.50 -11.42 2.02
N SER C 231 6.47 -11.89 1.32
CA SER C 231 5.43 -12.68 1.96
C SER C 231 5.96 -14.05 2.39
N ALA C 232 6.79 -14.68 1.54
CA ALA C 232 7.36 -15.97 1.90
C ALA C 232 8.28 -15.86 3.12
N ILE C 233 9.09 -14.80 3.15
CA ILE C 233 9.97 -14.58 4.30
C ILE C 233 9.14 -14.32 5.55
N GLU C 234 8.02 -13.62 5.42
CA GLU C 234 7.23 -13.26 6.59
C GLU C 234 6.53 -14.47 7.18
N ARG C 235 6.07 -15.40 6.34
CA ARG C 235 5.33 -16.56 6.85
C ARG C 235 6.25 -17.50 7.61
N LEU C 236 7.41 -17.81 7.03
CA LEU C 236 8.38 -18.64 7.73
C LEU C 236 8.83 -17.99 9.03
N ALA C 237 8.94 -16.66 9.05
CA ALA C 237 9.31 -15.96 10.27
C ALA C 237 8.23 -16.08 11.33
N VAL C 238 6.96 -15.90 10.93
CA VAL C 238 5.86 -16.01 11.89
C VAL C 238 5.76 -17.43 12.42
N GLU C 239 5.94 -18.42 11.55
CA GLU C 239 5.83 -19.82 11.97
C GLU C 239 6.79 -20.14 13.11
N ILE C 240 8.05 -19.70 12.98
CA ILE C 240 9.04 -19.97 14.02
C ILE C 240 8.77 -19.12 15.25
N ARG C 241 8.25 -17.91 15.08
CA ARG C 241 7.84 -17.11 16.23
C ARG C 241 6.75 -17.82 17.02
N HIS C 242 5.86 -18.53 16.34
CA HIS C 242 4.85 -19.32 17.03
C HIS C 242 5.48 -20.44 17.86
N LEU C 243 6.32 -21.25 17.23
CA LEU C 243 6.90 -22.40 17.91
C LEU C 243 7.81 -21.98 19.06
N HIS C 244 8.42 -20.81 18.96
CA HIS C 244 9.43 -20.38 19.92
C HIS C 244 8.82 -19.88 21.23
N ARG C 245 7.54 -19.55 21.24
CA ARG C 245 6.94 -18.94 22.42
C ARG C 245 6.97 -19.90 23.61
N SER C 246 6.96 -19.33 24.82
CA SER C 246 7.12 -20.15 26.02
C SER C 246 5.97 -21.12 26.21
N ASP C 247 4.77 -20.78 25.70
CA ASP C 247 3.63 -21.67 25.86
C ASP C 247 3.74 -22.89 24.95
N VAL C 248 4.37 -22.75 23.79
CA VAL C 248 4.55 -23.85 22.86
C VAL C 248 5.93 -24.46 23.08
N PHE C 249 6.98 -23.66 22.89
CA PHE C 249 8.35 -24.03 23.23
C PHE C 249 8.80 -25.29 22.50
N GLU C 250 8.52 -25.33 21.20
CA GLU C 250 8.94 -26.46 20.38
C GLU C 250 10.33 -26.26 19.79
N VAL C 251 10.66 -25.04 19.37
CA VAL C 251 11.98 -24.71 18.86
C VAL C 251 12.48 -23.46 19.58
N TYR C 252 13.76 -23.17 19.39
CA TYR C 252 14.31 -21.89 19.84
C TYR C 252 15.53 -21.55 19.00
N GLU C 253 15.77 -20.25 18.83
CA GLU C 253 16.88 -19.78 18.03
C GLU C 253 18.20 -19.99 18.76
N GLY C 254 19.14 -20.65 18.10
CA GLY C 254 20.41 -20.95 18.73
C GLY C 254 21.25 -19.69 18.89
N PHE C 255 21.80 -19.49 20.08
CA PHE C 255 22.63 -18.32 20.35
C PHE C 255 24.09 -18.73 20.58
N GLY C 258 29.80 -15.66 22.87
CA GLY C 258 29.08 -15.26 24.06
C GLY C 258 28.00 -14.23 23.78
N GLN C 259 26.74 -14.64 23.93
CA GLN C 259 25.60 -13.80 23.62
C GLN C 259 24.69 -13.69 24.84
N LYS C 260 24.21 -12.49 25.11
CA LYS C 260 23.32 -12.22 26.23
C LYS C 260 21.92 -11.94 25.67
N GLY C 261 20.98 -12.84 25.95
CA GLY C 261 19.63 -12.66 25.44
C GLY C 261 18.88 -11.56 26.17
N SER C 262 18.86 -11.64 27.50
CA SER C 262 18.21 -10.63 28.33
C SER C 262 19.23 -10.01 29.26
N SER C 263 18.79 -8.95 29.96
CA SER C 263 19.69 -8.26 30.88
C SER C 263 19.89 -9.07 32.16
N THR C 264 18.80 -9.54 32.75
CA THR C 264 18.86 -10.25 34.02
C THR C 264 18.78 -11.76 33.86
N MET C 265 18.62 -12.27 32.63
CA MET C 265 18.49 -13.71 32.39
C MET C 265 19.36 -14.11 31.21
N PRO C 266 20.68 -14.28 31.42
CA PRO C 266 21.55 -14.82 30.38
C PRO C 266 21.54 -16.35 30.36
N HIS C 267 21.16 -16.94 29.24
CA HIS C 267 20.74 -16.19 28.07
C HIS C 267 19.29 -16.52 27.70
N LYS C 268 18.42 -15.52 27.80
CA LYS C 268 17.03 -15.70 27.41
C LYS C 268 16.93 -15.90 25.91
N LYS C 269 16.21 -16.95 25.51
CA LYS C 269 16.05 -17.29 24.09
C LYS C 269 14.80 -16.61 23.56
N ASN C 270 14.99 -15.66 22.64
CA ASN C 270 13.89 -14.96 22.00
C ASN C 270 14.01 -15.09 20.49
N PRO C 271 12.85 -15.11 19.76
CA PRO C 271 12.88 -15.17 18.28
C PRO C 271 13.25 -13.82 17.65
N ILE C 272 14.40 -13.29 18.06
CA ILE C 272 14.79 -11.95 17.62
C ILE C 272 15.15 -11.94 16.13
N SER C 273 15.57 -13.09 15.59
CA SER C 273 15.94 -13.14 14.17
C SER C 273 14.71 -13.13 13.28
N THR C 274 13.75 -14.02 13.56
CA THR C 274 12.55 -14.08 12.74
C THR C 274 11.68 -12.84 12.92
N GLU C 275 11.72 -12.22 14.09
CA GLU C 275 10.99 -10.97 14.28
C GLU C 275 11.64 -9.83 13.51
N ASN C 276 12.97 -9.73 13.59
CA ASN C 276 13.70 -8.73 12.80
C ASN C 276 13.40 -8.89 11.32
N LEU C 277 13.34 -10.14 10.83
CA LEU C 277 13.06 -10.39 9.43
C LEU C 277 11.64 -9.98 9.05
N THR C 278 10.72 -9.98 10.02
CA THR C 278 9.36 -9.51 9.73
C THR C 278 9.35 -8.03 9.40
N GLY C 279 10.12 -7.23 10.15
CA GLY C 279 10.26 -5.83 9.80
C GLY C 279 10.88 -5.63 8.42
N MET C 280 11.86 -6.48 8.08
CA MET C 280 12.45 -6.41 6.75
C MET C 280 11.41 -6.69 5.67
N ALA C 281 10.54 -7.67 5.92
CA ALA C 281 9.50 -7.99 4.95
C ALA C 281 8.52 -6.83 4.78
N ARG C 282 8.25 -6.10 5.86
CA ARG C 282 7.36 -4.94 5.76
C ARG C 282 7.97 -3.86 4.90
N MET C 283 9.30 -3.69 4.97
CA MET C 283 9.96 -2.71 4.11
C MET C 283 9.94 -3.14 2.65
N LEU C 284 10.18 -4.43 2.39
CA LEU C 284 10.21 -4.92 1.03
C LEU C 284 8.84 -4.81 0.38
N ARG C 285 7.78 -5.14 1.12
CA ARG C 285 6.44 -5.08 0.56
C ARG C 285 6.05 -3.66 0.17
N SER C 286 6.44 -2.68 0.98
CA SER C 286 6.06 -1.29 0.72
C SER C 286 6.67 -0.75 -0.56
N HIS C 287 7.76 -1.34 -1.05
CA HIS C 287 8.40 -0.86 -2.26
C HIS C 287 7.62 -1.24 -3.52
N VAL C 288 6.73 -2.24 -3.45
CA VAL C 288 6.01 -2.65 -4.64
C VAL C 288 5.01 -1.59 -5.08
N SER C 289 4.54 -0.75 -4.16
CA SER C 289 3.66 0.35 -4.56
C SER C 289 4.41 1.46 -5.25
N ILE C 290 5.70 1.63 -4.93
CA ILE C 290 6.49 2.65 -5.62
C ILE C 290 6.78 2.22 -7.05
N ALA C 291 7.28 1.00 -7.23
CA ALA C 291 7.65 0.52 -8.56
C ALA C 291 6.45 0.46 -9.49
N LEU C 292 5.25 0.21 -8.94
CA LEU C 292 4.05 0.22 -9.76
C LEU C 292 3.72 1.64 -10.22
N GLU C 293 3.72 2.60 -9.29
CA GLU C 293 3.41 3.98 -9.63
C GLU C 293 4.46 4.61 -10.56
N ASN C 294 5.69 4.09 -10.55
CA ASN C 294 6.73 4.61 -11.43
C ASN C 294 6.49 4.28 -12.90
N CYS C 295 5.57 3.35 -13.20
CA CYS C 295 5.34 2.97 -14.59
C CYS C 295 4.59 4.06 -15.36
N VAL C 296 3.82 4.88 -14.67
CA VAL C 296 2.94 5.86 -15.34
C VAL C 296 3.79 7.11 -15.56
N LEU C 297 4.58 7.09 -16.63
CA LEU C 297 5.38 8.25 -16.95
C LEU C 297 4.74 9.03 -18.10
N TRP C 298 4.79 10.35 -17.94
CA TRP C 298 4.10 11.24 -18.85
C TRP C 298 4.75 11.21 -20.23
N HIS C 299 3.96 10.91 -21.26
CA HIS C 299 4.42 10.94 -22.65
C HIS C 299 5.70 10.16 -22.85
N GLU C 300 6.73 10.80 -23.39
CA GLU C 300 7.96 10.09 -23.71
C GLU C 300 8.90 9.93 -22.52
N ARG C 301 8.69 10.70 -21.45
CA ARG C 301 9.35 10.47 -20.16
C ARG C 301 9.00 11.59 -19.20
N ASP C 302 9.17 11.29 -17.91
CA ASP C 302 9.40 12.28 -16.88
C ASP C 302 10.34 11.66 -15.85
N ILE C 303 11.05 12.52 -15.11
CA ILE C 303 12.14 12.05 -14.26
C ILE C 303 11.62 11.75 -12.85
N SER C 304 10.29 11.68 -12.70
CA SER C 304 9.69 11.48 -11.39
C SER C 304 10.10 10.16 -10.73
N HIS C 305 10.51 9.18 -11.52
CA HIS C 305 10.91 7.89 -10.97
C HIS C 305 12.34 7.90 -10.46
N SER C 306 13.16 8.89 -10.83
CA SER C 306 14.56 8.90 -10.47
C SER C 306 14.75 9.10 -8.97
N SER C 307 14.03 10.06 -8.39
CA SER C 307 14.18 10.35 -6.97
C SER C 307 13.82 9.14 -6.11
N ALA C 308 12.73 8.46 -6.45
CA ALA C 308 12.33 7.28 -5.68
C ALA C 308 13.29 6.12 -5.90
N GLU C 309 13.66 5.86 -7.16
CA GLU C 309 14.54 4.74 -7.47
C GLU C 309 15.91 4.88 -6.81
N ARG C 310 16.38 6.12 -6.62
CA ARG C 310 17.62 6.31 -5.89
C ARG C 310 17.49 5.87 -4.43
N PHE C 311 16.27 5.86 -3.90
CA PHE C 311 16.04 5.48 -2.52
C PHE C 311 15.79 3.98 -2.36
N TYR C 312 14.76 3.46 -3.04
CA TYR C 312 14.28 2.13 -2.70
C TYR C 312 15.06 1.02 -3.41
N LEU C 313 15.50 1.26 -4.64
CA LEU C 313 16.23 0.21 -5.37
C LEU C 313 17.48 -0.24 -4.63
N PRO C 314 18.36 0.64 -4.14
CA PRO C 314 19.50 0.14 -3.35
C PRO C 314 19.05 -0.51 -2.05
N ASP C 315 18.04 0.05 -1.38
CA ASP C 315 17.56 -0.52 -0.13
C ASP C 315 16.87 -1.86 -0.37
N ASN C 316 16.05 -1.96 -1.42
CA ASN C 316 15.30 -3.19 -1.66
C ASN C 316 16.22 -4.37 -1.92
N PHE C 317 17.25 -4.17 -2.74
CA PHE C 317 18.22 -5.24 -2.99
C PHE C 317 19.06 -5.50 -1.74
N GLY C 318 19.44 -4.44 -1.02
CA GLY C 318 20.23 -4.63 0.19
C GLY C 318 19.48 -5.41 1.25
N ILE C 319 18.19 -5.12 1.41
CA ILE C 319 17.38 -5.87 2.37
C ILE C 319 17.13 -7.29 1.86
N MET C 320 16.89 -7.43 0.55
CA MET C 320 16.64 -8.75 -0.01
C MET C 320 17.81 -9.70 0.25
N VAL C 321 19.03 -9.20 0.12
CA VAL C 321 20.20 -10.03 0.37
C VAL C 321 20.40 -10.24 1.87
N TYR C 322 20.25 -9.18 2.66
CA TYR C 322 20.40 -9.30 4.11
C TYR C 322 19.39 -10.28 4.69
N ALA C 323 18.14 -10.22 4.22
CA ALA C 323 17.09 -11.06 4.79
C ALA C 323 17.29 -12.53 4.44
N LEU C 324 17.65 -12.82 3.19
CA LEU C 324 17.86 -14.22 2.80
C LEU C 324 19.02 -14.83 3.56
N ARG C 325 20.09 -14.07 3.78
CA ARG C 325 21.24 -14.61 4.48
C ARG C 325 20.95 -14.86 5.96
N ARG C 326 20.30 -13.91 6.62
CA ARG C 326 20.02 -14.07 8.04
C ARG C 326 19.04 -15.21 8.30
N MET C 327 18.04 -15.35 7.42
CA MET C 327 17.09 -16.46 7.59
C MET C 327 17.78 -17.81 7.42
N LYS C 328 18.74 -17.89 6.48
CA LYS C 328 19.48 -19.14 6.31
C LYS C 328 20.29 -19.46 7.56
N ASN C 329 20.98 -18.47 8.12
CA ASN C 329 21.73 -18.69 9.35
C ASN C 329 20.81 -19.07 10.50
N THR C 330 19.58 -18.54 10.51
CA THR C 330 18.64 -18.89 11.57
C THR C 330 18.05 -20.28 11.37
N ILE C 331 17.75 -20.65 10.12
CA ILE C 331 17.20 -21.98 9.86
C ILE C 331 18.21 -23.06 10.22
N ASP C 332 19.49 -22.82 9.94
CA ASP C 332 20.52 -23.80 10.26
C ASP C 332 20.72 -23.92 11.77
N ASN C 333 20.83 -22.79 12.46
CA ASN C 333 21.12 -22.78 13.89
C ASN C 333 19.87 -22.90 14.76
N LEU C 334 18.69 -22.92 14.16
CA LEU C 334 17.49 -23.22 14.93
C LEU C 334 17.54 -24.66 15.40
N VAL C 335 17.35 -24.88 16.70
CA VAL C 335 17.43 -26.21 17.29
C VAL C 335 16.02 -26.68 17.61
N VAL C 336 15.74 -27.94 17.32
CA VAL C 336 14.41 -28.52 17.41
C VAL C 336 14.38 -29.44 18.62
N GLN C 337 13.50 -29.12 19.57
CA GLN C 337 13.32 -29.95 20.77
C GLN C 337 12.41 -31.11 20.40
N ARG C 338 13.01 -32.28 20.20
CA ARG C 338 12.27 -33.42 19.65
C ARG C 338 11.22 -33.93 20.62
N ASP C 339 11.57 -34.05 21.91
CA ASP C 339 10.65 -34.66 22.86
C ASP C 339 9.47 -33.74 23.19
N ILE C 340 9.74 -32.44 23.38
CA ILE C 340 8.67 -31.51 23.69
C ILE C 340 7.63 -31.50 22.57
N ILE C 341 8.09 -31.60 21.32
CA ILE C 341 7.18 -31.67 20.18
C ILE C 341 6.30 -32.91 20.28
N GLU C 342 6.92 -34.06 20.52
CA GLU C 342 6.19 -35.33 20.51
C GLU C 342 5.45 -35.60 21.81
N ASP C 343 5.86 -34.98 22.92
CA ASP C 343 5.12 -35.13 24.17
C ASP C 343 3.78 -34.40 24.13
N ARG C 344 3.62 -33.42 23.24
CA ARG C 344 2.34 -32.75 23.09
C ARG C 344 1.35 -33.60 22.31
N VAL C 345 1.84 -34.45 21.40
CA VAL C 345 0.94 -35.28 20.60
C VAL C 345 0.31 -36.38 21.44
N ARG C 346 1.05 -36.93 22.42
CA ARG C 346 0.50 -37.99 23.27
C ARG C 346 -0.54 -37.43 24.23
N SER C 347 -0.34 -36.21 24.72
CA SER C 347 -1.22 -35.64 25.71
C SER C 347 -2.63 -35.39 25.17
N THR C 348 -2.82 -35.40 23.86
CA THR C 348 -4.11 -35.12 23.25
C THR C 348 -4.64 -36.37 22.55
N SER C 349 -5.90 -36.70 22.81
CA SER C 349 -6.55 -37.87 22.23
C SER C 349 -7.64 -37.52 21.24
N ALA C 350 -7.86 -36.22 20.97
CA ALA C 350 -9.06 -35.80 20.24
C ALA C 350 -9.08 -36.29 18.80
N TYR C 351 -7.91 -36.39 18.16
CA TYR C 351 -7.87 -36.76 16.74
C TYR C 351 -8.21 -38.22 16.50
N LEU C 352 -8.21 -39.07 17.53
CA LEU C 352 -8.49 -40.49 17.31
C LEU C 352 -9.96 -40.73 17.01
N SER C 353 -10.85 -39.92 17.60
CA SER C 353 -12.28 -40.10 17.34
C SER C 353 -12.62 -39.87 15.88
N SER C 354 -11.92 -38.94 15.22
CA SER C 354 -12.16 -38.71 13.80
C SER C 354 -11.73 -39.89 12.95
N PHE C 355 -10.59 -40.52 13.31
CA PHE C 355 -10.12 -41.65 12.53
C PHE C 355 -10.99 -42.88 12.76
N TYR C 356 -11.47 -43.07 13.98
CA TYR C 356 -12.32 -44.22 14.27
C TYR C 356 -13.64 -44.14 13.52
N LEU C 357 -14.25 -42.94 13.48
CA LEU C 357 -15.52 -42.91 12.76
C LEU C 357 -15.29 -42.99 11.26
N HIS C 358 -14.25 -42.39 10.70
CA HIS C 358 -14.14 -42.63 9.26
C HIS C 358 -13.60 -44.03 8.97
N PHE C 359 -13.06 -44.75 9.95
CA PHE C 359 -12.71 -46.15 9.71
C PHE C 359 -13.96 -47.03 9.65
N LEU C 360 -14.94 -46.75 10.50
CA LEU C 360 -16.15 -47.59 10.52
C LEU C 360 -17.00 -47.36 9.28
N VAL C 361 -17.14 -46.11 8.86
CA VAL C 361 -17.95 -45.81 7.68
C VAL C 361 -17.37 -46.48 6.44
N ALA C 362 -16.04 -46.54 6.35
CA ALA C 362 -15.40 -47.12 5.18
C ALA C 362 -15.45 -48.65 5.20
N ASN C 363 -15.37 -49.26 6.38
CA ASN C 363 -15.26 -50.71 6.48
C ASN C 363 -16.58 -51.40 6.83
N THR C 364 -17.61 -50.66 7.21
CA THR C 364 -18.88 -51.22 7.62
C THR C 364 -20.01 -50.59 6.81
N PRO C 365 -21.17 -51.23 6.75
CA PRO C 365 -22.33 -50.62 6.08
C PRO C 365 -23.01 -49.53 6.88
N PHE C 366 -22.55 -49.25 8.09
CA PHE C 366 -23.21 -48.27 8.95
C PHE C 366 -23.06 -46.86 8.39
N MET C 367 -23.95 -45.98 8.84
CA MET C 367 -23.95 -44.59 8.41
C MET C 367 -23.16 -43.74 9.41
N ARG C 368 -23.15 -42.42 9.16
CA ARG C 368 -22.27 -41.53 9.91
C ARG C 368 -22.68 -41.43 11.37
N GLU C 369 -23.93 -40.99 11.62
CA GLU C 369 -24.32 -40.73 13.01
C GLU C 369 -24.55 -42.01 13.80
N ASP C 370 -24.67 -43.16 13.13
CA ASP C 370 -24.65 -44.42 13.87
C ASP C 370 -23.26 -44.72 14.40
N CYS C 371 -22.22 -44.39 13.63
CA CYS C 371 -20.86 -44.62 14.08
C CYS C 371 -20.44 -43.61 15.14
N TYR C 372 -20.97 -42.39 15.08
CA TYR C 372 -20.58 -41.36 16.03
C TYR C 372 -20.99 -41.72 17.45
N LYS C 373 -22.19 -42.27 17.62
CA LYS C 373 -22.64 -42.65 18.95
C LYS C 373 -21.87 -43.84 19.48
N ILE C 374 -21.33 -44.67 18.59
CA ILE C 374 -20.57 -45.84 19.03
C ILE C 374 -19.24 -45.41 19.64
N VAL C 375 -18.48 -44.58 18.91
CA VAL C 375 -17.17 -44.15 19.40
C VAL C 375 -17.28 -43.28 20.65
N GLN C 376 -18.45 -42.70 20.90
CA GLN C 376 -18.61 -41.84 22.08
C GLN C 376 -18.55 -42.66 23.36
N GLN C 377 -19.34 -43.73 23.43
CA GLN C 377 -19.36 -44.55 24.64
C GLN C 377 -18.05 -45.29 24.85
N VAL C 378 -17.29 -45.53 23.79
CA VAL C 378 -16.02 -46.23 23.90
C VAL C 378 -14.93 -45.27 24.36
N GLY C 385 -5.55 -47.80 31.16
CA GLY C 385 -6.60 -47.55 30.19
C GLY C 385 -6.68 -48.62 29.11
N GLU C 386 -7.90 -48.97 28.72
CA GLU C 386 -8.09 -49.98 27.69
C GLU C 386 -7.63 -49.45 26.34
N SER C 387 -7.47 -50.38 25.40
CA SER C 387 -7.12 -50.04 24.02
C SER C 387 -8.36 -49.59 23.27
N PHE C 388 -8.34 -48.36 22.75
CA PHE C 388 -9.49 -47.85 22.03
C PHE C 388 -9.78 -48.66 20.77
N SER C 389 -8.75 -49.27 20.18
CA SER C 389 -8.96 -50.05 18.97
C SER C 389 -9.58 -51.41 19.29
N LYS C 390 -9.00 -52.14 20.24
CA LYS C 390 -9.47 -53.49 20.54
C LYS C 390 -10.77 -53.48 21.35
N LYS C 391 -11.01 -52.44 22.15
CA LYS C 391 -12.28 -52.35 22.85
C LYS C 391 -13.43 -52.11 21.88
N LEU C 392 -13.22 -51.22 20.91
CA LEU C 392 -14.28 -51.00 19.93
C LEU C 392 -14.38 -52.18 18.97
N GLN C 393 -13.26 -52.81 18.61
CA GLN C 393 -13.34 -54.04 17.82
C GLN C 393 -14.09 -55.13 18.57
N LYS C 394 -14.02 -55.14 19.91
CA LYS C 394 -14.79 -56.10 20.68
C LYS C 394 -16.28 -55.83 20.58
N VAL C 395 -16.68 -54.56 20.70
CA VAL C 395 -18.10 -54.22 20.61
C VAL C 395 -18.63 -54.45 19.20
N MET C 396 -17.78 -54.26 18.19
CA MET C 396 -18.20 -54.58 16.83
C MET C 396 -18.49 -56.05 16.66
N HIS C 397 -17.70 -56.91 17.31
CA HIS C 397 -17.94 -58.35 17.23
C HIS C 397 -19.00 -58.81 18.20
N ASP C 398 -19.00 -58.26 19.42
CA ASP C 398 -19.92 -58.74 20.46
C ASP C 398 -21.30 -58.09 20.33
N GLU C 399 -21.36 -56.76 20.49
CA GLU C 399 -22.65 -56.10 20.58
C GLU C 399 -23.29 -55.88 19.20
N HIS C 400 -22.51 -55.44 18.22
CA HIS C 400 -23.03 -55.17 16.88
C HIS C 400 -22.86 -56.34 15.92
N ASN C 401 -22.09 -57.36 16.30
CA ASN C 401 -21.96 -58.60 15.54
C ASN C 401 -21.43 -58.34 14.13
N ILE C 402 -20.16 -57.97 14.08
CA ILE C 402 -19.44 -57.81 12.81
C ILE C 402 -17.95 -57.91 13.10
N ILE C 403 -17.22 -58.51 12.17
CA ILE C 403 -15.80 -58.76 12.32
C ILE C 403 -15.03 -57.74 11.48
N LEU C 404 -14.07 -57.06 12.10
CA LEU C 404 -13.25 -56.07 11.43
C LEU C 404 -11.92 -55.99 12.15
N ASP C 405 -10.84 -55.82 11.38
CA ASP C 405 -9.49 -55.70 11.93
C ASP C 405 -9.17 -54.23 12.14
N ILE C 406 -9.16 -53.80 13.39
CA ILE C 406 -8.88 -52.42 13.74
C ILE C 406 -7.41 -52.29 14.12
N PRO C 407 -6.61 -51.53 13.37
CA PRO C 407 -5.23 -51.27 13.81
C PRO C 407 -5.23 -50.51 15.13
N GLU C 408 -4.27 -50.86 16.00
CA GLU C 408 -4.27 -50.24 17.33
C GLU C 408 -3.56 -48.89 17.28
N MET C 409 -4.20 -47.91 17.93
CA MET C 409 -3.77 -46.52 17.87
C MET C 409 -2.72 -46.18 18.92
N ASP C 410 -1.70 -47.02 19.07
CA ASP C 410 -0.61 -46.71 19.99
C ASP C 410 0.20 -45.53 19.46
N PHE C 411 1.26 -45.17 20.19
CA PHE C 411 2.04 -43.99 19.83
C PHE C 411 2.66 -44.13 18.44
N GLU C 412 3.17 -45.32 18.10
CA GLU C 412 3.75 -45.54 16.79
C GLU C 412 2.71 -45.89 15.74
N GLY C 413 1.53 -46.36 16.16
CA GLY C 413 0.44 -46.55 15.22
C GLY C 413 -0.11 -45.24 14.68
N ILE C 414 -0.03 -44.18 15.48
CA ILE C 414 -0.47 -42.86 15.02
C ILE C 414 0.46 -42.36 13.92
N LYS C 415 1.77 -42.55 14.08
CA LYS C 415 2.71 -42.10 13.07
C LYS C 415 2.56 -42.90 11.77
N LYS C 416 2.14 -44.16 11.86
CA LYS C 416 1.92 -44.94 10.64
C LYS C 416 0.69 -44.45 9.89
N THR C 417 -0.26 -43.85 10.59
CA THR C 417 -1.49 -43.36 9.97
C THR C 417 -1.34 -41.96 9.38
N TYR C 418 -0.82 -41.03 10.17
CA TYR C 418 -0.79 -39.62 9.79
C TYR C 418 0.46 -39.22 9.01
N LEU C 419 1.50 -40.05 9.01
CA LEU C 419 2.67 -39.84 8.16
C LEU C 419 2.71 -40.84 7.01
N LYS C 420 1.54 -41.27 6.54
CA LYS C 420 1.47 -42.31 5.53
C LYS C 420 2.06 -41.85 4.20
N GLU C 421 1.59 -40.71 3.70
CA GLU C 421 2.00 -40.22 2.38
C GLU C 421 3.19 -39.27 2.44
N ILE C 422 3.94 -39.28 3.54
CA ILE C 422 5.06 -38.35 3.70
C ILE C 422 6.15 -38.62 2.67
N ASP C 423 6.22 -39.83 2.11
CA ASP C 423 7.21 -40.13 1.10
C ASP C 423 6.87 -39.46 -0.23
N HIS C 424 5.62 -39.63 -0.69
CA HIS C 424 5.23 -39.07 -1.98
C HIS C 424 5.18 -37.55 -1.93
N VAL C 425 4.81 -36.97 -0.79
CA VAL C 425 4.83 -35.52 -0.66
C VAL C 425 6.25 -34.99 -0.77
N PHE C 426 7.22 -35.73 -0.21
CA PHE C 426 8.61 -35.34 -0.33
C PHE C 426 9.14 -35.57 -1.75
N ASP C 427 8.70 -36.65 -2.39
CA ASP C 427 9.18 -36.99 -3.72
C ASP C 427 8.79 -35.91 -4.74
N ARG C 428 7.51 -35.51 -4.74
CA ARG C 428 7.04 -34.52 -5.69
C ARG C 428 7.55 -33.11 -5.36
N SER C 429 8.04 -32.89 -4.15
CA SER C 429 8.50 -31.57 -3.75
C SER C 429 9.96 -31.33 -4.13
N VAL C 430 10.81 -32.32 -3.96
CA VAL C 430 12.23 -32.18 -4.26
C VAL C 430 12.44 -32.23 -5.77
N LYS C 431 13.27 -31.31 -6.28
CA LYS C 431 13.60 -31.28 -7.69
C LYS C 431 14.94 -31.95 -7.96
N MET D 1 -18.60 -5.03 -5.84
CA MET D 1 -19.06 -4.75 -7.20
C MET D 1 -20.38 -3.98 -7.18
N ILE D 2 -20.48 -2.98 -8.05
CA ILE D 2 -21.69 -2.18 -8.18
C ILE D 2 -22.28 -2.43 -9.56
N LYS D 3 -23.58 -2.13 -9.68
CA LYS D 3 -24.31 -2.42 -10.91
C LYS D 3 -23.79 -1.61 -12.09
N ARG D 4 -23.23 -0.43 -11.84
CA ARG D 4 -22.93 0.41 -13.00
C ARG D 4 -21.78 -0.16 -13.82
N TYR D 5 -20.79 -0.82 -13.23
CA TYR D 5 -19.70 -1.43 -13.99
C TYR D 5 -19.78 -2.94 -14.02
N ASP D 6 -20.89 -3.52 -13.57
CA ASP D 6 -20.97 -4.97 -13.43
C ASP D 6 -21.11 -5.63 -14.80
N VAL D 7 -20.36 -6.71 -14.99
CA VAL D 7 -20.50 -7.60 -16.14
C VAL D 7 -21.12 -8.89 -15.63
N ALA D 8 -22.31 -9.21 -16.15
CA ALA D 8 -23.12 -10.27 -15.55
C ALA D 8 -22.40 -11.61 -15.54
N GLU D 9 -21.66 -11.92 -16.60
CA GLU D 9 -21.01 -13.23 -16.68
C GLU D 9 -19.86 -13.34 -15.68
N ILE D 10 -19.26 -12.21 -15.29
CA ILE D 10 -18.18 -12.27 -14.30
C ILE D 10 -18.76 -12.46 -12.90
N SER D 11 -19.73 -11.64 -12.52
CA SER D 11 -20.33 -11.78 -11.20
C SER D 11 -21.08 -13.11 -11.07
N LYS D 12 -21.52 -13.69 -12.19
CA LYS D 12 -22.15 -15.00 -12.14
C LYS D 12 -21.17 -16.06 -11.66
N ILE D 13 -19.92 -15.98 -12.12
CA ILE D 13 -18.90 -16.94 -11.70
C ILE D 13 -18.67 -16.88 -10.19
N TRP D 14 -18.79 -15.69 -9.60
CA TRP D 14 -18.56 -15.53 -8.17
C TRP D 14 -19.85 -15.45 -7.36
N ALA D 15 -21.00 -15.63 -8.01
CA ALA D 15 -22.25 -15.71 -7.28
C ALA D 15 -22.32 -17.04 -6.52
N ASP D 16 -23.11 -17.04 -5.43
CA ASP D 16 -23.18 -18.22 -4.59
C ASP D 16 -23.67 -19.44 -5.35
N GLU D 17 -24.46 -19.24 -6.41
CA GLU D 17 -24.90 -20.37 -7.22
C GLU D 17 -23.73 -21.07 -7.89
N ASN D 18 -22.76 -20.31 -8.39
CA ASN D 18 -21.57 -20.92 -8.96
C ASN D 18 -20.57 -21.34 -7.89
N LYS D 19 -20.53 -20.63 -6.75
CA LYS D 19 -19.64 -21.02 -5.67
C LYS D 19 -19.98 -22.41 -5.15
N TYR D 20 -21.26 -22.68 -4.91
CA TYR D 20 -21.67 -23.99 -4.42
C TYR D 20 -21.52 -25.07 -5.48
N ALA D 21 -21.82 -24.72 -6.74
CA ALA D 21 -21.73 -25.70 -7.81
C ALA D 21 -20.28 -26.12 -8.06
N LYS D 22 -19.34 -25.19 -7.94
CA LYS D 22 -17.94 -25.54 -8.07
C LYS D 22 -17.47 -26.39 -6.90
N MET D 23 -17.99 -26.12 -5.70
CA MET D 23 -17.74 -27.00 -4.57
C MET D 23 -18.22 -28.42 -4.86
N LEU D 24 -19.45 -28.52 -5.40
CA LEU D 24 -20.01 -29.84 -5.71
C LEU D 24 -19.19 -30.55 -6.79
N GLU D 25 -18.70 -29.82 -7.79
CA GLU D 25 -17.87 -30.43 -8.80
C GLU D 25 -16.58 -30.99 -8.21
N VAL D 26 -16.07 -30.35 -7.14
CA VAL D 26 -14.90 -30.88 -6.46
C VAL D 26 -15.28 -32.07 -5.58
N GLU D 27 -16.45 -32.03 -4.95
CA GLU D 27 -16.90 -33.14 -4.13
C GLU D 27 -17.05 -34.41 -4.96
N LEU D 28 -17.67 -34.29 -6.14
CA LEU D 28 -17.85 -35.45 -6.99
C LEU D 28 -16.53 -35.95 -7.58
N ALA D 29 -15.51 -35.09 -7.64
CA ALA D 29 -14.20 -35.53 -8.13
C ALA D 29 -13.53 -36.46 -7.13
N ILE D 30 -13.54 -36.09 -5.84
CA ILE D 30 -12.92 -36.94 -4.84
C ILE D 30 -13.79 -38.16 -4.56
N LEU D 31 -15.11 -38.03 -4.71
CA LEU D 31 -15.99 -39.18 -4.53
C LEU D 31 -15.80 -40.21 -5.65
N GLU D 32 -15.69 -39.75 -6.89
CA GLU D 32 -15.43 -40.66 -8.00
C GLU D 32 -14.05 -41.30 -7.87
N ALA D 33 -13.08 -40.56 -7.32
CA ALA D 33 -11.75 -41.13 -7.12
C ALA D 33 -11.79 -42.24 -6.08
N LEU D 34 -12.54 -42.04 -4.99
CA LEU D 34 -12.65 -43.05 -3.95
C LEU D 34 -13.48 -44.25 -4.38
N GLU D 35 -14.14 -44.19 -5.54
CA GLU D 35 -14.91 -45.34 -6.02
C GLU D 35 -14.03 -46.54 -6.30
N ASP D 36 -12.73 -46.34 -6.51
CA ASP D 36 -11.79 -47.44 -6.63
C ASP D 36 -11.41 -48.04 -5.29
N ARG D 37 -11.95 -47.52 -4.19
CA ARG D 37 -11.63 -48.03 -2.85
C ARG D 37 -12.89 -48.50 -2.14
N MET D 38 -13.51 -47.61 -1.36
CA MET D 38 -14.65 -47.99 -0.53
C MET D 38 -15.99 -47.51 -1.07
N VAL D 39 -16.00 -46.71 -2.13
CA VAL D 39 -17.24 -46.17 -2.67
C VAL D 39 -17.74 -47.07 -3.79
N PRO D 40 -19.02 -47.42 -3.82
CA PRO D 40 -19.53 -48.25 -4.91
C PRO D 40 -19.38 -47.58 -6.27
N LYS D 41 -19.15 -48.39 -7.28
CA LYS D 41 -18.98 -47.88 -8.64
C LYS D 41 -20.28 -47.27 -9.14
N GLY D 42 -20.19 -46.05 -9.67
CA GLY D 42 -21.34 -45.35 -10.20
C GLY D 42 -22.03 -44.41 -9.23
N THR D 43 -21.52 -44.28 -8.01
CA THR D 43 -22.15 -43.40 -7.02
C THR D 43 -22.02 -41.94 -7.42
N ALA D 44 -20.87 -41.56 -7.99
CA ALA D 44 -20.66 -40.16 -8.36
C ALA D 44 -21.61 -39.73 -9.48
N ALA D 45 -21.83 -40.61 -10.47
CA ALA D 45 -22.75 -40.28 -11.54
C ALA D 45 -24.18 -40.16 -11.04
N GLU D 46 -24.52 -40.90 -9.99
CA GLU D 46 -25.86 -40.82 -9.41
C GLU D 46 -26.13 -39.43 -8.82
N ILE D 47 -25.15 -38.89 -8.10
CA ILE D 47 -25.34 -37.59 -7.47
C ILE D 47 -25.29 -36.47 -8.52
N ARG D 48 -24.42 -36.63 -9.52
CA ARG D 48 -24.26 -35.59 -10.53
C ARG D 48 -25.54 -35.33 -11.31
N ALA D 49 -26.45 -36.30 -11.36
CA ALA D 49 -27.64 -36.14 -12.19
C ALA D 49 -28.77 -35.43 -11.44
N ARG D 50 -28.89 -35.67 -10.14
CA ARG D 50 -30.02 -35.16 -9.36
C ARG D 50 -29.66 -34.05 -8.40
N ALA D 51 -28.40 -33.61 -8.37
CA ALA D 51 -28.00 -32.58 -7.42
C ALA D 51 -28.56 -31.22 -7.83
N GLN D 52 -29.13 -30.50 -6.87
CA GLN D 52 -29.72 -29.19 -7.10
C GLN D 52 -29.02 -28.15 -6.24
N ILE D 53 -28.60 -27.06 -6.85
CA ILE D 53 -27.94 -25.96 -6.15
C ILE D 53 -29.00 -25.03 -5.59
N ARG D 54 -29.07 -24.96 -4.25
CA ARG D 54 -30.11 -24.21 -3.56
C ARG D 54 -29.44 -23.24 -2.58
N PRO D 55 -29.13 -22.02 -3.02
CA PRO D 55 -28.38 -21.11 -2.14
C PRO D 55 -29.17 -20.63 -0.93
N GLU D 56 -30.48 -20.42 -1.07
CA GLU D 56 -31.27 -19.92 0.05
C GLU D 56 -31.34 -20.95 1.18
N ARG D 57 -31.47 -22.23 0.84
CA ARG D 57 -31.50 -23.28 1.86
C ARG D 57 -30.17 -23.39 2.57
N VAL D 58 -29.06 -23.26 1.84
CA VAL D 58 -27.73 -23.28 2.47
C VAL D 58 -27.63 -22.17 3.51
N ASP D 59 -28.04 -20.96 3.14
CA ASP D 59 -28.06 -19.87 4.10
C ASP D 59 -28.98 -20.17 5.27
N GLU D 60 -30.08 -20.89 5.03
CA GLU D 60 -30.97 -21.28 6.10
C GLU D 60 -30.31 -22.32 7.01
N ILE D 61 -29.64 -23.31 6.42
CA ILE D 61 -28.92 -24.28 7.23
C ILE D 61 -27.73 -23.62 7.92
N GLU D 62 -27.10 -22.65 7.26
CA GLU D 62 -25.91 -22.02 7.84
C GLU D 62 -26.22 -21.29 9.14
N LYS D 63 -27.47 -20.83 9.31
CA LYS D 63 -27.86 -20.21 10.57
C LYS D 63 -27.75 -21.19 11.74
N VAL D 64 -27.98 -22.47 11.49
CA VAL D 64 -27.89 -23.47 12.54
C VAL D 64 -26.46 -24.00 12.68
N THR D 65 -25.82 -24.30 11.56
CA THR D 65 -24.48 -24.90 11.59
C THR D 65 -23.37 -23.89 11.82
N LYS D 66 -23.62 -22.61 11.52
CA LYS D 66 -22.61 -21.55 11.65
C LYS D 66 -21.36 -21.87 10.84
N HIS D 67 -21.52 -22.57 9.72
CA HIS D 67 -20.39 -22.92 8.87
C HIS D 67 -20.92 -23.20 7.47
N ASP D 68 -20.38 -22.50 6.47
CA ASP D 68 -20.90 -22.63 5.11
C ASP D 68 -20.61 -24.02 4.54
N ILE D 69 -19.58 -24.70 5.02
CA ILE D 69 -19.28 -26.02 4.46
C ILE D 69 -20.24 -27.08 4.99
N ILE D 70 -20.73 -26.91 6.22
CA ILE D 70 -21.68 -27.88 6.76
C ILE D 70 -23.06 -27.67 6.15
N ALA D 71 -23.41 -26.42 5.83
CA ALA D 71 -24.69 -26.15 5.21
C ALA D 71 -24.72 -26.58 3.75
N PHE D 72 -23.58 -26.52 3.06
CA PHE D 72 -23.53 -26.91 1.67
C PHE D 72 -23.75 -28.41 1.50
N CYS D 73 -22.93 -29.22 2.18
CA CYS D 73 -23.05 -30.67 2.05
C CYS D 73 -24.40 -31.16 2.55
N THR D 74 -24.93 -30.52 3.58
CA THR D 74 -26.27 -30.88 4.07
C THR D 74 -27.31 -30.64 2.98
N SER D 75 -27.22 -29.49 2.30
CA SER D 75 -28.15 -29.20 1.20
C SER D 75 -28.04 -30.21 0.06
N ILE D 76 -26.89 -30.87 -0.07
CA ILE D 76 -26.73 -31.92 -1.06
C ILE D 76 -27.12 -33.29 -0.47
N ALA D 77 -26.82 -33.51 0.80
CA ALA D 77 -27.09 -34.81 1.41
C ALA D 77 -28.58 -35.08 1.57
N GLU D 78 -29.37 -34.04 1.84
CA GLU D 78 -30.80 -34.22 2.04
C GLU D 78 -31.56 -34.44 0.73
N GLN D 79 -30.87 -34.46 -0.41
CA GLN D 79 -31.50 -34.73 -1.70
C GLN D 79 -31.36 -36.18 -2.13
N PHE D 80 -30.68 -37.01 -1.33
CA PHE D 80 -30.41 -38.39 -1.69
C PHE D 80 -30.59 -39.27 -0.46
N THR D 81 -30.56 -40.58 -0.69
CA THR D 81 -30.68 -41.53 0.39
C THR D 81 -29.38 -41.60 1.19
N ALA D 82 -29.49 -42.20 2.39
CA ALA D 82 -28.31 -42.34 3.25
C ALA D 82 -27.25 -43.22 2.61
N GLU D 83 -27.68 -44.24 1.85
CA GLU D 83 -26.72 -45.09 1.16
C GLU D 83 -26.03 -44.34 0.02
N THR D 84 -26.74 -43.42 -0.63
CA THR D 84 -26.15 -42.64 -1.71
C THR D 84 -25.10 -41.67 -1.16
N GLY D 85 -25.51 -40.78 -0.27
CA GLY D 85 -24.62 -39.77 0.26
C GLY D 85 -23.77 -40.27 1.42
N LYS D 86 -23.47 -41.57 1.43
CA LYS D 86 -22.68 -42.14 2.50
C LYS D 86 -21.26 -41.60 2.48
N PHE D 87 -20.58 -41.68 1.34
CA PHE D 87 -19.21 -41.24 1.21
C PHE D 87 -19.08 -39.86 0.58
N PHE D 88 -20.18 -39.11 0.51
CA PHE D 88 -20.11 -37.73 0.04
C PHE D 88 -19.35 -36.89 1.06
N HIS D 89 -18.32 -36.18 0.60
CA HIS D 89 -17.45 -35.38 1.46
C HIS D 89 -16.78 -36.26 2.51
N PHE D 90 -16.01 -37.23 2.03
CA PHE D 90 -15.39 -38.25 2.87
C PHE D 90 -13.88 -38.14 2.75
N GLY D 91 -13.20 -37.92 3.87
CA GLY D 91 -11.76 -37.84 3.93
C GLY D 91 -11.18 -36.46 3.70
N VAL D 92 -11.89 -35.59 2.98
CA VAL D 92 -11.41 -34.25 2.73
C VAL D 92 -11.76 -33.34 3.90
N THR D 93 -11.01 -32.24 4.02
CA THR D 93 -11.29 -31.24 5.03
C THR D 93 -12.17 -30.14 4.43
N SER D 94 -12.54 -29.17 5.27
CA SER D 94 -13.40 -28.08 4.81
C SER D 94 -12.77 -27.33 3.64
N SER D 95 -11.52 -26.88 3.80
CA SER D 95 -10.87 -26.09 2.77
C SER D 95 -10.30 -26.93 1.63
N ASP D 96 -10.36 -28.26 1.71
CA ASP D 96 -10.04 -29.07 0.54
C ASP D 96 -10.99 -28.78 -0.60
N ILE D 97 -12.29 -28.68 -0.30
CA ILE D 97 -13.26 -28.38 -1.34
C ILE D 97 -13.37 -26.89 -1.60
N ILE D 98 -13.17 -26.07 -0.56
CA ILE D 98 -13.31 -24.61 -0.71
C ILE D 98 -12.25 -24.08 -1.67
N ASP D 99 -10.97 -24.36 -1.38
CA ASP D 99 -9.90 -23.77 -2.18
C ASP D 99 -9.81 -24.42 -3.55
N SER D 100 -10.02 -25.73 -3.64
CA SER D 100 -10.01 -26.38 -4.95
C SER D 100 -11.10 -25.81 -5.84
N ALA D 101 -12.29 -25.57 -5.28
CA ALA D 101 -13.34 -24.89 -6.03
C ALA D 101 -13.03 -23.41 -6.22
N LEU D 102 -12.33 -22.80 -5.25
CA LEU D 102 -11.89 -21.43 -5.42
C LEU D 102 -10.99 -21.28 -6.64
N SER D 103 -10.06 -22.22 -6.82
CA SER D 103 -9.22 -22.22 -8.01
C SER D 103 -10.01 -22.48 -9.27
N LEU D 104 -11.20 -23.06 -9.17
CA LEU D 104 -12.05 -23.21 -10.34
C LEU D 104 -12.67 -21.87 -10.75
N GLN D 105 -13.11 -21.07 -9.77
CA GLN D 105 -13.64 -19.75 -10.08
C GLN D 105 -12.55 -18.84 -10.62
N ILE D 106 -11.29 -19.11 -10.28
CA ILE D 106 -10.19 -18.29 -10.76
C ILE D 106 -9.79 -18.70 -12.18
N ARG D 107 -9.81 -20.00 -12.47
CA ARG D 107 -9.47 -20.47 -13.82
C ARG D 107 -10.42 -19.90 -14.85
N ASP D 108 -11.72 -20.01 -14.60
CA ASP D 108 -12.72 -19.59 -15.58
C ASP D 108 -12.75 -18.08 -15.72
N SER D 109 -12.46 -17.34 -14.64
CA SER D 109 -12.38 -15.89 -14.74
C SER D 109 -11.20 -15.45 -15.58
N MET D 110 -10.09 -16.18 -15.52
CA MET D 110 -8.91 -15.81 -16.31
C MET D 110 -9.18 -15.87 -17.80
N SER D 111 -10.12 -16.72 -18.24
CA SER D 111 -10.44 -16.80 -19.65
C SER D 111 -11.03 -15.48 -20.16
N TYR D 112 -11.86 -14.83 -19.34
CA TYR D 112 -12.40 -13.54 -19.73
C TYR D 112 -11.33 -12.46 -19.70
N VAL D 113 -10.40 -12.54 -18.76
CA VAL D 113 -9.32 -11.56 -18.68
C VAL D 113 -8.38 -11.70 -19.87
N ILE D 114 -7.92 -12.93 -20.13
CA ILE D 114 -6.94 -13.16 -21.20
C ILE D 114 -7.55 -12.84 -22.55
N LYS D 115 -8.83 -13.17 -22.75
CA LYS D 115 -9.47 -12.93 -24.04
C LYS D 115 -9.55 -11.44 -24.34
N ASP D 116 -10.08 -10.65 -23.39
CA ASP D 116 -10.23 -9.22 -23.63
C ASP D 116 -8.89 -8.50 -23.61
N LEU D 117 -7.89 -9.05 -22.92
CA LEU D 117 -6.55 -8.48 -22.98
C LEU D 117 -5.98 -8.61 -24.39
N GLU D 118 -6.06 -9.81 -24.97
CA GLU D 118 -5.56 -10.00 -26.32
C GLU D 118 -6.36 -9.18 -27.32
N ALA D 119 -7.68 -9.06 -27.10
CA ALA D 119 -8.49 -8.20 -27.95
C ALA D 119 -8.06 -6.75 -27.81
N LEU D 120 -7.62 -6.34 -26.63
CA LEU D 120 -7.10 -4.99 -26.45
C LEU D 120 -5.76 -4.82 -27.14
N CYS D 121 -4.89 -5.83 -27.06
CA CYS D 121 -3.60 -5.76 -27.73
C CYS D 121 -3.77 -5.59 -29.23
N ASP D 122 -4.73 -6.30 -29.83
CA ASP D 122 -4.96 -6.17 -31.26
C ASP D 122 -5.49 -4.78 -31.61
N SER D 123 -6.37 -4.23 -30.78
CA SER D 123 -6.89 -2.89 -31.03
C SER D 123 -5.79 -1.83 -30.92
N LEU D 124 -4.81 -2.06 -30.04
CA LEU D 124 -3.69 -1.13 -29.93
C LEU D 124 -2.78 -1.24 -31.15
N LEU D 125 -2.45 -2.46 -31.55
CA LEU D 125 -1.65 -2.64 -32.75
C LEU D 125 -2.36 -2.09 -33.98
N THR D 126 -3.68 -2.29 -34.07
CA THR D 126 -4.44 -1.72 -35.18
C THR D 126 -4.31 -0.21 -35.22
N LYS D 127 -4.46 0.44 -34.07
CA LYS D 127 -4.39 1.90 -34.02
C LYS D 127 -2.97 2.41 -34.24
N ALA D 128 -1.97 1.58 -33.97
CA ALA D 128 -0.60 2.01 -34.20
C ALA D 128 -0.27 2.10 -35.68
N GLU D 129 -0.71 1.10 -36.46
CA GLU D 129 -0.38 1.08 -37.89
C GLU D 129 -1.12 2.16 -38.66
N GLU D 130 -2.29 2.58 -38.17
CA GLU D 130 -2.99 3.71 -38.79
C GLU D 130 -2.22 5.00 -38.59
N THR D 131 -1.67 5.20 -37.39
CA THR D 131 -0.97 6.43 -37.04
C THR D 131 0.55 6.28 -37.12
N LYS D 132 1.04 5.20 -37.72
CA LYS D 132 2.48 5.00 -37.82
C LYS D 132 3.14 6.09 -38.66
N GLU D 133 2.51 6.47 -39.76
CA GLU D 133 3.06 7.47 -40.67
C GLU D 133 2.68 8.90 -40.30
N ILE D 134 1.97 9.09 -39.19
CA ILE D 134 1.70 10.42 -38.66
C ILE D 134 2.88 10.82 -37.79
N ILE D 135 3.46 11.98 -38.06
CA ILE D 135 4.62 12.47 -37.32
C ILE D 135 4.15 13.42 -36.23
N THR D 136 4.68 13.24 -35.03
CA THR D 136 4.33 14.08 -33.89
C THR D 136 5.61 14.48 -33.15
N MET D 137 5.50 15.52 -32.33
CA MET D 137 6.62 15.99 -31.53
C MET D 137 6.63 15.22 -30.22
N GLY D 138 7.68 14.42 -30.02
CA GLY D 138 7.86 13.77 -28.74
C GLY D 138 8.03 14.77 -27.62
N ARG D 139 7.54 14.42 -26.44
CA ARG D 139 7.57 15.31 -25.29
C ARG D 139 8.37 14.63 -24.17
N SER D 140 9.52 15.20 -23.85
CA SER D 140 10.31 14.81 -22.70
C SER D 140 10.11 15.85 -21.60
N HIS D 141 9.71 15.38 -20.41
CA HIS D 141 9.36 16.25 -19.28
C HIS D 141 8.23 17.20 -19.63
N GLY D 142 7.39 16.81 -20.60
CA GLY D 142 6.39 17.70 -21.12
C GLY D 142 6.89 18.73 -22.10
N MET D 143 8.19 18.78 -22.35
CA MET D 143 8.77 19.71 -23.31
C MET D 143 8.93 19.05 -24.67
N PHE D 144 8.74 19.85 -25.72
CA PHE D 144 9.06 19.39 -27.06
C PHE D 144 10.50 18.89 -27.12
N ALA D 145 10.68 17.71 -27.71
CA ALA D 145 12.01 17.13 -27.83
C ALA D 145 12.39 16.99 -29.30
N GLU D 146 11.98 15.88 -29.92
CA GLU D 146 12.26 15.63 -31.32
C GLU D 146 11.03 14.98 -31.97
N PRO D 147 10.89 15.14 -33.28
CA PRO D 147 9.76 14.47 -33.97
C PRO D 147 9.90 12.96 -33.91
N MET D 148 8.74 12.30 -33.88
CA MET D 148 8.68 10.84 -33.77
C MET D 148 7.48 10.35 -34.53
N SER D 149 7.25 9.04 -34.47
CA SER D 149 6.07 8.42 -35.05
C SER D 149 4.95 8.42 -34.02
N PHE D 150 3.81 9.01 -34.39
CA PHE D 150 2.68 9.05 -33.46
C PHE D 150 2.14 7.65 -33.19
N GLY D 151 2.35 6.72 -34.12
CA GLY D 151 1.96 5.34 -33.89
C GLY D 151 2.78 4.64 -32.82
N GLN D 152 3.98 5.13 -32.55
CA GLN D 152 4.82 4.52 -31.52
C GLN D 152 4.24 4.74 -30.12
N LYS D 153 3.44 5.78 -29.93
CA LYS D 153 2.71 5.93 -28.67
C LYS D 153 1.76 4.77 -28.45
N PHE D 154 1.09 4.30 -29.52
CA PHE D 154 0.25 3.13 -29.43
C PHE D 154 1.05 1.83 -29.46
N LEU D 155 2.18 1.83 -30.18
CA LEU D 155 3.02 0.64 -30.20
C LEU D 155 3.72 0.44 -28.87
N GLY D 156 3.90 1.51 -28.09
CA GLY D 156 4.50 1.36 -26.77
C GLY D 156 3.57 0.67 -25.79
N ALA D 157 2.27 1.01 -25.84
CA ALA D 157 1.30 0.34 -24.99
C ALA D 157 1.05 -1.09 -25.47
N TYR D 158 1.14 -1.33 -26.78
CA TYR D 158 0.92 -2.66 -27.32
C TYR D 158 1.94 -3.65 -26.76
N VAL D 159 3.23 -3.33 -26.85
CA VAL D 159 4.25 -4.24 -26.38
C VAL D 159 4.21 -4.40 -24.87
N GLU D 160 3.67 -3.44 -24.13
CA GLU D 160 3.57 -3.59 -22.68
C GLU D 160 2.47 -4.58 -22.32
N PHE D 161 1.26 -4.38 -22.84
CA PHE D 161 0.19 -5.35 -22.63
C PHE D 161 0.56 -6.70 -23.19
N LYS D 162 1.39 -6.70 -24.23
CA LYS D 162 1.78 -7.96 -24.83
C LYS D 162 2.69 -8.74 -23.90
N ARG D 163 3.55 -8.03 -23.16
CA ARG D 163 4.33 -8.69 -22.11
C ARG D 163 3.43 -9.18 -20.98
N ARG D 164 2.32 -8.48 -20.73
CA ARG D 164 1.38 -8.94 -19.72
C ARG D 164 0.61 -10.17 -20.18
N LEU D 165 0.35 -10.27 -21.49
CA LEU D 165 -0.34 -11.45 -22.00
C LEU D 165 0.48 -12.71 -21.78
N LYS D 166 1.80 -12.61 -21.89
CA LYS D 166 2.66 -13.76 -21.59
C LYS D 166 2.66 -14.08 -20.10
N ASP D 167 2.49 -13.06 -19.25
CA ASP D 167 2.44 -13.32 -17.81
C ASP D 167 1.23 -14.15 -17.43
N LEU D 168 0.06 -13.81 -17.97
CA LEU D 168 -1.15 -14.56 -17.64
C LEU D 168 -1.11 -15.96 -18.23
N LYS D 169 -0.72 -16.09 -19.50
CA LYS D 169 -0.70 -17.39 -20.14
C LYS D 169 0.35 -18.31 -19.53
N ASP D 170 1.41 -17.75 -18.95
CA ASP D 170 2.36 -18.58 -18.20
C ASP D 170 1.72 -19.09 -16.92
N PHE D 171 0.95 -18.24 -16.23
CA PHE D 171 0.29 -18.66 -15.00
C PHE D 171 -0.78 -19.69 -15.29
N GLN D 172 -1.48 -19.56 -16.41
CA GLN D 172 -2.56 -20.49 -16.76
C GLN D 172 -2.04 -21.91 -16.91
N LYS D 173 -0.78 -22.08 -17.31
CA LYS D 173 -0.18 -23.39 -17.48
C LYS D 173 0.45 -23.93 -16.20
N ASP D 174 0.48 -23.16 -15.11
CA ASP D 174 1.28 -23.54 -13.96
C ASP D 174 0.60 -23.24 -12.63
N GLY D 175 0.29 -21.96 -12.39
CA GLY D 175 -0.01 -21.48 -11.05
C GLY D 175 -1.21 -22.12 -10.38
N LEU D 176 -2.15 -22.66 -11.15
CA LEU D 176 -3.42 -23.13 -10.61
C LEU D 176 -3.32 -24.60 -10.19
N THR D 177 -3.62 -24.87 -8.92
CA THR D 177 -3.60 -26.22 -8.39
C THR D 177 -4.82 -26.44 -7.50
N VAL D 178 -5.03 -27.70 -7.11
CA VAL D 178 -6.10 -28.09 -6.21
C VAL D 178 -5.49 -28.97 -5.12
N GLN D 179 -6.26 -29.18 -4.05
CA GLN D 179 -5.80 -29.97 -2.92
C GLN D 179 -6.87 -30.98 -2.52
N PHE D 180 -6.46 -32.24 -2.36
CA PHE D 180 -7.27 -33.28 -1.74
C PHE D 180 -6.48 -33.97 -0.63
N SER D 181 -5.58 -33.23 0.02
CA SER D 181 -4.62 -33.85 0.91
C SER D 181 -5.21 -34.25 2.25
N GLY D 182 -6.37 -33.74 2.60
CA GLY D 182 -7.04 -34.09 3.83
C GLY D 182 -7.06 -32.95 4.82
N ALA D 183 -7.13 -33.34 6.10
CA ALA D 183 -7.27 -32.40 7.21
C ALA D 183 -6.19 -31.32 7.19
N VAL D 184 -4.98 -31.68 7.63
CA VAL D 184 -3.87 -30.71 7.63
C VAL D 184 -2.84 -31.16 6.60
N GLY D 185 -3.30 -31.75 5.50
CA GLY D 185 -2.39 -32.21 4.47
C GLY D 185 -1.59 -33.44 4.85
N ASN D 186 -2.06 -34.21 5.83
CA ASN D 186 -1.35 -35.38 6.33
C ASN D 186 -1.89 -36.69 5.78
N TYR D 187 -2.96 -36.66 4.99
CA TYR D 187 -3.54 -37.84 4.37
C TYR D 187 -3.89 -38.90 5.40
N CYS D 188 -4.62 -38.49 6.44
CA CYS D 188 -5.03 -39.41 7.48
C CYS D 188 -5.95 -40.50 6.93
N ILE D 189 -6.84 -40.13 6.01
CA ILE D 189 -7.81 -41.06 5.43
C ILE D 189 -7.49 -41.33 3.96
N LEU D 190 -7.42 -40.27 3.15
CA LEU D 190 -7.21 -40.42 1.73
C LEU D 190 -5.75 -40.73 1.43
N THR D 191 -5.45 -40.91 0.15
CA THR D 191 -4.09 -41.17 -0.31
C THR D 191 -3.75 -40.19 -1.42
N THR D 192 -2.45 -40.04 -1.69
CA THR D 192 -2.03 -39.23 -2.82
C THR D 192 -2.50 -39.82 -4.14
N GLU D 193 -2.82 -41.11 -4.18
CA GLU D 193 -3.41 -41.70 -5.37
C GLU D 193 -4.83 -41.20 -5.59
N ASP D 194 -5.60 -41.05 -4.51
CA ASP D 194 -6.95 -40.49 -4.62
C ASP D 194 -6.89 -39.04 -5.06
N GLU D 195 -5.98 -38.25 -4.47
CA GLU D 195 -5.81 -36.87 -4.88
C GLU D 195 -5.41 -36.77 -6.35
N LYS D 196 -4.54 -37.69 -6.79
CA LYS D 196 -4.12 -37.71 -8.19
C LYS D 196 -5.30 -37.92 -9.13
N LYS D 197 -6.08 -38.98 -8.88
CA LYS D 197 -7.20 -39.30 -9.75
C LYS D 197 -8.26 -38.20 -9.73
N ALA D 198 -8.54 -37.64 -8.55
CA ALA D 198 -9.52 -36.58 -8.45
C ALA D 198 -9.05 -35.32 -9.17
N ALA D 199 -7.77 -34.95 -8.99
CA ALA D 199 -7.25 -33.78 -9.68
C ALA D 199 -7.17 -33.98 -11.18
N ASP D 200 -6.92 -35.22 -11.63
CA ASP D 200 -6.93 -35.50 -13.06
C ASP D 200 -8.31 -35.24 -13.67
N ILE D 201 -9.36 -35.50 -12.90
CA ILE D 201 -10.72 -35.23 -13.41
C ILE D 201 -10.96 -33.73 -13.53
N LEU D 202 -10.52 -32.96 -12.54
CA LEU D 202 -10.73 -31.52 -12.54
C LEU D 202 -9.95 -30.83 -13.65
N GLY D 203 -8.73 -31.31 -13.90
CA GLY D 203 -7.89 -30.74 -14.93
C GLY D 203 -6.83 -29.77 -14.45
N LEU D 204 -6.60 -29.69 -13.15
CA LEU D 204 -5.56 -28.83 -12.60
C LEU D 204 -4.54 -29.68 -11.85
N PRO D 205 -3.26 -29.29 -11.87
CA PRO D 205 -2.22 -30.08 -11.18
C PRO D 205 -2.39 -30.11 -9.66
N VAL D 206 -1.53 -30.86 -9.00
CA VAL D 206 -1.63 -31.11 -7.56
C VAL D 206 -0.66 -30.21 -6.82
N GLU D 207 -1.13 -29.62 -5.72
CA GLU D 207 -0.26 -28.83 -4.86
C GLU D 207 0.85 -29.73 -4.29
N GLU D 208 2.10 -29.30 -4.46
CA GLU D 208 3.23 -30.10 -4.00
C GLU D 208 3.17 -30.31 -2.50
N VAL D 209 3.17 -29.23 -1.73
CA VAL D 209 2.99 -29.28 -0.28
C VAL D 209 1.79 -28.40 0.05
N SER D 210 0.71 -29.03 0.50
CA SER D 210 -0.51 -28.32 0.86
C SER D 210 -0.82 -28.58 2.32
N THR D 211 -1.12 -27.51 3.06
CA THR D 211 -1.60 -27.65 4.43
C THR D 211 -3.10 -27.88 4.40
N GLN D 212 -3.82 -27.44 5.43
CA GLN D 212 -5.27 -27.51 5.39
C GLN D 212 -5.83 -26.69 4.23
N VAL D 213 -5.17 -25.61 3.87
CA VAL D 213 -5.59 -24.77 2.74
C VAL D 213 -4.57 -24.87 1.62
N ILE D 214 -4.80 -24.11 0.56
CA ILE D 214 -3.83 -23.93 -0.52
C ILE D 214 -2.97 -22.73 -0.16
N PRO D 215 -1.64 -22.80 -0.32
CA PRO D 215 -0.80 -21.64 -0.01
C PRO D 215 -1.22 -20.41 -0.80
N ARG D 216 -1.35 -19.29 -0.10
CA ARG D 216 -1.96 -18.09 -0.66
C ARG D 216 -1.03 -17.30 -1.56
N ASP D 217 0.24 -17.68 -1.68
CA ASP D 217 1.14 -16.94 -2.57
C ASP D 217 0.81 -17.18 -4.04
N ARG D 218 0.09 -18.25 -4.36
CA ARG D 218 -0.28 -18.51 -5.74
C ARG D 218 -1.31 -17.51 -6.23
N ILE D 219 -2.34 -17.24 -5.43
CA ILE D 219 -3.28 -16.17 -5.76
C ILE D 219 -2.58 -14.83 -5.75
N ALA D 220 -1.67 -14.64 -4.80
CA ALA D 220 -0.94 -13.37 -4.70
C ALA D 220 -0.17 -13.06 -5.97
N LYS D 221 0.45 -14.09 -6.56
CA LYS D 221 1.20 -13.88 -7.80
C LYS D 221 0.29 -13.38 -8.91
N LEU D 222 -0.91 -13.94 -9.03
CA LEU D 222 -1.81 -13.52 -10.10
C LEU D 222 -2.29 -12.09 -9.89
N ILE D 223 -2.65 -11.74 -8.65
CA ILE D 223 -3.11 -10.39 -8.37
C ILE D 223 -2.00 -9.37 -8.56
N SER D 224 -0.76 -9.77 -8.28
CA SER D 224 0.37 -8.87 -8.56
C SER D 224 0.55 -8.65 -10.06
N ILE D 225 0.16 -9.63 -10.88
CA ILE D 225 0.21 -9.45 -12.33
C ILE D 225 -0.82 -8.41 -12.77
N HIS D 226 -2.04 -8.49 -12.22
CA HIS D 226 -3.07 -7.52 -12.55
C HIS D 226 -2.67 -6.11 -12.14
N GLY D 227 -1.81 -5.99 -11.13
CA GLY D 227 -1.27 -4.67 -10.80
C GLY D 227 -0.39 -4.13 -11.90
N LEU D 228 0.39 -4.99 -12.55
CA LEU D 228 1.19 -4.56 -13.68
C LEU D 228 0.32 -4.13 -14.85
N ILE D 229 -0.75 -4.88 -15.12
CA ILE D 229 -1.66 -4.51 -16.20
C ILE D 229 -2.36 -3.21 -15.88
N ALA D 230 -2.66 -2.95 -14.61
CA ALA D 230 -3.33 -1.70 -14.24
C ALA D 230 -2.44 -0.50 -14.51
N SER D 231 -1.14 -0.62 -14.20
CA SER D 231 -0.20 0.46 -14.51
C SER D 231 -0.03 0.63 -16.02
N ALA D 232 -0.19 -0.45 -16.79
CA ALA D 232 -0.22 -0.31 -18.25
C ALA D 232 -1.50 0.39 -18.70
N ILE D 233 -2.63 0.05 -18.06
CA ILE D 233 -3.88 0.72 -18.38
C ILE D 233 -3.79 2.20 -18.02
N GLU D 234 -3.27 2.50 -16.83
CA GLU D 234 -3.17 3.87 -16.37
C GLU D 234 -2.21 4.69 -17.23
N ARG D 235 -1.07 4.09 -17.60
CA ARG D 235 -0.12 4.78 -18.46
C ARG D 235 -0.73 5.07 -19.82
N LEU D 236 -1.53 4.14 -20.34
CA LEU D 236 -2.18 4.37 -21.64
C LEU D 236 -3.28 5.42 -21.51
N ALA D 237 -4.03 5.39 -20.41
CA ALA D 237 -5.06 6.41 -20.20
C ALA D 237 -4.44 7.79 -20.00
N VAL D 238 -3.36 7.87 -19.22
CA VAL D 238 -2.68 9.15 -19.02
C VAL D 238 -2.15 9.67 -20.35
N GLU D 239 -1.64 8.79 -21.20
CA GLU D 239 -1.23 9.18 -22.54
C GLU D 239 -2.40 9.80 -23.30
N ILE D 240 -3.57 9.16 -23.24
CA ILE D 240 -4.74 9.66 -23.94
C ILE D 240 -5.25 10.94 -23.30
N ARG D 241 -5.26 10.99 -21.96
CA ARG D 241 -5.73 12.19 -21.27
C ARG D 241 -4.84 13.39 -21.59
N HIS D 242 -3.53 13.17 -21.70
CA HIS D 242 -2.62 14.26 -22.06
C HIS D 242 -2.94 14.80 -23.46
N LEU D 243 -3.04 13.91 -24.44
CA LEU D 243 -3.29 14.42 -25.78
C LEU D 243 -4.74 14.82 -26.01
N HIS D 244 -5.62 14.62 -25.03
CA HIS D 244 -7.01 15.02 -25.16
C HIS D 244 -7.26 16.47 -24.74
N ARG D 245 -6.42 17.02 -23.88
CA ARG D 245 -6.69 18.33 -23.31
C ARG D 245 -6.65 19.42 -24.40
N SER D 246 -7.25 20.56 -24.07
CA SER D 246 -7.41 21.63 -25.06
C SER D 246 -6.06 22.16 -25.53
N ASP D 247 -5.09 22.27 -24.64
CA ASP D 247 -3.77 22.74 -25.02
C ASP D 247 -3.09 21.82 -26.01
N VAL D 248 -3.46 20.55 -26.04
CA VAL D 248 -2.92 19.59 -27.00
C VAL D 248 -3.93 19.39 -28.12
N PHE D 249 -5.14 18.93 -27.77
CA PHE D 249 -6.29 18.92 -28.69
C PHE D 249 -6.01 18.08 -29.93
N GLU D 250 -5.32 16.95 -29.76
CA GLU D 250 -5.01 16.10 -30.90
C GLU D 250 -5.82 14.81 -30.95
N VAL D 251 -6.48 14.43 -29.85
CA VAL D 251 -7.38 13.28 -29.84
C VAL D 251 -8.60 13.63 -29.00
N TYR D 252 -9.70 12.95 -29.28
CA TYR D 252 -10.88 13.04 -28.42
C TYR D 252 -11.70 11.77 -28.57
N GLU D 253 -12.49 11.49 -27.54
CA GLU D 253 -13.28 10.27 -27.48
C GLU D 253 -14.60 10.46 -28.21
N GLY D 254 -15.14 9.35 -28.72
CA GLY D 254 -16.42 9.39 -29.40
C GLY D 254 -17.57 9.70 -28.46
N PHE D 255 -18.64 10.25 -29.02
CA PHE D 255 -19.78 10.73 -28.26
C PHE D 255 -20.99 9.81 -28.36
N SER D 256 -20.78 8.55 -28.75
CA SER D 256 -21.84 7.54 -28.83
C SER D 256 -22.89 8.04 -29.82
N LYS D 257 -24.17 7.97 -29.50
CA LYS D 257 -25.21 8.51 -30.37
C LYS D 257 -25.57 9.94 -30.01
N GLY D 258 -25.48 10.31 -28.74
CA GLY D 258 -25.79 11.65 -28.30
C GLY D 258 -26.02 11.75 -26.80
N PRO D 266 -24.35 21.41 -25.70
CA PRO D 266 -24.58 20.11 -25.05
C PRO D 266 -23.58 19.05 -25.49
N HIS D 267 -22.94 19.28 -26.63
CA HIS D 267 -21.97 18.34 -27.20
C HIS D 267 -20.56 18.89 -26.94
N LYS D 268 -19.89 18.31 -25.94
CA LYS D 268 -18.54 18.72 -25.57
C LYS D 268 -17.62 17.50 -25.59
N LYS D 269 -16.36 17.74 -25.92
CA LYS D 269 -15.36 16.67 -25.90
C LYS D 269 -14.67 16.65 -24.55
N ASN D 270 -14.63 15.48 -23.93
CA ASN D 270 -14.05 15.29 -22.61
C ASN D 270 -13.49 13.88 -22.54
N PRO D 271 -12.35 13.68 -21.89
CA PRO D 271 -11.75 12.35 -21.75
C PRO D 271 -12.32 11.56 -20.57
N ILE D 272 -13.66 11.53 -20.47
CA ILE D 272 -14.31 10.90 -19.34
C ILE D 272 -14.10 9.39 -19.32
N SER D 273 -13.79 8.78 -20.46
CA SER D 273 -13.59 7.34 -20.50
C SER D 273 -12.26 6.94 -19.87
N THR D 274 -11.16 7.55 -20.33
CA THR D 274 -9.84 7.20 -19.80
C THR D 274 -9.64 7.67 -18.38
N GLU D 275 -10.37 8.70 -17.94
CA GLU D 275 -10.34 9.07 -16.53
C GLU D 275 -10.98 7.97 -15.68
N ASN D 276 -12.09 7.41 -16.14
CA ASN D 276 -12.68 6.26 -15.45
C ASN D 276 -11.70 5.10 -15.39
N LEU D 277 -11.01 4.83 -16.50
CA LEU D 277 -10.01 3.76 -16.51
C LEU D 277 -8.82 4.05 -15.62
N THR D 278 -8.61 5.31 -15.23
CA THR D 278 -7.58 5.62 -14.25
C THR D 278 -8.00 5.18 -12.85
N GLY D 279 -9.23 5.49 -12.47
CA GLY D 279 -9.75 5.00 -11.20
C GLY D 279 -9.85 3.49 -11.16
N MET D 280 -10.15 2.87 -12.29
CA MET D 280 -10.18 1.41 -12.36
C MET D 280 -8.81 0.83 -12.00
N ALA D 281 -7.74 1.39 -12.56
CA ALA D 281 -6.40 0.91 -12.26
C ALA D 281 -6.05 1.14 -10.80
N ARG D 282 -6.58 2.20 -10.19
CA ARG D 282 -6.32 2.44 -8.77
C ARG D 282 -6.93 1.34 -7.91
N MET D 283 -8.05 0.75 -8.35
CA MET D 283 -8.63 -0.34 -7.58
C MET D 283 -7.78 -1.60 -7.69
N LEU D 284 -7.41 -2.00 -8.90
CA LEU D 284 -6.63 -3.22 -9.09
C LEU D 284 -5.25 -3.11 -8.46
N ARG D 285 -4.69 -1.90 -8.40
CA ARG D 285 -3.41 -1.72 -7.73
C ARG D 285 -3.53 -1.97 -6.22
N SER D 286 -4.68 -1.62 -5.63
CA SER D 286 -4.87 -1.80 -4.20
C SER D 286 -4.98 -3.26 -3.81
N HIS D 287 -5.39 -4.13 -4.73
CA HIS D 287 -5.57 -5.54 -4.39
C HIS D 287 -4.25 -6.27 -4.17
N VAL D 288 -3.13 -5.69 -4.60
CA VAL D 288 -1.86 -6.39 -4.55
C VAL D 288 -1.44 -6.66 -3.11
N SER D 289 -1.40 -5.61 -2.28
N SER D 289 -1.40 -5.61 -2.28
CA SER D 289 -1.01 -5.79 -0.89
CA SER D 289 -1.01 -5.79 -0.89
C SER D 289 -2.01 -6.68 -0.15
C SER D 289 -2.01 -6.68 -0.15
N ILE D 290 -3.29 -6.63 -0.52
CA ILE D 290 -4.28 -7.53 0.07
C ILE D 290 -3.88 -8.98 -0.18
N ALA D 291 -3.49 -9.29 -1.41
CA ALA D 291 -3.05 -10.64 -1.74
C ALA D 291 -1.80 -11.02 -0.95
N LEU D 292 -0.89 -10.05 -0.75
CA LEU D 292 0.33 -10.34 0.01
C LEU D 292 0.03 -10.60 1.47
N GLU D 293 -0.86 -9.81 2.07
CA GLU D 293 -1.18 -10.00 3.49
C GLU D 293 -1.93 -11.31 3.72
N ASN D 294 -2.74 -11.75 2.75
CA ASN D 294 -3.43 -13.03 2.87
C ASN D 294 -2.50 -14.22 2.85
N CYS D 295 -1.22 -14.02 2.53
CA CYS D 295 -0.25 -15.11 2.54
C CYS D 295 0.24 -15.44 3.93
N VAL D 296 0.06 -14.56 4.90
CA VAL D 296 0.62 -14.74 6.25
C VAL D 296 -0.44 -15.50 7.06
N LEU D 297 -0.38 -16.83 6.98
CA LEU D 297 -1.29 -17.70 7.71
C LEU D 297 -0.54 -18.42 8.83
N TRP D 298 -1.26 -18.76 9.89
CA TRP D 298 -0.67 -19.40 11.05
C TRP D 298 -0.70 -20.92 10.89
N HIS D 299 0.48 -21.54 10.95
CA HIS D 299 0.64 -22.99 10.92
C HIS D 299 -0.04 -23.53 9.67
N GLU D 300 -1.05 -24.38 9.79
CA GLU D 300 -1.58 -24.93 8.54
C GLU D 300 -2.65 -24.02 7.95
N ARG D 301 -3.37 -23.22 8.75
CA ARG D 301 -4.24 -22.19 8.20
C ARG D 301 -4.82 -21.34 9.31
N ASP D 302 -5.15 -20.10 8.96
CA ASP D 302 -6.19 -19.33 9.63
C ASP D 302 -7.06 -18.72 8.54
N ILE D 303 -8.33 -18.48 8.86
CA ILE D 303 -9.32 -18.21 7.83
C ILE D 303 -9.49 -16.71 7.60
N SER D 304 -8.49 -15.92 7.99
CA SER D 304 -8.56 -14.48 7.78
C SER D 304 -8.55 -14.10 6.29
N HIS D 305 -8.06 -14.98 5.43
CA HIS D 305 -8.02 -14.69 4.00
C HIS D 305 -9.36 -14.83 3.32
N SER D 306 -10.29 -15.59 3.90
CA SER D 306 -11.55 -15.91 3.22
C SER D 306 -12.38 -14.65 2.97
N SER D 307 -12.66 -13.90 4.04
CA SER D 307 -13.51 -12.72 3.91
C SER D 307 -12.92 -11.72 2.94
N ALA D 308 -11.60 -11.52 3.00
CA ALA D 308 -10.94 -10.62 2.06
C ALA D 308 -11.05 -11.13 0.63
N GLU D 309 -10.95 -12.44 0.44
CA GLU D 309 -11.11 -13.02 -0.90
C GLU D 309 -12.54 -12.87 -1.41
N ARG D 310 -13.52 -12.92 -0.51
CA ARG D 310 -14.90 -12.74 -0.92
C ARG D 310 -15.13 -11.34 -1.50
N PHE D 311 -14.31 -10.38 -1.11
CA PHE D 311 -14.45 -9.00 -1.57
C PHE D 311 -13.63 -8.75 -2.84
N TYR D 312 -12.31 -8.84 -2.74
CA TYR D 312 -11.44 -8.34 -3.80
C TYR D 312 -11.30 -9.29 -4.98
N LEU D 313 -11.52 -10.60 -4.78
CA LEU D 313 -11.41 -11.52 -5.91
C LEU D 313 -12.52 -11.31 -6.92
N PRO D 314 -13.80 -11.17 -6.54
CA PRO D 314 -14.81 -10.85 -7.55
C PRO D 314 -14.62 -9.48 -8.18
N ASP D 315 -14.14 -8.50 -7.40
CA ASP D 315 -13.90 -7.17 -7.98
C ASP D 315 -12.67 -7.16 -8.87
N ASN D 316 -11.68 -8.01 -8.59
CA ASN D 316 -10.46 -8.02 -9.37
C ASN D 316 -10.75 -8.38 -10.82
N PHE D 317 -11.37 -9.54 -11.04
CA PHE D 317 -11.72 -9.94 -12.40
C PHE D 317 -12.81 -9.05 -12.99
N GLY D 318 -13.76 -8.60 -12.16
CA GLY D 318 -14.82 -7.77 -12.68
C GLY D 318 -14.33 -6.43 -13.20
N ILE D 319 -13.50 -5.75 -12.40
CA ILE D 319 -12.93 -4.48 -12.82
C ILE D 319 -11.99 -4.68 -14.00
N MET D 320 -11.21 -5.76 -13.98
CA MET D 320 -10.24 -6.00 -15.04
C MET D 320 -10.94 -6.21 -16.38
N VAL D 321 -11.94 -7.09 -16.42
CA VAL D 321 -12.66 -7.35 -17.68
C VAL D 321 -13.37 -6.10 -18.16
N TYR D 322 -14.01 -5.36 -17.23
CA TYR D 322 -14.64 -4.11 -17.62
C TYR D 322 -13.63 -3.09 -18.10
N ALA D 323 -12.42 -3.10 -17.52
CA ALA D 323 -11.38 -2.18 -17.97
C ALA D 323 -10.77 -2.61 -19.30
N LEU D 324 -10.47 -3.91 -19.44
CA LEU D 324 -9.91 -4.38 -20.70
C LEU D 324 -10.88 -4.20 -21.86
N ARG D 325 -12.18 -4.26 -21.58
CA ARG D 325 -13.17 -4.06 -22.65
C ARG D 325 -13.41 -2.58 -22.92
N ARG D 326 -13.48 -1.75 -21.87
CA ARG D 326 -13.70 -0.33 -22.08
C ARG D 326 -12.49 0.32 -22.74
N MET D 327 -11.28 -0.11 -22.38
CA MET D 327 -10.09 0.42 -23.02
C MET D 327 -10.05 0.09 -24.50
N LYS D 328 -10.43 -1.14 -24.86
CA LYS D 328 -10.43 -1.54 -26.25
C LYS D 328 -11.39 -0.70 -27.08
N ASN D 329 -12.63 -0.53 -26.58
N ASN D 329 -12.63 -0.56 -26.59
CA ASN D 329 -13.61 0.23 -27.34
CA ASN D 329 -13.62 0.23 -27.30
C ASN D 329 -13.29 1.72 -27.34
C ASN D 329 -13.23 1.70 -27.38
N THR D 330 -12.60 2.22 -26.32
CA THR D 330 -12.19 3.62 -26.32
C THR D 330 -11.11 3.87 -27.37
N ILE D 331 -10.17 2.93 -27.53
CA ILE D 331 -9.17 3.04 -28.59
C ILE D 331 -9.85 2.99 -29.96
N ASP D 332 -10.84 2.12 -30.11
CA ASP D 332 -11.52 1.98 -31.41
C ASP D 332 -12.30 3.24 -31.76
N ASN D 333 -12.98 3.85 -30.79
CA ASN D 333 -13.76 5.06 -31.01
C ASN D 333 -12.92 6.32 -30.88
N LEU D 334 -11.62 6.20 -30.65
CA LEU D 334 -10.78 7.37 -30.48
C LEU D 334 -10.59 8.09 -31.80
N VAL D 335 -10.77 9.42 -31.78
CA VAL D 335 -10.64 10.25 -32.97
C VAL D 335 -9.27 10.92 -32.94
N VAL D 336 -8.42 10.58 -33.91
CA VAL D 336 -7.08 11.13 -34.02
C VAL D 336 -7.12 12.27 -35.03
N GLN D 337 -6.71 13.45 -34.60
CA GLN D 337 -6.74 14.64 -35.45
C GLN D 337 -5.34 14.85 -36.04
N ARG D 338 -5.16 14.38 -37.28
CA ARG D 338 -3.84 14.36 -37.89
C ARG D 338 -3.31 15.76 -38.14
N ASP D 339 -4.16 16.67 -38.63
CA ASP D 339 -3.68 18.01 -38.98
C ASP D 339 -3.16 18.75 -37.75
N ILE D 340 -3.81 18.55 -36.60
CA ILE D 340 -3.31 19.21 -35.38
C ILE D 340 -2.03 18.55 -34.91
N ILE D 341 -1.85 17.26 -35.20
CA ILE D 341 -0.64 16.56 -34.77
C ILE D 341 0.57 17.01 -35.58
N GLU D 342 0.44 17.01 -36.91
CA GLU D 342 1.58 17.29 -37.77
C GLU D 342 1.86 18.77 -37.93
N ASP D 343 0.87 19.64 -37.68
CA ASP D 343 1.14 21.08 -37.70
C ASP D 343 2.01 21.49 -36.53
N ARG D 344 1.89 20.80 -35.39
CA ARG D 344 2.78 21.09 -34.26
C ARG D 344 4.23 20.79 -34.60
N VAL D 345 4.47 19.83 -35.51
CA VAL D 345 5.84 19.56 -35.94
C VAL D 345 6.34 20.65 -36.87
N ARG D 346 5.46 21.24 -37.68
CA ARG D 346 5.89 22.30 -38.59
C ARG D 346 6.24 23.57 -37.83
N SER D 347 5.42 23.95 -36.85
CA SER D 347 5.62 25.21 -36.16
C SER D 347 6.86 25.20 -35.26
N THR D 348 7.39 24.03 -34.91
CA THR D 348 8.58 23.93 -34.08
C THR D 348 9.78 23.56 -34.93
N SER D 349 10.91 24.22 -34.65
CA SER D 349 12.16 23.97 -35.36
C SER D 349 13.34 23.87 -34.42
N ALA D 350 13.10 23.91 -33.10
CA ALA D 350 14.20 23.90 -32.14
C ALA D 350 15.01 22.61 -32.21
N TYR D 351 14.37 21.49 -32.54
CA TYR D 351 15.10 20.22 -32.63
C TYR D 351 16.11 20.21 -33.77
N LEU D 352 15.96 21.11 -34.75
CA LEU D 352 16.90 21.15 -35.86
C LEU D 352 18.26 21.68 -35.45
N SER D 353 18.35 22.42 -34.34
CA SER D 353 19.63 22.90 -33.86
C SER D 353 20.55 21.74 -33.48
N SER D 354 19.98 20.67 -32.92
CA SER D 354 20.77 19.50 -32.57
C SER D 354 21.02 18.59 -33.77
N PHE D 355 20.13 18.63 -34.76
CA PHE D 355 20.32 17.79 -35.95
C PHE D 355 21.54 18.24 -36.75
N TYR D 356 21.58 19.52 -37.12
CA TYR D 356 22.75 20.04 -37.83
C TYR D 356 24.02 19.92 -36.99
N LEU D 357 23.88 19.99 -35.66
CA LEU D 357 25.04 19.83 -34.78
C LEU D 357 25.64 18.44 -34.92
N HIS D 358 24.81 17.39 -34.82
CA HIS D 358 25.30 16.04 -35.00
C HIS D 358 25.73 15.75 -36.44
N PHE D 359 25.20 16.51 -37.41
CA PHE D 359 25.60 16.30 -38.80
C PHE D 359 26.99 16.87 -39.07
N LEU D 360 27.28 18.07 -38.56
CA LEU D 360 28.59 18.66 -38.78
C LEU D 360 29.66 17.97 -37.94
N VAL D 361 29.29 17.41 -36.78
CA VAL D 361 30.26 16.66 -36.00
C VAL D 361 30.61 15.35 -36.69
N ALA D 362 29.61 14.69 -37.28
CA ALA D 362 29.84 13.38 -37.90
C ALA D 362 30.62 13.49 -39.21
N ASN D 363 30.29 14.48 -40.05
CA ASN D 363 30.82 14.55 -41.39
C ASN D 363 31.98 15.53 -41.55
N THR D 364 32.29 16.32 -40.52
CA THR D 364 33.44 17.20 -40.56
C THR D 364 34.37 16.90 -39.39
N PRO D 365 35.69 17.08 -39.57
CA PRO D 365 36.62 16.85 -38.46
C PRO D 365 36.69 18.04 -37.51
N PHE D 366 35.54 18.61 -37.15
CA PHE D 366 35.47 19.73 -36.23
C PHE D 366 34.88 19.28 -34.90
N MET D 367 35.26 19.97 -33.84
CA MET D 367 34.79 19.64 -32.51
C MET D 367 33.37 20.17 -32.29
N ARG D 368 32.79 19.81 -31.15
CA ARG D 368 31.41 20.16 -30.86
C ARG D 368 31.22 21.67 -30.80
N GLU D 369 32.02 22.35 -29.96
CA GLU D 369 31.89 23.79 -29.81
C GLU D 369 32.07 24.51 -31.14
N ASP D 370 33.01 24.02 -31.97
CA ASP D 370 33.17 24.59 -33.30
C ASP D 370 31.94 24.34 -34.16
N CYS D 371 31.38 23.13 -34.08
CA CYS D 371 30.17 22.82 -34.83
C CYS D 371 28.95 23.53 -34.24
N TYR D 372 28.96 23.79 -32.93
CA TYR D 372 27.82 24.46 -32.30
C TYR D 372 27.77 25.93 -32.68
N LYS D 373 28.92 26.60 -32.73
CA LYS D 373 28.94 28.02 -33.05
C LYS D 373 28.53 28.28 -34.49
N ILE D 374 28.75 27.31 -35.38
CA ILE D 374 28.42 27.50 -36.79
C ILE D 374 26.91 27.44 -37.00
N VAL D 375 26.25 26.46 -36.38
CA VAL D 375 24.82 26.29 -36.57
C VAL D 375 24.05 27.42 -35.90
N GLN D 376 24.44 27.80 -34.69
CA GLN D 376 23.73 28.86 -33.98
C GLN D 376 23.84 30.19 -34.71
N GLN D 377 24.99 30.45 -35.33
CA GLN D 377 25.15 31.66 -36.13
C GLN D 377 24.22 31.67 -37.33
N VAL D 378 23.70 30.51 -37.73
CA VAL D 378 22.76 30.43 -38.83
C VAL D 378 21.34 30.30 -38.29
N GLU D 386 12.46 30.27 -46.00
CA GLU D 386 13.85 30.05 -46.38
C GLU D 386 14.27 28.61 -46.12
N SER D 387 15.54 28.31 -46.44
CA SER D 387 16.12 26.99 -46.22
C SER D 387 17.31 27.14 -45.29
N PHE D 388 17.15 26.68 -44.04
CA PHE D 388 18.28 26.66 -43.13
C PHE D 388 19.38 25.73 -43.62
N SER D 389 19.05 24.78 -44.50
CA SER D 389 20.03 23.85 -45.02
C SER D 389 20.83 24.44 -46.17
N LYS D 390 20.19 25.28 -47.00
CA LYS D 390 20.85 25.78 -48.20
C LYS D 390 22.05 26.66 -47.85
N LYS D 391 21.85 27.65 -46.99
CA LYS D 391 22.93 28.59 -46.69
C LYS D 391 24.00 27.97 -45.80
N LEU D 392 23.59 27.11 -44.84
CA LEU D 392 24.57 26.46 -43.99
C LEU D 392 25.50 25.56 -44.80
N GLN D 393 25.00 24.96 -45.88
CA GLN D 393 25.88 24.22 -46.78
C GLN D 393 26.85 25.12 -47.50
N LYS D 394 26.43 26.35 -47.81
CA LYS D 394 27.31 27.28 -48.52
C LYS D 394 28.43 27.79 -47.62
N VAL D 395 28.19 27.88 -46.31
CA VAL D 395 29.22 28.38 -45.40
C VAL D 395 30.36 27.39 -45.30
N MET D 396 30.06 26.09 -45.34
CA MET D 396 31.12 25.08 -45.31
C MET D 396 32.00 25.18 -46.55
N HIS D 397 31.40 25.39 -47.72
CA HIS D 397 32.17 25.45 -48.96
C HIS D 397 32.88 26.79 -49.12
N ASP D 398 32.19 27.88 -48.84
CA ASP D 398 32.77 29.20 -49.05
C ASP D 398 33.71 29.61 -47.91
N GLU D 399 33.22 29.54 -46.67
CA GLU D 399 34.01 30.04 -45.55
C GLU D 399 34.98 29.00 -45.02
N HIS D 400 34.56 27.74 -44.94
CA HIS D 400 35.39 26.69 -44.36
C HIS D 400 36.07 25.81 -45.40
N ASN D 401 35.76 26.00 -46.68
CA ASN D 401 36.35 25.22 -47.77
C ASN D 401 36.13 23.72 -47.54
N ILE D 402 34.91 23.37 -47.19
CA ILE D 402 34.50 21.99 -46.96
C ILE D 402 33.30 21.70 -47.84
N ILE D 403 33.39 20.63 -48.64
CA ILE D 403 32.35 20.28 -49.60
C ILE D 403 31.55 19.10 -49.05
N LEU D 404 30.25 19.29 -48.88
CA LEU D 404 29.36 18.24 -48.43
C LEU D 404 27.93 18.65 -48.74
N ASP D 405 27.05 17.66 -48.78
CA ASP D 405 25.65 17.85 -49.11
C ASP D 405 24.80 17.53 -47.88
N ILE D 406 24.25 18.56 -47.26
CA ILE D 406 23.31 18.38 -46.15
C ILE D 406 21.96 17.97 -46.73
N PRO D 407 21.11 17.29 -45.96
CA PRO D 407 19.74 17.06 -46.42
C PRO D 407 18.85 18.28 -46.14
N GLU D 408 17.86 18.46 -47.01
CA GLU D 408 16.89 19.53 -46.82
C GLU D 408 15.94 19.16 -45.69
N MET D 409 15.88 20.01 -44.66
CA MET D 409 15.05 19.72 -43.49
C MET D 409 13.67 20.33 -43.57
N ASP D 410 13.06 20.29 -44.75
CA ASP D 410 11.65 20.68 -44.90
C ASP D 410 10.78 19.56 -44.34
N PHE D 411 9.46 19.69 -44.50
CA PHE D 411 8.54 18.73 -43.90
C PHE D 411 8.80 17.30 -44.39
N GLU D 412 9.22 17.15 -45.64
CA GLU D 412 9.54 15.81 -46.15
C GLU D 412 10.86 15.30 -45.60
N GLY D 413 11.82 16.19 -45.37
CA GLY D 413 13.09 15.78 -44.79
C GLY D 413 13.00 15.47 -43.31
N ILE D 414 12.07 16.13 -42.60
CA ILE D 414 11.88 15.84 -41.18
C ILE D 414 11.30 14.44 -41.01
N LYS D 415 10.22 14.13 -41.74
CA LYS D 415 9.60 12.82 -41.62
C LYS D 415 10.55 11.70 -42.06
N LYS D 416 11.31 11.94 -43.14
CA LYS D 416 12.23 10.92 -43.61
C LYS D 416 13.40 10.71 -42.65
N THR D 417 13.72 11.70 -41.83
CA THR D 417 14.86 11.57 -40.92
C THR D 417 14.46 10.86 -39.64
N TYR D 418 13.36 11.28 -39.01
CA TYR D 418 12.99 10.76 -37.70
C TYR D 418 12.18 9.48 -37.76
N LEU D 419 11.44 9.25 -38.85
CA LEU D 419 10.64 8.05 -39.00
C LEU D 419 11.29 7.02 -39.92
N LYS D 420 12.59 7.16 -40.19
CA LYS D 420 13.27 6.23 -41.09
C LYS D 420 13.40 4.84 -40.48
N GLU D 421 13.27 4.71 -39.16
CA GLU D 421 13.44 3.44 -38.48
C GLU D 421 12.14 2.87 -37.94
N ILE D 422 11.00 3.52 -38.20
CA ILE D 422 9.75 3.10 -37.58
C ILE D 422 9.31 1.74 -38.12
N ASP D 423 9.73 1.39 -39.33
CA ASP D 423 9.40 0.06 -39.86
C ASP D 423 10.08 -1.02 -39.04
N HIS D 424 11.35 -0.81 -38.69
CA HIS D 424 12.08 -1.82 -37.90
C HIS D 424 11.53 -1.94 -36.48
N VAL D 425 11.02 -0.84 -35.92
CA VAL D 425 10.48 -0.90 -34.57
C VAL D 425 9.20 -1.72 -34.51
N PHE D 426 8.40 -1.69 -35.59
CA PHE D 426 7.13 -2.40 -35.57
C PHE D 426 7.32 -3.91 -35.68
N ASP D 427 8.22 -4.36 -36.55
CA ASP D 427 8.42 -5.79 -36.73
C ASP D 427 9.15 -6.41 -35.55
N ARG D 428 10.07 -5.69 -34.93
CA ARG D 428 10.68 -6.19 -33.71
C ARG D 428 9.67 -6.22 -32.55
N SER D 429 8.54 -5.55 -32.71
CA SER D 429 7.46 -5.64 -31.72
C SER D 429 6.59 -6.85 -31.97
N VAL D 430 6.35 -7.20 -33.23
CA VAL D 430 5.54 -8.35 -33.63
C VAL D 430 6.45 -9.56 -33.77
N LYS D 431 6.32 -10.52 -32.85
CA LYS D 431 7.13 -11.73 -32.85
C LYS D 431 6.78 -12.62 -34.05
#